data_6WIF
#
_entry.id   6WIF
#
_cell.length_a   93.244
_cell.length_b   80.925
_cell.length_c   104.377
_cell.angle_alpha   90.000
_cell.angle_beta   113.340
_cell.angle_gamma   90.000
#
_symmetry.space_group_name_H-M   'P 1 21 1'
#
loop_
_entity.id
_entity.type
_entity.pdbx_description
1 polymer Beta-lactamase
2 non-polymer '{4-[ethyl(methyl)carbamoyl]phenyl}boronic acid'
3 non-polymer 'CHLORIDE ION'
4 non-polymer 1,2-ETHANEDIOL
5 non-polymer '4-(2-HYDROXYETHYL)-1-PIPERAZINE ETHANESULFONIC ACID'
6 water water
#
_entity_poly.entity_id   1
_entity_poly.type   'polypeptide(L)'
_entity_poly.pdbx_seq_one_letter_code
;GNTPKDQEIKKLVDQNFKPLLEKYDVPGMAVGVIQNNKKYEMYYGLQSVQDKKAVNSSTIFELGSVSKLFTATAGGYAKN
KGKISFDDTPGKYWKVLKNTPIDQVNLLQLATYTSGNLALQFPDEVQTDQQVLTFFKDWKPKNPIGEYRQYSNPSIGLFG
KVVALSMNKPFDQVLEKTIFPALGLKHSYVNVPKTQMQNYAFGYNQENQPIRVNPGPLDAPAYGVKSTLPDMLSFIHANL
NPQKYPADIQRAINETHQGFYQVNTMYQALGWEEFSYPATLQTLLDSNSEQIVMKPNKVTAISKEPSVKMYHKTGSTNGF
GTYVVFIPKENIGLVMLTNKRIPNEERIKAAYAVLNAIKK
;
_entity_poly.pdbx_strand_id   A,B,C,D
#
# COMPACT_ATOMS: atom_id res chain seq x y z
N LYS A 5 27.64 26.27 -10.13
CA LYS A 5 28.69 25.33 -9.71
C LYS A 5 28.24 23.89 -9.92
N ASP A 6 26.92 23.68 -10.00
CA ASP A 6 26.42 22.33 -10.28
C ASP A 6 26.63 21.92 -11.73
N GLN A 7 26.90 22.88 -12.62
CA GLN A 7 27.16 22.56 -14.02
C GLN A 7 28.60 22.15 -14.26
N GLU A 8 29.51 22.43 -13.33
CA GLU A 8 30.92 22.07 -13.51
C GLU A 8 31.15 20.58 -13.41
N ILE A 9 30.17 19.81 -12.93
CA ILE A 9 30.29 18.35 -12.93
C ILE A 9 30.51 17.84 -14.34
N LYS A 10 29.68 18.31 -15.28
CA LYS A 10 29.83 17.92 -16.68
C LYS A 10 31.14 18.46 -17.25
N LYS A 11 31.56 19.64 -16.82
CA LYS A 11 32.75 20.26 -17.39
C LYS A 11 34.03 19.61 -16.86
N LEU A 12 34.02 19.20 -15.58
CA LEU A 12 35.21 18.59 -14.99
C LEU A 12 35.51 17.21 -15.57
N VAL A 13 34.47 16.47 -15.97
CA VAL A 13 34.70 15.14 -16.53
C VAL A 13 35.23 15.25 -17.96
N ASP A 14 34.72 16.22 -18.73
CA ASP A 14 35.22 16.44 -20.08
C ASP A 14 36.69 16.83 -20.10
N GLN A 15 37.20 17.41 -19.01
CA GLN A 15 38.60 17.82 -18.99
C GLN A 15 39.52 16.66 -18.63
N ASN A 16 39.07 15.73 -17.80
CA ASN A 16 39.91 14.68 -17.24
C ASN A 16 39.66 13.30 -17.84
N PHE A 17 38.40 12.96 -18.13
CA PHE A 17 38.07 11.66 -18.69
C PHE A 17 37.94 11.67 -20.20
N LYS A 18 37.33 12.72 -20.77
CA LYS A 18 37.12 12.75 -22.21
C LYS A 18 38.42 12.64 -23.02
N PRO A 19 39.53 13.29 -22.65
CA PRO A 19 40.75 13.13 -23.46
C PRO A 19 41.29 11.70 -23.48
N LEU A 20 40.85 10.83 -22.58
CA LEU A 20 41.34 9.46 -22.56
C LEU A 20 40.79 8.64 -23.72
N LEU A 21 39.62 9.02 -24.25
CA LEU A 21 39.06 8.27 -25.37
C LEU A 21 39.95 8.35 -26.60
N GLU A 22 40.45 9.55 -26.91
CA GLU A 22 41.34 9.69 -28.05
C GLU A 22 42.75 9.19 -27.73
N LYS A 23 43.20 9.34 -26.49
CA LYS A 23 44.57 8.95 -26.13
C LYS A 23 44.77 7.45 -26.28
N TYR A 24 43.77 6.64 -25.93
CA TYR A 24 43.88 5.19 -26.01
C TYR A 24 42.93 4.56 -27.01
N ASP A 25 42.31 5.36 -27.89
CA ASP A 25 41.41 4.86 -28.93
C ASP A 25 40.28 4.03 -28.32
N VAL A 26 39.56 4.63 -27.37
CA VAL A 26 38.48 3.95 -26.65
C VAL A 26 37.17 4.29 -27.36
N PRO A 27 36.42 3.30 -27.85
CA PRO A 27 35.18 3.62 -28.57
C PRO A 27 34.11 4.26 -27.70
N GLY A 28 33.96 3.80 -26.47
CA GLY A 28 32.88 4.29 -25.62
C GLY A 28 33.32 4.38 -24.17
N MET A 29 32.68 5.29 -23.45
CA MET A 29 32.96 5.51 -22.05
C MET A 29 31.72 6.07 -21.38
N ALA A 30 31.47 5.64 -20.14
CA ALA A 30 30.37 6.16 -19.34
C ALA A 30 30.92 6.54 -17.97
N VAL A 31 30.81 7.82 -17.62
CA VAL A 31 31.29 8.35 -16.35
C VAL A 31 30.10 8.88 -15.57
N GLY A 32 29.96 8.43 -14.33
CA GLY A 32 28.89 8.88 -13.45
C GLY A 32 29.45 9.46 -12.17
N VAL A 33 28.78 10.48 -11.66
CA VAL A 33 29.17 11.15 -10.43
C VAL A 33 27.94 11.35 -9.56
N ILE A 34 28.06 11.05 -8.28
CA ILE A 34 26.99 11.30 -7.31
C ILE A 34 27.53 12.25 -6.25
N GLN A 35 26.74 13.27 -5.92
CA GLN A 35 27.11 14.25 -4.90
C GLN A 35 25.85 14.74 -4.22
N ASN A 36 25.79 14.57 -2.90
CA ASN A 36 24.63 14.95 -2.11
C ASN A 36 23.37 14.29 -2.65
N ASN A 37 23.48 12.99 -2.93
CA ASN A 37 22.37 12.16 -3.41
C ASN A 37 21.80 12.66 -4.73
N LYS A 38 22.61 13.38 -5.51
CA LYS A 38 22.24 13.81 -6.84
C LYS A 38 23.17 13.14 -7.84
N LYS A 39 22.60 12.47 -8.84
CA LYS A 39 23.36 11.68 -9.80
C LYS A 39 23.58 12.46 -11.08
N TYR A 40 24.79 12.35 -11.63
CA TYR A 40 25.16 12.94 -12.91
C TYR A 40 25.69 11.85 -13.83
N GLU A 41 25.18 11.81 -15.06
CA GLU A 41 25.50 10.75 -16.01
C GLU A 41 26.05 11.36 -17.28
N MET A 42 27.30 11.02 -17.62
N MET A 42 27.28 11.00 -17.64
CA MET A 42 27.95 11.46 -18.84
CA MET A 42 27.94 11.48 -18.85
C MET A 42 28.28 10.24 -19.69
C MET A 42 28.36 10.29 -19.70
N TYR A 43 27.92 10.30 -20.97
CA TYR A 43 28.14 9.21 -21.89
C TYR A 43 28.93 9.69 -23.10
N TYR A 44 29.91 8.89 -23.53
CA TYR A 44 30.78 9.26 -24.63
C TYR A 44 30.92 8.11 -25.62
N GLY A 45 31.00 8.45 -26.91
CA GLY A 45 31.36 7.50 -27.93
C GLY A 45 30.31 6.42 -28.15
N LEU A 46 30.77 5.27 -28.61
CA LEU A 46 29.91 4.19 -29.09
C LEU A 46 30.10 2.93 -28.26
N GLN A 47 28.98 2.26 -27.97
CA GLN A 47 29.04 0.93 -27.37
C GLN A 47 29.33 -0.14 -28.41
N SER A 48 29.12 0.16 -29.68
CA SER A 48 29.40 -0.76 -30.78
C SER A 48 29.88 0.05 -31.96
N VAL A 49 31.14 -0.15 -32.35
CA VAL A 49 31.68 0.60 -33.49
C VAL A 49 30.96 0.20 -34.78
N GLN A 50 30.82 -1.11 -35.01
CA GLN A 50 30.25 -1.57 -36.28
C GLN A 50 28.77 -1.20 -36.40
N ASP A 51 28.07 -1.07 -35.27
CA ASP A 51 26.66 -0.73 -35.28
C ASP A 51 26.40 0.76 -35.09
N LYS A 52 27.43 1.53 -34.77
CA LYS A 52 27.30 2.97 -34.53
C LYS A 52 26.22 3.27 -33.50
N LYS A 53 26.12 2.40 -32.49
CA LYS A 53 25.24 2.62 -31.35
C LYS A 53 26.01 3.35 -30.27
N ALA A 54 25.51 4.50 -29.85
CA ALA A 54 26.19 5.31 -28.86
C ALA A 54 25.95 4.78 -27.45
N VAL A 55 26.91 5.05 -26.57
CA VAL A 55 26.77 4.68 -25.17
C VAL A 55 25.66 5.52 -24.54
N ASN A 56 24.73 4.87 -23.86
CA ASN A 56 23.62 5.57 -23.21
C ASN A 56 23.37 4.92 -21.85
N SER A 57 22.28 5.33 -21.21
CA SER A 57 21.96 4.85 -19.86
C SER A 57 21.62 3.37 -19.81
N SER A 58 21.38 2.75 -20.97
CA SER A 58 21.06 1.33 -21.04
C SER A 58 22.23 0.47 -21.45
N THR A 59 23.37 1.07 -21.78
CA THR A 59 24.53 0.30 -22.23
C THR A 59 25.08 -0.56 -21.09
N ILE A 60 25.26 -1.85 -21.37
CA ILE A 60 25.73 -2.81 -20.38
C ILE A 60 27.22 -3.02 -20.60
N PHE A 61 28.01 -2.82 -19.53
CA PHE A 61 29.45 -2.99 -19.54
C PHE A 61 29.84 -4.18 -18.66
N GLU A 62 30.95 -4.81 -19.02
CA GLU A 62 31.52 -5.86 -18.18
C GLU A 62 32.32 -5.22 -17.04
N LEU A 63 31.93 -5.52 -15.79
CA LEU A 63 32.56 -4.89 -14.64
C LEU A 63 33.92 -5.49 -14.29
N GLY A 64 34.21 -6.70 -14.77
CA GLY A 64 35.49 -7.30 -14.44
C GLY A 64 35.63 -7.52 -12.95
N SER A 65 36.82 -7.21 -12.42
CA SER A 65 37.09 -7.45 -11.01
C SER A 65 36.26 -6.59 -10.08
N VAL A 66 35.55 -5.57 -10.59
CA VAL A 66 34.60 -4.84 -9.75
C VAL A 66 33.43 -5.75 -9.35
N SER A 67 33.22 -6.85 -10.07
CA SER A 67 32.25 -7.85 -9.64
C SER A 67 32.54 -8.35 -8.22
N LYS A 68 33.81 -8.32 -7.81
CA LYS A 68 34.16 -8.81 -6.48
C LYS A 68 33.46 -8.02 -5.38
N LEU A 69 33.10 -6.76 -5.66
CA LEU A 69 32.36 -5.99 -4.67
C LEU A 69 30.99 -6.59 -4.42
N PHE A 70 30.33 -7.09 -5.46
CA PHE A 70 29.02 -7.72 -5.26
C PHE A 70 29.15 -9.08 -4.58
N THR A 71 30.25 -9.80 -4.84
CA THR A 71 30.52 -11.03 -4.11
C THR A 71 30.73 -10.75 -2.63
N ALA A 72 31.48 -9.70 -2.32
CA ALA A 72 31.67 -9.31 -0.91
C ALA A 72 30.35 -8.91 -0.27
N THR A 73 29.53 -8.14 -0.98
CA THR A 73 28.21 -7.78 -0.47
C THR A 73 27.37 -9.03 -0.22
N ALA A 74 27.49 -10.03 -1.10
CA ALA A 74 26.75 -11.28 -0.91
C ALA A 74 27.22 -12.00 0.35
N GLY A 75 28.53 -12.02 0.59
CA GLY A 75 29.04 -12.62 1.82
C GLY A 75 28.56 -11.90 3.07
N GLY A 76 28.58 -10.56 3.02
CA GLY A 76 28.05 -9.80 4.15
C GLY A 76 26.57 -10.04 4.38
N TYR A 77 25.82 -10.32 3.32
CA TYR A 77 24.40 -10.60 3.45
C TYR A 77 24.17 -11.95 4.12
N ALA A 78 24.98 -12.96 3.77
CA ALA A 78 24.84 -14.27 4.39
C ALA A 78 25.32 -14.26 5.85
N LYS A 79 26.36 -13.47 6.15
CA LYS A 79 26.84 -13.42 7.53
C LYS A 79 25.81 -12.79 8.46
N ASN A 80 25.22 -11.67 8.04
CA ASN A 80 24.21 -11.03 8.86
C ASN A 80 22.96 -11.90 9.02
N LYS A 81 22.61 -12.67 7.99
CA LYS A 81 21.46 -13.55 8.03
C LYS A 81 21.72 -14.84 8.80
N GLY A 82 22.95 -15.05 9.28
CA GLY A 82 23.29 -16.26 10.01
C GLY A 82 23.62 -17.47 9.18
N LYS A 83 23.77 -17.30 7.86
CA LYS A 83 24.05 -18.44 6.99
C LYS A 83 25.52 -18.85 7.00
N ILE A 84 26.42 -17.92 7.30
CA ILE A 84 27.85 -18.20 7.36
C ILE A 84 28.46 -17.45 8.54
N SER A 85 29.70 -17.81 8.85
CA SER A 85 30.55 -17.06 9.76
C SER A 85 31.91 -16.89 9.11
N PHE A 86 32.52 -15.71 9.30
CA PHE A 86 33.82 -15.46 8.70
C PHE A 86 34.90 -16.37 9.27
N ASP A 87 34.64 -17.04 10.40
CA ASP A 87 35.58 -18.01 10.93
C ASP A 87 35.34 -19.43 10.39
N ASP A 88 34.21 -19.65 9.70
CA ASP A 88 33.94 -20.95 9.12
C ASP A 88 34.96 -21.28 8.03
N THR A 89 34.97 -22.54 7.62
CA THR A 89 35.89 -23.02 6.59
C THR A 89 35.09 -23.63 5.43
N PRO A 90 35.65 -23.65 4.22
CA PRO A 90 34.84 -24.08 3.06
C PRO A 90 34.34 -25.50 3.14
N GLY A 91 35.01 -26.38 3.89
CA GLY A 91 34.55 -27.75 4.02
C GLY A 91 33.23 -27.91 4.73
N LYS A 92 32.82 -26.90 5.52
CA LYS A 92 31.53 -26.96 6.20
C LYS A 92 30.38 -26.87 5.21
N TYR A 93 30.60 -26.22 4.07
CA TYR A 93 29.56 -26.01 3.06
C TYR A 93 29.79 -26.81 1.79
N TRP A 94 31.01 -26.85 1.28
CA TRP A 94 31.39 -27.76 0.21
C TRP A 94 31.94 -29.02 0.87
N LYS A 95 31.09 -30.04 1.00
CA LYS A 95 31.40 -31.17 1.88
C LYS A 95 32.63 -31.94 1.43
N VAL A 96 32.88 -32.01 0.12
CA VAL A 96 34.02 -32.75 -0.39
C VAL A 96 35.36 -32.12 -0.02
N LEU A 97 35.35 -30.90 0.51
CA LEU A 97 36.58 -30.23 0.94
C LEU A 97 36.87 -30.42 2.42
N LYS A 98 36.02 -31.11 3.15
CA LYS A 98 36.23 -31.29 4.58
C LYS A 98 37.47 -32.12 4.84
N ASN A 99 38.28 -31.68 5.80
CA ASN A 99 39.56 -32.27 6.21
C ASN A 99 40.66 -32.11 5.16
N THR A 100 40.37 -31.51 4.01
CA THR A 100 41.40 -31.23 3.03
C THR A 100 42.28 -30.06 3.50
N PRO A 101 43.48 -29.91 2.94
CA PRO A 101 44.32 -28.77 3.35
C PRO A 101 43.67 -27.41 3.18
N ILE A 102 42.84 -27.22 2.15
CA ILE A 102 42.16 -25.95 1.95
C ILE A 102 41.15 -25.67 3.07
N ASP A 103 40.73 -26.71 3.80
CA ASP A 103 39.79 -26.55 4.90
C ASP A 103 40.41 -25.89 6.12
N GLN A 104 41.68 -25.53 6.07
CA GLN A 104 42.34 -24.79 7.13
C GLN A 104 42.29 -23.28 6.93
N VAL A 105 41.75 -22.81 5.81
CA VAL A 105 41.65 -21.40 5.50
C VAL A 105 40.21 -20.98 5.76
N ASN A 106 40.01 -19.97 6.62
CA ASN A 106 38.65 -19.56 6.88
C ASN A 106 38.13 -18.69 5.74
N LEU A 107 36.81 -18.45 5.77
CA LEU A 107 36.15 -17.75 4.67
C LEU A 107 36.63 -16.30 4.56
N LEU A 108 36.94 -15.66 5.68
CA LEU A 108 37.46 -14.29 5.61
C LEU A 108 38.81 -14.26 4.92
N GLN A 109 39.65 -15.29 5.13
CA GLN A 109 40.95 -15.33 4.48
C GLN A 109 40.84 -15.61 2.99
N LEU A 110 39.84 -16.40 2.57
CA LEU A 110 39.60 -16.58 1.14
C LEU A 110 39.12 -15.29 0.50
N ALA A 111 38.23 -14.56 1.17
CA ALA A 111 37.69 -13.33 0.61
C ALA A 111 38.73 -12.21 0.53
N THR A 112 39.78 -12.27 1.35
CA THR A 112 40.81 -11.24 1.38
C THR A 112 42.17 -11.74 0.91
N TYR A 113 42.19 -12.86 0.18
CA TYR A 113 43.36 -13.31 -0.58
C TYR A 113 44.57 -13.63 0.30
N THR A 114 44.32 -14.19 1.49
CA THR A 114 45.42 -14.55 2.41
C THR A 114 45.50 -16.05 2.66
N SER A 115 45.13 -16.87 1.67
CA SER A 115 45.25 -18.32 1.85
C SER A 115 46.70 -18.77 1.87
N GLY A 116 47.60 -18.02 1.24
CA GLY A 116 49.01 -18.32 1.24
C GLY A 116 49.49 -19.07 0.02
N ASN A 117 48.59 -19.57 -0.82
CA ASN A 117 48.99 -20.27 -2.03
C ASN A 117 47.90 -20.26 -3.08
N LEU A 118 47.50 -19.07 -3.52
CA LEU A 118 46.53 -18.93 -4.61
C LEU A 118 46.95 -17.74 -5.47
N ALA A 119 47.18 -17.99 -6.74
CA ALA A 119 47.66 -16.99 -7.68
C ALA A 119 46.48 -16.17 -8.22
N LEU A 120 46.81 -15.23 -9.12
CA LEU A 120 45.79 -14.33 -9.66
C LEU A 120 44.68 -15.09 -10.38
N GLN A 121 45.04 -16.09 -11.17
CA GLN A 121 44.09 -16.86 -11.95
C GLN A 121 44.27 -18.35 -11.67
N PHE A 122 43.23 -19.12 -12.01
CA PHE A 122 43.38 -20.57 -12.06
C PHE A 122 44.42 -20.93 -13.12
N PRO A 123 45.04 -22.10 -13.00
CA PRO A 123 45.86 -22.60 -14.10
C PRO A 123 45.02 -22.80 -15.36
N ASP A 124 45.70 -22.79 -16.51
CA ASP A 124 45.00 -22.94 -17.78
C ASP A 124 44.32 -24.31 -17.90
N GLU A 125 44.77 -25.31 -17.14
CA GLU A 125 44.15 -26.63 -17.23
C GLU A 125 42.81 -26.66 -16.52
N VAL A 126 42.58 -25.81 -15.53
CA VAL A 126 41.35 -25.81 -14.75
C VAL A 126 40.27 -25.10 -15.56
N GLN A 127 39.27 -25.86 -16.03
CA GLN A 127 38.21 -25.30 -16.85
C GLN A 127 36.84 -25.80 -16.40
N THR A 128 36.66 -27.12 -16.36
CA THR A 128 35.37 -27.71 -16.03
C THR A 128 35.12 -27.67 -14.52
N ASP A 129 33.88 -27.97 -14.14
CA ASP A 129 33.51 -27.98 -12.72
C ASP A 129 34.30 -29.06 -11.97
N GLN A 130 34.49 -30.23 -12.59
CA GLN A 130 35.25 -31.29 -11.95
C GLN A 130 36.71 -30.89 -11.74
N GLN A 131 37.29 -30.18 -12.72
CA GLN A 131 38.67 -29.75 -12.59
C GLN A 131 38.82 -28.66 -11.53
N VAL A 132 37.77 -27.86 -11.31
CA VAL A 132 37.80 -26.90 -10.20
C VAL A 132 37.82 -27.65 -8.87
N LEU A 133 37.01 -28.69 -8.74
CA LEU A 133 37.01 -29.49 -7.51
C LEU A 133 38.36 -30.17 -7.31
N THR A 134 38.92 -30.75 -8.38
CA THR A 134 40.23 -31.39 -8.27
C THR A 134 41.31 -30.38 -7.88
N PHE A 135 41.13 -29.11 -8.25
CA PHE A 135 42.11 -28.10 -7.89
C PHE A 135 42.14 -27.86 -6.38
N PHE A 136 40.97 -27.62 -5.78
CA PHE A 136 40.93 -27.35 -4.35
C PHE A 136 41.12 -28.61 -3.51
N LYS A 137 40.89 -29.79 -4.07
CA LYS A 137 41.19 -31.02 -3.35
C LYS A 137 42.70 -31.23 -3.23
N ASP A 138 43.44 -31.04 -4.32
CA ASP A 138 44.88 -31.22 -4.34
C ASP A 138 45.64 -29.99 -3.87
N TRP A 139 44.93 -28.98 -3.37
CA TRP A 139 45.58 -27.73 -2.96
C TRP A 139 46.43 -27.97 -1.73
N LYS A 140 47.70 -27.60 -1.82
CA LYS A 140 48.65 -27.70 -0.71
C LYS A 140 49.05 -26.30 -0.24
N PRO A 141 49.29 -26.13 1.05
CA PRO A 141 49.71 -24.81 1.56
C PRO A 141 51.11 -24.47 1.12
N LYS A 142 51.43 -23.18 1.23
CA LYS A 142 52.77 -22.67 0.93
C LYS A 142 53.19 -21.65 1.98
N ASN A 143 52.77 -20.40 1.82
CA ASN A 143 52.99 -19.41 2.85
C ASN A 143 52.08 -19.68 4.04
N PRO A 144 52.45 -19.22 5.24
CA PRO A 144 51.58 -19.39 6.40
C PRO A 144 50.21 -18.74 6.16
N ILE A 145 49.16 -19.49 6.47
CA ILE A 145 47.80 -19.04 6.16
C ILE A 145 47.49 -17.75 6.92
N GLY A 146 46.95 -16.77 6.19
CA GLY A 146 46.53 -15.52 6.80
C GLY A 146 47.58 -14.43 6.84
N GLU A 147 48.82 -14.70 6.43
CA GLU A 147 49.90 -13.73 6.59
C GLU A 147 50.30 -13.02 5.30
N TYR A 148 49.94 -13.56 4.14
CA TYR A 148 50.37 -13.00 2.85
C TYR A 148 49.15 -12.75 1.98
N ARG A 149 49.01 -11.51 1.52
CA ARG A 149 47.97 -11.16 0.55
C ARG A 149 48.50 -11.36 -0.85
N GLN A 150 47.79 -12.13 -1.66
CA GLN A 150 48.08 -12.25 -3.08
C GLN A 150 46.75 -12.19 -3.83
N TYR A 151 46.54 -11.10 -4.56
CA TYR A 151 45.30 -10.85 -5.26
C TYR A 151 44.95 -12.04 -6.16
N SER A 152 43.79 -12.66 -5.88
CA SER A 152 43.49 -13.98 -6.44
C SER A 152 42.02 -14.12 -6.79
N ASN A 153 41.75 -14.54 -8.02
CA ASN A 153 40.40 -14.90 -8.44
C ASN A 153 39.95 -16.24 -7.85
N PRO A 154 40.77 -17.29 -7.85
CA PRO A 154 40.34 -18.54 -7.20
C PRO A 154 39.97 -18.37 -5.74
N SER A 155 40.68 -17.49 -5.01
CA SER A 155 40.43 -17.32 -3.58
C SER A 155 39.04 -16.76 -3.33
N ILE A 156 38.74 -15.59 -3.90
CA ILE A 156 37.42 -15.00 -3.69
C ILE A 156 36.35 -15.75 -4.48
N GLY A 157 36.74 -16.46 -5.54
CA GLY A 157 35.78 -17.30 -6.25
C GLY A 157 35.25 -18.44 -5.40
N LEU A 158 36.14 -19.11 -4.67
CA LEU A 158 35.70 -20.13 -3.73
C LEU A 158 34.87 -19.53 -2.62
N PHE A 159 35.25 -18.34 -2.15
CA PHE A 159 34.45 -17.63 -1.15
C PHE A 159 33.04 -17.39 -1.64
N GLY A 160 32.88 -17.02 -2.91
CA GLY A 160 31.55 -16.78 -3.45
C GLY A 160 30.74 -18.06 -3.60
N LYS A 161 31.40 -19.16 -4.00
CA LYS A 161 30.70 -20.43 -4.12
C LYS A 161 30.20 -20.92 -2.77
N VAL A 162 31.02 -20.76 -1.72
CA VAL A 162 30.59 -21.12 -0.38
C VAL A 162 29.42 -20.26 0.08
N VAL A 163 29.45 -18.96 -0.25
CA VAL A 163 28.32 -18.10 0.06
C VAL A 163 27.06 -18.60 -0.64
N ALA A 164 27.18 -19.01 -1.89
CA ALA A 164 26.04 -19.55 -2.61
C ALA A 164 25.56 -20.87 -2.00
N LEU A 165 26.51 -21.73 -1.61
CA LEU A 165 26.12 -23.01 -1.02
C LEU A 165 25.40 -22.82 0.31
N SER A 166 25.70 -21.74 1.03
CA SER A 166 25.02 -21.49 2.30
C SER A 166 23.66 -20.84 2.12
N MET A 167 23.39 -20.26 0.95
CA MET A 167 22.08 -19.68 0.67
C MET A 167 21.21 -20.62 -0.16
N ASN A 168 21.67 -21.85 -0.40
CA ASN A 168 20.88 -22.89 -1.07
C ASN A 168 20.49 -22.48 -2.48
N LYS A 169 21.31 -21.66 -3.12
CA LYS A 169 21.08 -21.19 -4.48
C LYS A 169 22.41 -21.11 -5.21
N PRO A 170 22.42 -21.28 -6.53
CA PRO A 170 23.65 -20.99 -7.29
C PRO A 170 23.99 -19.52 -7.20
N PHE A 171 25.28 -19.23 -7.42
CA PHE A 171 25.78 -17.87 -7.18
C PHE A 171 25.07 -16.85 -8.06
N ASP A 172 24.86 -17.16 -9.33
CA ASP A 172 24.23 -16.20 -10.23
C ASP A 172 22.81 -15.85 -9.77
N GLN A 173 22.11 -16.79 -9.14
CA GLN A 173 20.78 -16.51 -8.62
C GLN A 173 20.85 -15.70 -7.32
N VAL A 174 21.89 -15.91 -6.51
CA VAL A 174 22.07 -15.12 -5.29
C VAL A 174 22.17 -13.64 -5.63
N LEU A 175 22.92 -13.30 -6.68
CA LEU A 175 23.06 -11.89 -7.05
C LEU A 175 21.80 -11.37 -7.72
N GLU A 176 21.26 -12.12 -8.67
CA GLU A 176 20.16 -11.61 -9.49
C GLU A 176 18.82 -11.64 -8.76
N LYS A 177 18.59 -12.61 -7.87
CA LYS A 177 17.31 -12.70 -7.18
C LYS A 177 17.31 -12.09 -5.79
N THR A 178 18.48 -11.85 -5.19
CA THR A 178 18.54 -11.35 -3.83
C THR A 178 19.37 -10.07 -3.73
N ILE A 179 20.64 -10.09 -4.14
CA ILE A 179 21.52 -8.96 -3.91
C ILE A 179 21.15 -7.78 -4.81
N PHE A 180 21.07 -8.01 -6.12
CA PHE A 180 20.74 -6.91 -7.03
C PHE A 180 19.39 -6.26 -6.71
N PRO A 181 18.29 -7.00 -6.51
CA PRO A 181 17.03 -6.31 -6.15
C PRO A 181 17.11 -5.58 -4.83
N ALA A 182 17.83 -6.12 -3.84
CA ALA A 182 17.99 -5.43 -2.57
C ALA A 182 18.71 -4.10 -2.72
N LEU A 183 19.60 -4.00 -3.70
CA LEU A 183 20.32 -2.76 -3.99
C LEU A 183 19.56 -1.83 -4.92
N GLY A 184 18.39 -2.24 -5.40
CA GLY A 184 17.65 -1.44 -6.35
C GLY A 184 18.21 -1.45 -7.76
N LEU A 185 18.99 -2.47 -8.12
CA LEU A 185 19.57 -2.55 -9.45
C LEU A 185 18.56 -3.14 -10.42
N LYS A 186 18.45 -2.53 -11.60
CA LYS A 186 17.45 -2.91 -12.58
C LYS A 186 18.01 -3.66 -13.78
N HIS A 187 19.25 -3.39 -14.18
CA HIS A 187 19.87 -4.01 -15.35
C HIS A 187 21.27 -4.49 -15.03
N SER A 188 21.42 -5.19 -13.91
CA SER A 188 22.66 -5.83 -13.52
C SER A 188 22.49 -7.33 -13.63
N TYR A 189 23.40 -7.99 -14.35
CA TYR A 189 23.24 -9.41 -14.66
C TYR A 189 24.56 -10.13 -14.50
N VAL A 190 24.48 -11.39 -14.07
CA VAL A 190 25.58 -12.32 -14.25
C VAL A 190 25.51 -12.94 -15.64
N ASN A 191 24.30 -13.27 -16.10
CA ASN A 191 24.06 -13.69 -17.46
C ASN A 191 23.10 -12.70 -18.11
N VAL A 192 23.56 -12.01 -19.14
CA VAL A 192 22.74 -11.03 -19.85
C VAL A 192 21.68 -11.76 -20.66
N PRO A 193 20.40 -11.50 -20.43
CA PRO A 193 19.34 -12.19 -21.19
C PRO A 193 19.24 -11.68 -22.62
N LYS A 194 18.49 -12.43 -23.43
CA LYS A 194 18.41 -12.10 -24.85
C LYS A 194 17.75 -10.75 -25.09
N THR A 195 16.74 -10.40 -24.28
CA THR A 195 16.06 -9.12 -24.44
C THR A 195 16.95 -7.94 -24.08
N GLN A 196 18.16 -8.17 -23.58
CA GLN A 196 19.10 -7.10 -23.25
C GLN A 196 20.39 -7.17 -24.05
N MET A 197 20.51 -8.13 -24.98
CA MET A 197 21.75 -8.27 -25.74
C MET A 197 22.02 -7.07 -26.63
N GLN A 198 20.97 -6.40 -27.10
CA GLN A 198 21.16 -5.19 -27.91
C GLN A 198 21.75 -4.06 -27.09
N ASN A 199 21.67 -4.12 -25.77
CA ASN A 199 22.28 -3.14 -24.90
C ASN A 199 23.67 -3.56 -24.42
N TYR A 200 24.00 -4.84 -24.56
CA TYR A 200 25.32 -5.36 -24.20
C TYR A 200 26.36 -4.81 -25.16
N ALA A 201 27.24 -3.96 -24.65
CA ALA A 201 28.28 -3.36 -25.46
C ALA A 201 29.29 -4.39 -25.92
N PHE A 202 29.93 -4.14 -27.05
CA PHE A 202 31.11 -4.88 -27.45
C PHE A 202 32.31 -4.32 -26.70
N GLY A 203 33.16 -5.23 -26.18
CA GLY A 203 34.47 -4.82 -25.74
C GLY A 203 35.46 -4.80 -26.89
N TYR A 204 36.59 -4.15 -26.67
CA TYR A 204 37.59 -4.01 -27.73
C TYR A 204 38.97 -4.24 -27.17
N ASN A 205 39.72 -5.16 -27.76
CA ASN A 205 41.06 -5.50 -27.30
C ASN A 205 42.04 -4.42 -27.76
N GLN A 206 43.33 -4.69 -27.61
CA GLN A 206 44.34 -3.70 -27.98
C GLN A 206 44.41 -3.48 -29.48
N GLU A 207 43.92 -4.42 -30.28
CA GLU A 207 43.80 -4.26 -31.72
C GLU A 207 42.48 -3.62 -32.12
N ASN A 208 41.68 -3.17 -31.15
CA ASN A 208 40.34 -2.61 -31.39
C ASN A 208 39.45 -3.60 -32.12
N GLN A 209 39.58 -4.88 -31.78
CA GLN A 209 38.69 -5.92 -32.29
C GLN A 209 37.59 -6.22 -31.28
N PRO A 210 36.35 -6.34 -31.76
CA PRO A 210 35.22 -6.56 -30.83
C PRO A 210 35.34 -7.91 -30.14
N ILE A 211 35.26 -7.89 -28.81
CA ILE A 211 35.35 -9.09 -27.98
C ILE A 211 34.39 -8.96 -26.81
N ARG A 212 34.09 -10.09 -26.19
CA ARG A 212 33.35 -10.15 -24.95
C ARG A 212 33.98 -11.20 -24.04
N VAL A 213 33.59 -11.18 -22.77
CA VAL A 213 34.18 -12.09 -21.79
C VAL A 213 33.82 -13.53 -22.14
N ASN A 214 34.81 -14.43 -21.97
CA ASN A 214 34.67 -15.85 -22.25
C ASN A 214 34.37 -16.61 -20.96
N PRO A 215 33.70 -17.77 -21.08
CA PRO A 215 33.45 -18.59 -19.88
C PRO A 215 34.76 -19.04 -19.25
N GLY A 216 34.78 -19.07 -17.91
CA GLY A 216 35.94 -19.49 -17.17
C GLY A 216 35.57 -20.10 -15.84
N PRO A 217 36.53 -20.77 -15.19
CA PRO A 217 36.24 -21.39 -13.88
C PRO A 217 35.95 -20.33 -12.83
N LEU A 218 34.82 -20.49 -12.14
CA LEU A 218 34.39 -19.57 -11.10
C LEU A 218 34.40 -18.12 -11.59
N ASP A 219 33.99 -17.93 -12.85
CA ASP A 219 34.03 -16.60 -13.44
C ASP A 219 33.01 -15.67 -12.81
N ALA A 220 31.83 -16.19 -12.42
CA ALA A 220 30.79 -15.32 -11.89
C ALA A 220 31.21 -14.63 -10.58
N PRO A 221 31.65 -15.33 -9.53
CA PRO A 221 32.03 -14.62 -8.30
C PRO A 221 33.32 -13.82 -8.42
N ALA A 222 34.12 -14.06 -9.46
CA ALA A 222 35.40 -13.38 -9.61
C ALA A 222 35.34 -12.17 -10.55
N TYR A 223 34.54 -12.23 -11.62
CA TYR A 223 34.54 -11.16 -12.62
C TYR A 223 33.37 -11.26 -13.60
N GLY A 224 32.23 -11.83 -13.17
CA GLY A 224 31.18 -12.15 -14.11
C GLY A 224 29.94 -11.28 -14.09
N VAL A 225 30.03 -10.08 -13.51
CA VAL A 225 28.90 -9.17 -13.43
C VAL A 225 28.98 -8.16 -14.57
N LYS A 226 27.85 -7.89 -15.21
CA LYS A 226 27.70 -6.84 -16.20
C LYS A 226 26.63 -5.87 -15.73
N SER A 227 26.90 -4.58 -15.85
CA SER A 227 25.99 -3.59 -15.29
C SER A 227 26.01 -2.32 -16.14
N THR A 228 25.11 -1.39 -15.81
CA THR A 228 24.99 -0.11 -16.48
C THR A 228 25.40 1.01 -15.53
N LEU A 229 25.64 2.19 -16.10
CA LEU A 229 26.02 3.34 -15.28
C LEU A 229 24.96 3.73 -14.27
N PRO A 230 23.65 3.81 -14.60
CA PRO A 230 22.67 4.12 -13.56
C PRO A 230 22.67 3.10 -12.43
N ASP A 231 22.85 1.82 -12.74
CA ASP A 231 22.88 0.81 -11.69
C ASP A 231 24.11 0.98 -10.81
N MET A 232 25.27 1.27 -11.41
CA MET A 232 26.48 1.46 -10.60
C MET A 232 26.40 2.71 -9.75
N LEU A 233 25.74 3.77 -10.24
CA LEU A 233 25.50 4.94 -9.40
C LEU A 233 24.57 4.61 -8.24
N SER A 234 23.62 3.70 -8.45
CA SER A 234 22.77 3.25 -7.35
C SER A 234 23.55 2.41 -6.36
N PHE A 235 24.49 1.59 -6.86
CA PHE A 235 25.36 0.82 -5.97
C PHE A 235 26.25 1.73 -5.13
N ILE A 236 26.75 2.81 -5.74
CA ILE A 236 27.53 3.78 -4.96
C ILE A 236 26.64 4.48 -3.94
N HIS A 237 25.46 4.93 -4.37
CA HIS A 237 24.51 5.55 -3.44
C HIS A 237 24.16 4.63 -2.28
N ALA A 238 24.07 3.32 -2.54
CA ALA A 238 23.81 2.39 -1.46
C ALA A 238 24.98 2.33 -0.49
N ASN A 239 26.21 2.45 -1.00
CA ASN A 239 27.38 2.43 -0.13
C ASN A 239 27.54 3.74 0.63
N LEU A 240 27.11 4.86 0.03
CA LEU A 240 27.19 6.15 0.71
C LEU A 240 26.11 6.30 1.77
N ASN A 241 24.93 5.70 1.56
CA ASN A 241 23.79 5.84 2.46
C ASN A 241 23.17 4.48 2.74
N PRO A 242 23.89 3.59 3.45
CA PRO A 242 23.30 2.29 3.76
C PRO A 242 22.14 2.38 4.76
N GLN A 243 22.15 3.38 5.64
CA GLN A 243 21.09 3.51 6.64
C GLN A 243 19.72 3.75 6.01
N LYS A 244 19.67 4.15 4.73
CA LYS A 244 18.40 4.34 4.04
C LYS A 244 17.82 3.05 3.47
N TYR A 245 18.55 1.94 3.53
CA TYR A 245 18.16 0.68 2.92
C TYR A 245 17.64 -0.30 3.96
N PRO A 246 16.89 -1.33 3.53
CA PRO A 246 16.40 -2.33 4.48
C PRO A 246 17.53 -2.99 5.26
N ALA A 247 17.17 -3.51 6.43
CA ALA A 247 18.17 -3.94 7.40
C ALA A 247 19.08 -5.04 6.86
N ASP A 248 18.51 -5.96 6.07
CA ASP A 248 19.30 -7.09 5.59
C ASP A 248 20.42 -6.63 4.65
N ILE A 249 20.08 -5.80 3.65
CA ILE A 249 21.10 -5.33 2.73
C ILE A 249 21.97 -4.25 3.38
N GLN A 250 21.39 -3.46 4.29
CA GLN A 250 22.16 -2.41 4.95
C GLN A 250 23.31 -2.98 5.76
N ARG A 251 23.04 -4.02 6.56
CA ARG A 251 24.11 -4.66 7.31
C ARG A 251 25.09 -5.37 6.38
N ALA A 252 24.62 -5.84 5.23
CA ALA A 252 25.51 -6.45 4.25
C ALA A 252 26.52 -5.43 3.73
N ILE A 253 26.04 -4.23 3.38
CA ILE A 253 26.92 -3.18 2.89
C ILE A 253 27.95 -2.79 3.95
N ASN A 254 27.51 -2.69 5.21
CA ASN A 254 28.42 -2.29 6.28
C ASN A 254 29.53 -3.32 6.49
N GLU A 255 29.25 -4.58 6.18
CA GLU A 255 30.28 -5.63 6.26
C GLU A 255 31.41 -5.40 5.28
N THR A 256 31.17 -4.64 4.20
CA THR A 256 32.18 -4.39 3.18
C THR A 256 32.96 -3.10 3.42
N HIS A 257 32.71 -2.40 4.53
CA HIS A 257 33.37 -1.12 4.79
C HIS A 257 34.35 -1.20 5.96
N GLN A 258 34.75 -2.40 6.35
CA GLN A 258 35.62 -2.60 7.51
C GLN A 258 36.95 -3.19 7.03
N GLY A 259 38.03 -2.46 7.24
CA GLY A 259 39.34 -2.99 6.92
C GLY A 259 39.72 -4.11 7.87
N PHE A 260 40.39 -5.13 7.33
CA PHE A 260 40.82 -6.27 8.11
C PHE A 260 42.33 -6.32 8.33
N TYR A 261 43.12 -5.77 7.42
CA TYR A 261 44.56 -5.69 7.58
C TYR A 261 45.07 -4.59 6.65
N GLN A 262 46.36 -4.29 6.75
CA GLN A 262 46.99 -3.30 5.89
C GLN A 262 48.08 -3.93 5.05
N VAL A 263 48.31 -3.32 3.89
CA VAL A 263 49.52 -3.51 3.11
C VAL A 263 49.98 -2.12 2.72
N ASN A 264 51.00 -1.61 3.42
CA ASN A 264 51.48 -0.24 3.27
C ASN A 264 50.30 0.70 3.54
N THR A 265 49.92 1.56 2.60
CA THR A 265 48.86 2.54 2.82
C THR A 265 47.48 2.04 2.45
N MET A 266 47.36 0.79 1.99
CA MET A 266 46.07 0.24 1.58
C MET A 266 45.49 -0.62 2.70
N TYR A 267 44.24 -0.38 3.04
CA TYR A 267 43.48 -1.22 3.97
C TYR A 267 42.58 -2.13 3.13
N GLN A 268 42.70 -3.44 3.35
CA GLN A 268 41.91 -4.41 2.60
C GLN A 268 40.61 -4.66 3.35
N ALA A 269 39.50 -4.16 2.80
CA ALA A 269 38.19 -4.44 3.33
C ALA A 269 37.60 -5.66 2.61
N LEU A 270 36.32 -5.92 2.79
CA LEU A 270 35.66 -7.02 2.10
C LEU A 270 35.35 -6.56 0.69
N GLY A 271 36.17 -6.99 -0.27
CA GLY A 271 36.04 -6.56 -1.65
C GLY A 271 36.65 -5.19 -1.88
N TRP A 272 36.11 -4.17 -1.21
CA TRP A 272 36.60 -2.81 -1.37
C TRP A 272 38.03 -2.68 -0.85
N GLU A 273 38.78 -1.78 -1.46
CA GLU A 273 40.07 -1.33 -0.95
C GLU A 273 39.86 0.00 -0.24
N GLU A 274 40.37 0.10 0.99
CA GLU A 274 40.10 1.21 1.88
C GLU A 274 41.38 2.04 2.08
N PHE A 275 41.21 3.35 2.17
CA PHE A 275 42.33 4.26 2.37
C PHE A 275 41.93 5.34 3.36
N SER A 276 42.93 5.88 4.05
CA SER A 276 42.71 7.05 4.88
C SER A 276 42.42 8.26 3.99
N TYR A 277 41.36 9.00 4.32
CA TYR A 277 41.03 10.20 3.56
C TYR A 277 41.39 11.44 4.37
N PRO A 278 41.99 12.47 3.74
CA PRO A 278 42.34 12.51 2.31
C PRO A 278 43.56 11.66 1.98
N ALA A 279 43.52 11.00 0.83
CA ALA A 279 44.62 10.16 0.37
C ALA A 279 45.42 10.90 -0.69
N THR A 280 46.73 10.68 -0.70
CA THR A 280 47.56 11.18 -1.77
C THR A 280 47.27 10.40 -3.06
N LEU A 281 47.56 11.04 -4.19
CA LEU A 281 47.38 10.35 -5.47
C LEU A 281 48.22 9.08 -5.54
N GLN A 282 49.48 9.17 -5.11
CA GLN A 282 50.36 8.01 -5.20
C GLN A 282 49.89 6.86 -4.32
N THR A 283 49.20 7.17 -3.21
CA THR A 283 48.63 6.10 -2.39
C THR A 283 47.63 5.28 -3.18
N LEU A 284 46.71 5.95 -3.88
CA LEU A 284 45.71 5.24 -4.67
C LEU A 284 46.36 4.49 -5.83
N LEU A 285 47.36 5.10 -6.48
CA LEU A 285 48.05 4.45 -7.58
C LEU A 285 48.82 3.22 -7.11
N ASP A 286 49.36 3.27 -5.88
CA ASP A 286 50.14 2.14 -5.38
C ASP A 286 49.29 0.90 -5.20
N SER A 287 48.00 1.07 -4.88
CA SER A 287 47.11 -0.08 -4.76
C SER A 287 47.05 -0.89 -6.05
N ASN A 288 47.24 -0.25 -7.19
CA ASN A 288 47.21 -0.93 -8.48
C ASN A 288 48.59 -1.17 -9.06
N SER A 289 49.64 -1.00 -8.26
CA SER A 289 50.99 -1.28 -8.72
C SER A 289 51.18 -2.77 -8.96
N GLU A 290 52.20 -3.10 -9.75
CA GLU A 290 52.51 -4.52 -9.99
C GLU A 290 52.87 -5.22 -8.69
N GLN A 291 53.52 -4.51 -7.76
CA GLN A 291 53.91 -5.12 -6.48
C GLN A 291 52.69 -5.55 -5.68
N ILE A 292 51.64 -4.72 -5.65
CA ILE A 292 50.47 -5.02 -4.85
C ILE A 292 49.52 -5.96 -5.58
N VAL A 293 49.44 -5.84 -6.91
CA VAL A 293 48.45 -6.60 -7.68
C VAL A 293 48.98 -8.00 -8.01
N MET A 294 50.21 -8.10 -8.49
CA MET A 294 50.73 -9.34 -9.04
C MET A 294 51.55 -10.16 -8.06
N LYS A 295 52.20 -9.53 -7.08
CA LYS A 295 53.13 -10.22 -6.19
C LYS A 295 52.49 -10.49 -4.83
N PRO A 296 53.00 -11.47 -4.09
CA PRO A 296 52.57 -11.63 -2.70
C PRO A 296 53.18 -10.55 -1.82
N ASN A 297 52.44 -10.18 -0.78
CA ASN A 297 52.90 -9.16 0.17
C ASN A 297 52.46 -9.56 1.56
N LYS A 298 53.38 -9.48 2.52
CA LYS A 298 53.05 -9.76 3.90
C LYS A 298 52.10 -8.70 4.45
N VAL A 299 51.08 -9.14 5.17
CA VAL A 299 50.08 -8.24 5.70
C VAL A 299 50.44 -7.86 7.14
N THR A 300 49.93 -6.71 7.57
CA THR A 300 50.12 -6.22 8.92
C THR A 300 48.77 -5.81 9.51
N ALA A 301 48.71 -5.82 10.84
CA ALA A 301 47.48 -5.42 11.50
C ALA A 301 47.20 -3.93 11.29
N ILE A 302 45.92 -3.58 11.33
CA ILE A 302 45.54 -2.17 11.24
C ILE A 302 46.01 -1.47 12.51
N SER A 303 46.93 -0.52 12.37
CA SER A 303 47.41 0.24 13.51
C SER A 303 46.61 1.54 13.65
N LYS A 304 46.68 2.39 12.64
CA LYS A 304 45.90 3.63 12.59
C LYS A 304 44.56 3.28 11.93
N GLU A 305 43.51 3.24 12.75
CA GLU A 305 42.16 3.04 12.27
C GLU A 305 41.65 4.39 11.74
N PRO A 306 41.56 4.57 10.42
CA PRO A 306 41.20 5.89 9.89
C PRO A 306 39.76 6.24 10.22
N SER A 307 39.57 7.42 10.82
CA SER A 307 38.22 7.88 11.13
C SER A 307 37.52 8.39 9.88
N VAL A 308 38.25 9.00 8.95
CA VAL A 308 37.73 9.46 7.67
C VAL A 308 38.33 8.57 6.59
N LYS A 309 37.49 7.80 5.92
CA LYS A 309 37.93 6.76 5.00
C LYS A 309 37.45 7.06 3.58
N MET A 310 38.08 6.39 2.63
CA MET A 310 37.62 6.36 1.24
C MET A 310 37.89 4.97 0.69
N TYR A 311 37.13 4.60 -0.35
CA TYR A 311 37.17 3.26 -0.90
C TYR A 311 37.20 3.34 -2.42
N HIS A 312 37.93 2.43 -3.05
CA HIS A 312 37.89 2.33 -4.51
C HIS A 312 38.13 0.88 -4.92
N LYS A 313 37.99 0.65 -6.23
CA LYS A 313 38.26 -0.66 -6.81
C LYS A 313 38.35 -0.55 -8.33
N THR A 314 39.44 -1.04 -8.90
CA THR A 314 39.56 -1.16 -10.35
C THR A 314 39.14 -2.56 -10.77
N GLY A 315 38.67 -2.65 -12.01
CA GLY A 315 38.29 -3.93 -12.59
C GLY A 315 38.42 -3.89 -14.09
N SER A 316 38.79 -5.03 -14.67
CA SER A 316 39.04 -5.11 -16.10
C SER A 316 38.76 -6.52 -16.60
N THR A 317 38.15 -6.61 -17.78
CA THR A 317 38.16 -7.80 -18.61
C THR A 317 39.07 -7.52 -19.79
N ASN A 318 39.14 -8.47 -20.74
CA ASN A 318 40.01 -8.28 -21.90
C ASN A 318 39.60 -7.07 -22.72
N GLY A 319 38.32 -6.70 -22.70
CA GLY A 319 37.86 -5.59 -23.51
C GLY A 319 37.10 -4.50 -22.77
N PHE A 320 37.18 -4.46 -21.45
CA PHE A 320 36.47 -3.46 -20.66
C PHE A 320 37.36 -2.96 -19.52
N GLY A 321 37.15 -1.71 -19.14
CA GLY A 321 37.78 -1.16 -17.95
C GLY A 321 36.73 -0.56 -17.04
N THR A 322 37.00 -0.63 -15.73
CA THR A 322 36.06 -0.15 -14.73
C THR A 322 36.83 0.48 -13.57
N TYR A 323 36.22 1.49 -12.95
CA TYR A 323 36.75 2.10 -11.73
C TYR A 323 35.59 2.70 -10.95
N VAL A 324 35.54 2.41 -9.64
CA VAL A 324 34.52 2.94 -8.75
C VAL A 324 35.20 3.43 -7.48
N VAL A 325 34.68 4.52 -6.92
CA VAL A 325 35.29 5.17 -5.76
C VAL A 325 34.22 6.02 -5.08
N PHE A 326 34.25 6.04 -3.75
CA PHE A 326 33.33 6.89 -3.00
C PHE A 326 33.96 7.33 -1.69
N ILE A 327 33.52 8.48 -1.20
CA ILE A 327 34.00 9.09 0.04
C ILE A 327 32.79 9.38 0.93
N PRO A 328 32.56 8.58 1.98
CA PRO A 328 31.31 8.72 2.75
C PRO A 328 31.14 10.07 3.43
N LYS A 329 32.19 10.60 4.08
CA LYS A 329 32.03 11.87 4.80
C LYS A 329 31.90 13.05 3.86
N GLU A 330 32.32 12.93 2.60
CA GLU A 330 32.03 13.94 1.60
C GLU A 330 30.75 13.67 0.83
N ASN A 331 30.17 12.48 1.00
CA ASN A 331 28.99 12.03 0.27
C ASN A 331 29.15 12.27 -1.24
N ILE A 332 30.24 11.73 -1.77
CA ILE A 332 30.55 11.86 -3.20
C ILE A 332 31.10 10.53 -3.70
N GLY A 333 30.79 10.22 -4.96
CA GLY A 333 31.28 9.00 -5.57
C GLY A 333 31.37 9.15 -7.07
N LEU A 334 32.14 8.25 -7.68
CA LEU A 334 32.37 8.28 -9.12
C LEU A 334 32.44 6.86 -9.67
N VAL A 335 31.95 6.68 -10.90
CA VAL A 335 32.03 5.43 -11.62
C VAL A 335 32.53 5.70 -13.02
N MET A 336 33.48 4.89 -13.49
CA MET A 336 33.96 4.94 -14.87
C MET A 336 33.79 3.57 -15.51
N LEU A 337 33.15 3.55 -16.67
CA LEU A 337 32.97 2.34 -17.45
C LEU A 337 33.45 2.60 -18.88
N THR A 338 34.33 1.75 -19.38
CA THR A 338 34.84 1.86 -20.74
C THR A 338 34.80 0.49 -21.42
N ASN A 339 34.48 0.49 -22.72
CA ASN A 339 34.55 -0.73 -23.51
C ASN A 339 35.91 -0.91 -24.19
N LYS A 340 36.98 -0.46 -23.54
CA LYS A 340 38.35 -0.81 -23.89
C LYS A 340 39.23 -0.54 -22.67
N ARG A 341 40.21 -1.41 -22.46
CA ARG A 341 41.09 -1.25 -21.30
C ARG A 341 42.00 -0.05 -21.47
N ILE A 342 42.09 0.76 -20.42
CA ILE A 342 43.09 1.81 -20.31
C ILE A 342 43.87 1.55 -19.03
N PRO A 343 45.11 2.05 -18.94
CA PRO A 343 45.91 1.80 -17.73
C PRO A 343 45.15 2.20 -16.47
N ASN A 344 45.31 1.38 -15.43
CA ASN A 344 44.64 1.65 -14.16
C ASN A 344 45.04 3.01 -13.59
N GLU A 345 46.30 3.42 -13.76
CA GLU A 345 46.72 4.72 -13.25
C GLU A 345 45.93 5.85 -13.89
N GLU A 346 45.60 5.72 -15.18
CA GLU A 346 44.86 6.78 -15.85
C GLU A 346 43.45 6.92 -15.28
N ARG A 347 42.79 5.79 -14.98
CA ARG A 347 41.46 5.86 -14.39
C ARG A 347 41.50 6.56 -13.03
N ILE A 348 42.50 6.23 -12.22
CA ILE A 348 42.59 6.78 -10.88
C ILE A 348 42.94 8.27 -10.92
N LYS A 349 43.92 8.64 -11.74
CA LYS A 349 44.30 10.05 -11.86
C LYS A 349 43.12 10.92 -12.26
N ALA A 350 42.34 10.47 -13.25
CA ALA A 350 41.22 11.28 -13.73
C ALA A 350 40.14 11.43 -12.66
N ALA A 351 39.82 10.34 -11.96
CA ALA A 351 38.84 10.43 -10.89
C ALA A 351 39.37 11.23 -9.71
N TYR A 352 40.68 11.15 -9.45
CA TYR A 352 41.29 11.97 -8.40
C TYR A 352 41.13 13.46 -8.70
N ALA A 353 41.33 13.85 -9.96
CA ALA A 353 41.19 15.26 -10.32
C ALA A 353 39.74 15.72 -10.25
N VAL A 354 38.79 14.85 -10.63
CA VAL A 354 37.39 15.25 -10.63
C VAL A 354 36.88 15.41 -9.20
N LEU A 355 37.18 14.44 -8.32
CA LEU A 355 36.64 14.47 -6.97
C LEU A 355 37.17 15.67 -6.18
N ASN A 356 38.46 15.98 -6.32
CA ASN A 356 39.03 17.07 -5.53
C ASN A 356 38.54 18.43 -5.96
N ALA A 357 38.06 18.58 -7.20
CA ALA A 357 37.52 19.85 -7.66
C ALA A 357 36.08 20.07 -7.19
N ILE A 358 35.42 19.03 -6.68
CA ILE A 358 34.06 19.18 -6.14
C ILE A 358 34.14 19.11 -4.62
N LYS A 359 35.14 19.78 -4.03
CA LYS A 359 35.37 19.77 -2.59
C LYS A 359 35.52 18.34 -2.07
N GLY B 1 4.68 58.29 8.50
CA GLY B 1 3.46 57.55 8.24
C GLY B 1 2.52 57.47 9.43
N ASN B 2 1.44 58.24 9.39
CA ASN B 2 0.45 58.27 10.45
C ASN B 2 -0.81 57.54 9.98
N THR B 3 -0.69 56.23 9.85
CA THR B 3 -1.76 55.35 9.37
C THR B 3 -2.38 54.58 10.51
N PRO B 4 -3.58 54.03 10.32
CA PRO B 4 -4.17 53.15 11.35
C PRO B 4 -3.30 51.94 11.62
N LYS B 5 -3.59 51.30 12.76
CA LYS B 5 -2.78 50.17 13.22
C LYS B 5 -2.79 49.03 12.21
N ASP B 6 -3.97 48.70 11.67
CA ASP B 6 -4.04 47.55 10.76
C ASP B 6 -3.30 47.82 9.46
N GLN B 7 -3.24 49.07 9.01
CA GLN B 7 -2.43 49.41 7.84
C GLN B 7 -0.95 49.38 8.16
N GLU B 8 -0.57 49.87 9.33
CA GLU B 8 0.83 49.83 9.76
C GLU B 8 1.36 48.40 9.77
N ILE B 9 0.57 47.46 10.28
CA ILE B 9 0.99 46.07 10.33
C ILE B 9 1.06 45.47 8.93
N LYS B 10 0.09 45.81 8.07
CA LYS B 10 0.16 45.39 6.68
C LYS B 10 1.43 45.87 6.01
N LYS B 11 1.81 47.14 6.25
CA LYS B 11 3.01 47.68 5.63
C LYS B 11 4.26 46.95 6.10
N LEU B 12 4.33 46.58 7.37
CA LEU B 12 5.50 45.87 7.88
C LEU B 12 5.60 44.47 7.27
N VAL B 13 4.47 43.77 7.14
CA VAL B 13 4.48 42.46 6.51
C VAL B 13 4.80 42.58 5.02
N ASP B 14 4.33 43.66 4.38
CA ASP B 14 4.71 43.90 2.98
C ASP B 14 6.20 44.11 2.84
N GLN B 15 6.82 44.84 3.76
CA GLN B 15 8.24 45.16 3.67
C GLN B 15 9.13 43.95 3.94
N ASN B 16 8.67 42.99 4.75
CA ASN B 16 9.55 41.91 5.18
C ASN B 16 9.19 40.55 4.61
N PHE B 17 7.91 40.26 4.38
CA PHE B 17 7.51 38.96 3.85
C PHE B 17 7.22 38.97 2.36
N LYS B 18 6.62 40.04 1.85
CA LYS B 18 6.27 40.09 0.42
C LYS B 18 7.47 39.98 -0.51
N PRO B 19 8.63 40.58 -0.24
CA PRO B 19 9.77 40.39 -1.15
C PRO B 19 10.23 38.95 -1.27
N LEU B 20 9.91 38.10 -0.30
CA LEU B 20 10.28 36.70 -0.38
C LEU B 20 9.53 35.97 -1.49
N LEU B 21 8.39 36.52 -1.93
CA LEU B 21 7.61 35.85 -2.98
C LEU B 21 8.37 35.81 -4.29
N GLU B 22 8.85 36.97 -4.75
CA GLU B 22 9.65 37.01 -5.97
C GLU B 22 11.03 36.40 -5.77
N LYS B 23 11.64 36.62 -4.60
CA LYS B 23 13.00 36.17 -4.39
C LYS B 23 13.12 34.65 -4.52
N TYR B 24 12.12 33.92 -4.05
CA TYR B 24 12.16 32.45 -4.10
C TYR B 24 11.06 31.86 -4.98
N ASP B 25 10.33 32.70 -5.72
CA ASP B 25 9.33 32.23 -6.69
C ASP B 25 8.21 31.45 -5.99
N VAL B 26 7.67 32.04 -4.92
CA VAL B 26 6.65 31.42 -4.11
C VAL B 26 5.27 31.80 -4.68
N PRO B 27 4.45 30.84 -5.10
CA PRO B 27 3.15 31.20 -5.68
C PRO B 27 2.22 31.90 -4.69
N GLY B 28 2.11 31.42 -3.46
CA GLY B 28 1.16 31.97 -2.51
C GLY B 28 1.70 32.01 -1.11
N MET B 29 1.14 32.91 -0.31
CA MET B 29 1.59 33.09 1.06
C MET B 29 0.46 33.67 1.90
N ALA B 30 0.35 33.19 3.14
CA ALA B 30 -0.56 33.74 4.13
C ALA B 30 0.23 34.11 5.37
N VAL B 31 0.08 35.35 5.82
CA VAL B 31 0.78 35.86 7.00
C VAL B 31 -0.27 36.41 7.95
N GLY B 32 -0.14 36.06 9.22
CA GLY B 32 -1.06 36.51 10.24
C GLY B 32 -0.33 37.02 11.46
N VAL B 33 -0.85 38.10 12.05
CA VAL B 33 -0.31 38.67 13.27
C VAL B 33 -1.45 38.84 14.26
N ILE B 34 -1.19 38.47 15.51
CA ILE B 34 -2.14 38.67 16.58
C ILE B 34 -1.45 39.51 17.66
N GLN B 35 -2.11 40.59 18.06
CA GLN B 35 -1.58 41.48 19.09
C GLN B 35 -2.75 42.02 19.90
N ASN B 36 -2.67 41.88 21.22
CA ASN B 36 -3.71 42.34 22.15
C ASN B 36 -5.07 41.79 21.75
N ASN B 37 -5.11 40.49 21.45
CA ASN B 37 -6.33 39.78 21.07
C ASN B 37 -6.96 40.32 19.79
N LYS B 38 -6.21 41.06 18.99
CA LYS B 38 -6.65 41.51 17.67
C LYS B 38 -5.83 40.79 16.60
N LYS B 39 -6.52 40.22 15.62
CA LYS B 39 -5.90 39.42 14.57
C LYS B 39 -5.82 40.22 13.27
N TYR B 40 -4.71 40.09 12.57
CA TYR B 40 -4.49 40.75 11.28
C TYR B 40 -4.09 39.69 10.26
N GLU B 41 -4.82 39.61 9.16
CA GLU B 41 -4.62 38.59 8.14
C GLU B 41 -4.15 39.23 6.84
N MET B 42 -3.16 38.61 6.21
CA MET B 42 -2.61 39.08 4.95
C MET B 42 -2.40 37.89 4.02
N TYR B 43 -2.98 37.97 2.82
CA TYR B 43 -2.97 36.90 1.85
C TYR B 43 -2.34 37.41 0.56
N TYR B 44 -1.39 36.64 0.01
CA TYR B 44 -0.71 37.01 -1.21
C TYR B 44 -0.73 35.83 -2.19
N GLY B 45 -0.75 36.16 -3.48
CA GLY B 45 -0.54 35.18 -4.52
C GLY B 45 -1.68 34.18 -4.69
N LEU B 46 -1.30 33.00 -5.20
CA LEU B 46 -2.24 32.00 -5.68
C LEU B 46 -2.05 30.70 -4.91
N GLN B 47 -3.16 30.12 -4.43
CA GLN B 47 -3.10 28.79 -3.84
C GLN B 47 -2.95 27.71 -4.90
N SER B 48 -3.36 27.98 -6.14
CA SER B 48 -3.19 27.06 -7.25
C SER B 48 -2.85 27.88 -8.49
N VAL B 49 -1.64 27.67 -9.03
CA VAL B 49 -1.21 28.41 -10.20
C VAL B 49 -2.10 28.08 -11.39
N GLN B 50 -2.31 26.79 -11.66
CA GLN B 50 -3.07 26.39 -12.86
C GLN B 50 -4.54 26.76 -12.72
N ASP B 51 -5.11 26.67 -11.51
CA ASP B 51 -6.52 27.03 -11.34
C ASP B 51 -6.70 28.53 -11.16
N LYS B 52 -5.62 29.30 -11.05
CA LYS B 52 -5.68 30.74 -10.86
C LYS B 52 -6.51 31.12 -9.64
N LYS B 53 -6.46 30.31 -8.58
CA LYS B 53 -7.24 30.55 -7.38
C LYS B 53 -6.37 31.26 -6.34
N ALA B 54 -6.85 32.39 -5.86
CA ALA B 54 -6.07 33.23 -4.96
C ALA B 54 -6.09 32.68 -3.54
N VAL B 55 -5.00 32.91 -2.82
CA VAL B 55 -4.95 32.60 -1.40
C VAL B 55 -5.95 33.49 -0.67
N ASN B 56 -6.69 32.89 0.27
CA ASN B 56 -7.70 33.61 1.04
C ASN B 56 -7.83 32.92 2.39
N SER B 57 -8.76 33.43 3.21
CA SER B 57 -8.94 32.92 4.57
C SER B 57 -9.44 31.49 4.62
N SER B 58 -9.88 30.92 3.51
CA SER B 58 -10.29 29.52 3.47
C SER B 58 -9.21 28.61 2.89
N THR B 59 -8.07 29.16 2.48
CA THR B 59 -7.02 28.34 1.87
C THR B 59 -6.39 27.42 2.91
N ILE B 60 -6.27 26.14 2.57
CA ILE B 60 -5.72 25.12 3.45
C ILE B 60 -4.27 24.86 3.05
N PHE B 61 -3.35 24.99 4.01
CA PHE B 61 -1.93 24.75 3.81
C PHE B 61 -1.49 23.52 4.60
N GLU B 62 -0.47 22.83 4.08
CA GLU B 62 0.17 21.78 4.86
C GLU B 62 1.10 22.43 5.88
N LEU B 63 0.95 22.04 7.15
CA LEU B 63 1.75 22.62 8.23
C LEU B 63 3.10 21.94 8.39
N GLY B 64 3.27 20.74 7.85
CA GLY B 64 4.54 20.05 8.03
C GLY B 64 4.80 19.77 9.50
N SER B 65 6.03 20.02 9.93
CA SER B 65 6.43 19.68 11.28
C SER B 65 5.80 20.58 12.35
N VAL B 66 5.14 21.67 11.96
CA VAL B 66 4.34 22.44 12.91
C VAL B 66 3.16 21.61 13.41
N SER B 67 2.80 20.54 12.70
CA SER B 67 1.81 19.59 13.21
C SER B 67 2.23 19.02 14.56
N LYS B 68 3.54 18.92 14.81
CA LYS B 68 4.02 18.38 16.08
C LYS B 68 3.54 19.18 17.28
N LEU B 69 3.16 20.45 17.06
CA LEU B 69 2.60 21.25 18.15
C LEU B 69 1.24 20.71 18.57
N PHE B 70 0.42 20.27 17.61
CA PHE B 70 -0.86 19.68 17.96
C PHE B 70 -0.68 18.29 18.58
N THR B 71 0.31 17.53 18.10
CA THR B 71 0.64 16.27 18.76
C THR B 71 1.02 16.50 20.21
N ALA B 72 1.84 17.51 20.47
CA ALA B 72 2.25 17.80 21.85
C ALA B 72 1.07 18.28 22.69
N THR B 73 0.17 19.08 22.10
CA THR B 73 -1.02 19.54 22.80
C THR B 73 -1.92 18.36 23.19
N ALA B 74 -2.10 17.41 22.26
CA ALA B 74 -2.85 16.20 22.57
C ALA B 74 -2.16 15.38 23.64
N GLY B 75 -0.83 15.36 23.64
CA GLY B 75 -0.12 14.68 24.71
C GLY B 75 -0.34 15.33 26.06
N GLY B 76 -0.31 16.66 26.10
CA GLY B 76 -0.64 17.36 27.33
C GLY B 76 -2.09 17.20 27.74
N TYR B 77 -2.98 16.98 26.76
CA TYR B 77 -4.39 16.78 27.06
C TYR B 77 -4.62 15.47 27.82
N ALA B 78 -4.15 14.36 27.24
CA ALA B 78 -4.26 13.07 27.91
C ALA B 78 -3.45 13.02 29.19
N LYS B 79 -2.42 13.87 29.33
CA LYS B 79 -1.60 13.90 30.53
C LYS B 79 -2.39 14.45 31.72
N ASN B 80 -3.10 15.55 31.51
CA ASN B 80 -3.84 16.18 32.60
C ASN B 80 -5.19 15.53 32.86
N LYS B 81 -5.60 14.56 32.05
CA LYS B 81 -6.79 13.77 32.32
C LYS B 81 -6.45 12.38 32.86
N GLY B 82 -5.20 12.15 33.25
CA GLY B 82 -4.83 10.91 33.90
C GLY B 82 -4.78 9.70 33.00
N LYS B 83 -4.66 9.90 31.69
CA LYS B 83 -4.59 8.79 30.76
C LYS B 83 -3.16 8.41 30.39
N ILE B 84 -2.20 9.30 30.63
CA ILE B 84 -0.79 9.00 30.42
C ILE B 84 0.03 9.74 31.47
N SER B 85 1.25 9.27 31.68
CA SER B 85 2.28 9.98 32.44
C SER B 85 3.55 10.01 31.61
N PHE B 86 4.23 11.15 31.63
CA PHE B 86 5.46 11.28 30.83
C PHE B 86 6.53 10.29 31.27
N ASP B 87 6.43 9.74 32.48
CA ASP B 87 7.33 8.68 32.92
C ASP B 87 6.93 7.31 32.40
N ASP B 88 5.74 7.18 31.80
CA ASP B 88 5.32 5.89 31.26
C ASP B 88 6.12 5.53 30.02
N THR B 89 6.15 4.23 29.72
CA THR B 89 6.81 3.69 28.55
C THR B 89 5.78 3.22 27.54
N PRO B 90 6.11 3.19 26.24
CA PRO B 90 5.09 2.85 25.23
C PRO B 90 4.56 1.44 25.35
N GLY B 91 5.29 0.53 25.98
CA GLY B 91 4.80 -0.83 26.15
C GLY B 91 3.55 -0.92 27.01
N LYS B 92 3.32 0.06 27.88
CA LYS B 92 2.13 0.05 28.73
C LYS B 92 0.86 0.21 27.91
N TYR B 93 0.94 0.91 26.78
CA TYR B 93 -0.21 1.20 25.94
C TYR B 93 -0.20 0.43 24.62
N TRP B 94 0.98 0.25 24.03
CA TRP B 94 1.14 -0.62 22.86
C TRP B 94 1.80 -1.90 23.38
N LYS B 95 0.96 -2.79 23.91
CA LYS B 95 1.45 -3.92 24.71
C LYS B 95 2.30 -4.87 23.91
N VAL B 96 2.24 -4.83 22.58
CA VAL B 96 3.12 -5.64 21.76
C VAL B 96 4.58 -5.25 21.97
N LEU B 97 4.84 -4.04 22.45
CA LEU B 97 6.20 -3.55 22.65
C LEU B 97 6.72 -3.78 24.06
N LYS B 98 5.97 -4.49 24.90
CA LYS B 98 6.44 -4.76 26.26
C LYS B 98 7.67 -5.66 26.23
N ASN B 99 8.60 -5.37 27.15
CA ASN B 99 9.84 -6.13 27.29
C ASN B 99 10.70 -6.08 26.03
N THR B 100 10.56 -5.02 25.25
CA THR B 100 11.43 -4.74 24.13
C THR B 100 12.39 -3.62 24.48
N PRO B 101 13.52 -3.50 23.78
CA PRO B 101 14.45 -2.41 24.08
C PRO B 101 13.83 -1.02 24.01
N ILE B 102 12.85 -0.81 23.13
CA ILE B 102 12.20 0.50 23.05
C ILE B 102 11.36 0.79 24.29
N ASP B 103 10.98 -0.25 25.04
CA ASP B 103 10.20 -0.07 26.26
C ASP B 103 11.03 0.54 27.39
N GLN B 104 12.32 0.75 27.19
CA GLN B 104 13.16 1.43 28.16
C GLN B 104 13.12 2.95 28.02
N VAL B 105 12.49 3.46 26.97
CA VAL B 105 12.36 4.88 26.71
C VAL B 105 11.00 5.34 27.18
N ASN B 106 10.94 6.44 27.92
CA ASN B 106 9.66 6.93 28.39
C ASN B 106 9.02 7.85 27.34
N LEU B 107 7.77 8.22 27.60
CA LEU B 107 7.01 9.01 26.63
C LEU B 107 7.61 10.40 26.45
N LEU B 108 8.08 11.01 27.54
CA LEU B 108 8.70 12.32 27.42
C LEU B 108 9.93 12.27 26.53
N GLN B 109 10.74 11.21 26.67
CA GLN B 109 11.92 11.09 25.82
C GLN B 109 11.55 10.89 24.35
N LEU B 110 10.47 10.17 24.08
CA LEU B 110 9.98 10.06 22.70
C LEU B 110 9.50 11.41 22.18
N ALA B 111 8.71 12.13 22.97
CA ALA B 111 8.14 13.40 22.50
C ALA B 111 9.21 14.45 22.28
N THR B 112 10.32 14.39 23.01
CA THR B 112 11.39 15.38 22.92
C THR B 112 12.66 14.82 22.31
N TYR B 113 12.54 13.72 21.55
CA TYR B 113 13.60 13.26 20.64
C TYR B 113 14.86 12.80 21.38
N THR B 114 14.74 12.22 22.58
CA THR B 114 15.90 11.80 23.35
C THR B 114 15.88 10.30 23.62
N SER B 115 15.45 9.50 22.64
CA SER B 115 15.50 8.05 22.81
C SER B 115 16.92 7.52 22.67
N GLY B 116 17.74 8.13 21.83
CA GLY B 116 19.12 7.74 21.66
C GLY B 116 19.43 7.09 20.33
N ASN B 117 18.42 6.63 19.59
CA ASN B 117 18.68 6.00 18.30
C ASN B 117 17.47 6.07 17.38
N LEU B 118 17.04 7.28 17.04
CA LEU B 118 15.92 7.48 16.12
C LEU B 118 16.26 8.67 15.22
N ALA B 119 16.38 8.41 13.93
CA ALA B 119 16.79 9.44 12.98
C ALA B 119 15.60 10.32 12.60
N LEU B 120 15.87 11.30 11.72
CA LEU B 120 14.82 12.24 11.32
C LEU B 120 13.64 11.52 10.69
N GLN B 121 13.89 10.53 9.85
CA GLN B 121 12.85 9.85 9.11
C GLN B 121 12.95 8.35 9.33
N PHE B 122 11.83 7.65 9.12
CA PHE B 122 11.84 6.20 9.05
C PHE B 122 12.71 5.74 7.88
N PRO B 123 13.18 4.50 7.93
CA PRO B 123 13.75 3.90 6.72
C PRO B 123 12.73 3.91 5.58
N ASP B 124 13.25 4.00 4.36
CA ASP B 124 12.36 4.18 3.20
C ASP B 124 11.41 3.01 3.01
N GLU B 125 11.80 1.80 3.40
CA GLU B 125 10.96 0.63 3.17
C GLU B 125 9.84 0.51 4.19
N VAL B 126 9.87 1.27 5.29
CA VAL B 126 8.83 1.21 6.31
C VAL B 126 7.63 2.01 5.80
N GLN B 127 6.53 1.33 5.51
CA GLN B 127 5.35 1.98 4.96
C GLN B 127 4.07 1.54 5.68
N THR B 128 3.85 0.24 5.77
CA THR B 128 2.60 -0.27 6.32
C THR B 128 2.65 -0.29 7.85
N ASP B 129 1.48 -0.53 8.44
CA ASP B 129 1.37 -0.59 9.91
C ASP B 129 2.22 -1.73 10.46
N GLN B 130 2.25 -2.86 9.76
CA GLN B 130 3.03 -4.00 10.25
C GLN B 130 4.52 -3.72 10.20
N GLN B 131 4.99 -3.02 9.16
CA GLN B 131 6.39 -2.67 9.07
C GLN B 131 6.78 -1.65 10.13
N VAL B 132 5.84 -0.79 10.54
CA VAL B 132 6.11 0.15 11.63
C VAL B 132 6.29 -0.60 12.95
N LEU B 133 5.38 -1.54 13.22
CA LEU B 133 5.49 -2.35 14.43
C LEU B 133 6.78 -3.16 14.45
N THR B 134 7.16 -3.73 13.30
CA THR B 134 8.40 -4.49 13.22
C THR B 134 9.60 -3.59 13.46
N PHE B 135 9.54 -2.34 13.01
CA PHE B 135 10.65 -1.42 13.22
C PHE B 135 10.90 -1.17 14.70
N PHE B 136 9.84 -1.00 15.49
CA PHE B 136 10.01 -0.73 16.91
C PHE B 136 10.26 -2.00 17.73
N LYS B 137 9.87 -3.17 17.22
CA LYS B 137 10.19 -4.41 17.93
C LYS B 137 11.68 -4.74 17.80
N ASP B 138 12.26 -4.50 16.62
CA ASP B 138 13.67 -4.78 16.38
C ASP B 138 14.58 -3.62 16.76
N TRP B 139 14.03 -2.56 17.35
CA TRP B 139 14.82 -1.39 17.69
C TRP B 139 15.77 -1.68 18.84
N LYS B 140 17.02 -1.26 18.69
CA LYS B 140 18.01 -1.39 19.75
C LYS B 140 18.60 -0.02 20.10
N PRO B 141 18.97 0.19 21.35
CA PRO B 141 19.52 1.49 21.75
C PRO B 141 20.92 1.71 21.21
N LYS B 142 21.31 2.99 21.14
CA LYS B 142 22.64 3.38 20.69
C LYS B 142 23.28 4.32 21.70
N ASN B 143 22.90 5.59 21.67
CA ASN B 143 23.34 6.55 22.67
C ASN B 143 22.58 6.32 23.98
N PRO B 144 23.15 6.76 25.10
CA PRO B 144 22.43 6.61 26.38
C PRO B 144 21.09 7.33 26.34
N ILE B 145 20.05 6.61 26.77
CA ILE B 145 18.69 7.11 26.63
C ILE B 145 18.50 8.38 27.45
N GLY B 146 17.87 9.38 26.85
CA GLY B 146 17.54 10.61 27.53
C GLY B 146 18.61 11.68 27.50
N GLU B 147 19.79 11.40 26.94
CA GLU B 147 20.90 12.33 26.99
C GLU B 147 21.17 13.05 25.68
N TYR B 148 20.71 12.53 24.55
CA TYR B 148 21.02 13.09 23.24
C TYR B 148 19.74 13.36 22.48
N ARG B 149 19.57 14.60 22.02
CA ARG B 149 18.41 15.00 21.23
C ARG B 149 18.73 14.88 19.76
N GLN B 150 17.93 14.10 19.04
CA GLN B 150 18.01 14.02 17.58
C GLN B 150 16.60 14.21 17.05
N TYR B 151 16.37 15.35 16.39
CA TYR B 151 15.07 15.66 15.82
C TYR B 151 14.58 14.50 14.97
N SER B 152 13.41 13.96 15.32
CA SER B 152 12.98 12.69 14.76
C SER B 152 11.47 12.62 14.62
N ASN B 153 10.99 12.25 13.44
CA ASN B 153 9.58 11.97 13.19
C ASN B 153 9.16 10.63 13.80
N PRO B 154 9.93 9.55 13.64
CA PRO B 154 9.55 8.30 14.33
C PRO B 154 9.42 8.46 15.83
N SER B 155 10.23 9.33 16.44
CA SER B 155 10.18 9.50 17.89
C SER B 155 8.85 10.11 18.34
N ILE B 156 8.55 11.32 17.87
CA ILE B 156 7.29 11.94 18.26
C ILE B 156 6.10 11.27 17.59
N GLY B 157 6.35 10.57 16.48
CA GLY B 157 5.27 9.79 15.87
C GLY B 157 4.80 8.66 16.76
N LEU B 158 5.75 7.90 17.32
CA LEU B 158 5.36 6.85 18.27
C LEU B 158 4.73 7.44 19.52
N PHE B 159 5.18 8.63 19.93
CA PHE B 159 4.55 9.33 21.05
C PHE B 159 3.09 9.63 20.77
N GLY B 160 2.79 10.14 19.57
CA GLY B 160 1.41 10.47 19.23
C GLY B 160 0.52 9.26 19.14
N LYS B 161 1.06 8.13 18.65
CA LYS B 161 0.26 6.91 18.60
C LYS B 161 -0.02 6.38 20.00
N VAL B 162 0.94 6.52 20.92
CA VAL B 162 0.71 6.09 22.30
C VAL B 162 -0.33 6.97 22.97
N VAL B 163 -0.28 8.28 22.72
CA VAL B 163 -1.31 9.18 23.23
C VAL B 163 -2.67 8.78 22.67
N ALA B 164 -2.71 8.36 21.41
CA ALA B 164 -3.98 7.96 20.80
C ALA B 164 -4.50 6.67 21.42
N LEU B 165 -3.63 5.70 21.68
CA LEU B 165 -4.06 4.45 22.30
C LEU B 165 -4.62 4.70 23.69
N SER B 166 -4.01 5.62 24.45
CA SER B 166 -4.48 5.91 25.81
C SER B 166 -5.80 6.66 25.83
N MET B 167 -6.26 7.17 24.69
CA MET B 167 -7.55 7.84 24.60
C MET B 167 -8.58 7.00 23.87
N ASN B 168 -8.28 5.74 23.56
CA ASN B 168 -9.22 4.80 22.95
C ASN B 168 -9.78 5.35 21.65
N LYS B 169 -8.90 5.83 20.80
CA LYS B 169 -9.29 6.57 19.61
C LYS B 169 -8.08 6.74 18.70
N PRO B 170 -8.23 6.53 17.39
CA PRO B 170 -7.11 6.76 16.47
C PRO B 170 -6.67 8.21 16.49
N PHE B 171 -5.42 8.44 16.10
CA PHE B 171 -4.83 9.77 16.27
C PHE B 171 -5.57 10.82 15.44
N ASP B 172 -5.97 10.47 14.21
CA ASP B 172 -6.67 11.43 13.38
C ASP B 172 -7.95 11.92 14.04
N GLN B 173 -8.64 11.03 14.76
CA GLN B 173 -9.86 11.43 15.45
C GLN B 173 -9.57 12.16 16.77
N VAL B 174 -8.41 11.87 17.40
CA VAL B 174 -8.04 12.59 18.60
C VAL B 174 -7.90 14.08 18.31
N LEU B 175 -7.32 14.43 17.16
CA LEU B 175 -7.21 15.84 16.81
C LEU B 175 -8.55 16.39 16.30
N GLU B 176 -9.13 15.73 15.30
CA GLU B 176 -10.28 16.30 14.61
C GLU B 176 -11.53 16.34 15.49
N LYS B 177 -11.70 15.38 16.39
CA LYS B 177 -12.89 15.32 17.22
C LYS B 177 -12.69 15.89 18.62
N THR B 178 -11.47 15.89 19.14
CA THR B 178 -11.22 16.33 20.51
C THR B 178 -10.35 17.59 20.57
N ILE B 179 -9.15 17.56 20.01
CA ILE B 179 -8.20 18.64 20.22
C ILE B 179 -8.57 19.87 19.40
N PHE B 180 -8.86 19.70 18.12
CA PHE B 180 -9.22 20.85 17.28
C PHE B 180 -10.47 21.56 17.80
N PRO B 181 -11.59 20.88 18.10
CA PRO B 181 -12.75 21.63 18.62
C PRO B 181 -12.47 22.33 19.94
N ALA B 182 -11.67 21.73 20.81
CA ALA B 182 -11.36 22.37 22.09
C ALA B 182 -10.59 23.68 21.88
N LEU B 183 -9.87 23.79 20.77
CA LEU B 183 -9.13 25.02 20.45
C LEU B 183 -9.96 26.01 19.64
N GLY B 184 -11.14 25.61 19.18
CA GLY B 184 -11.95 26.48 18.35
C GLY B 184 -11.57 26.48 16.88
N LEU B 185 -10.90 25.43 16.40
CA LEU B 185 -10.47 25.37 15.01
C LEU B 185 -11.62 24.83 14.15
N LYS B 186 -11.89 25.52 13.05
CA LYS B 186 -12.99 25.16 12.17
C LYS B 186 -12.56 24.39 10.92
N HIS B 187 -11.35 24.64 10.41
CA HIS B 187 -10.91 24.04 9.15
C HIS B 187 -9.49 23.51 9.28
N SER B 188 -9.25 22.73 10.32
CA SER B 188 -7.99 22.03 10.52
C SER B 188 -8.26 20.53 10.42
N TYR B 189 -7.44 19.85 9.63
CA TYR B 189 -7.70 18.45 9.29
C TYR B 189 -6.41 17.66 9.30
N VAL B 190 -6.51 16.39 9.70
CA VAL B 190 -5.49 15.41 9.36
C VAL B 190 -5.77 14.84 7.98
N ASN B 191 -7.04 14.61 7.66
CA ASN B 191 -7.49 14.22 6.34
C ASN B 191 -8.51 15.25 5.87
N VAL B 192 -8.21 15.90 4.75
CA VAL B 192 -9.08 16.96 4.23
C VAL B 192 -10.29 16.33 3.53
N PRO B 193 -11.51 16.63 3.96
CA PRO B 193 -12.69 16.03 3.33
C PRO B 193 -12.86 16.52 1.90
N LYS B 194 -13.70 15.80 1.16
CA LYS B 194 -13.92 16.11 -0.25
C LYS B 194 -14.54 17.47 -0.45
N THR B 195 -15.39 17.92 0.48
CA THR B 195 -16.00 19.24 0.37
C THR B 195 -15.03 20.37 0.64
N GLN B 196 -13.77 20.07 0.96
CA GLN B 196 -12.76 21.09 1.23
C GLN B 196 -11.57 21.02 0.28
N MET B 197 -11.58 20.10 -0.69
CA MET B 197 -10.45 19.99 -1.60
C MET B 197 -10.31 21.22 -2.48
N GLN B 198 -11.41 21.94 -2.74
CA GLN B 198 -11.31 23.18 -3.49
C GLN B 198 -10.54 24.26 -2.72
N ASN B 199 -10.42 24.11 -1.41
CA ASN B 199 -9.61 25.02 -0.58
C ASN B 199 -8.23 24.46 -0.29
N TYR B 200 -7.96 23.21 -0.61
CA TYR B 200 -6.65 22.60 -0.37
C TYR B 200 -5.67 23.10 -1.42
N ALA B 201 -4.74 23.95 -1.00
CA ALA B 201 -3.76 24.50 -1.92
C ALA B 201 -2.85 23.41 -2.47
N PHE B 202 -2.38 23.62 -3.70
CA PHE B 202 -1.26 22.84 -4.21
C PHE B 202 0.02 23.29 -3.53
N GLY B 203 0.89 22.33 -3.23
CA GLY B 203 2.26 22.65 -2.89
C GLY B 203 3.11 22.70 -4.13
N TYR B 204 4.29 23.30 -4.02
CA TYR B 204 5.17 23.47 -5.17
C TYR B 204 6.59 23.17 -4.75
N ASN B 205 7.24 22.24 -5.46
CA ASN B 205 8.61 21.86 -5.13
C ASN B 205 9.57 22.91 -5.68
N GLN B 206 10.88 22.65 -5.54
CA GLN B 206 11.87 23.62 -5.99
C GLN B 206 11.86 23.83 -7.49
N GLU B 207 11.13 23.01 -8.24
CA GLU B 207 10.91 23.21 -9.66
C GLU B 207 9.57 23.85 -9.96
N ASN B 208 8.86 24.30 -8.92
CA ASN B 208 7.53 24.91 -9.05
C ASN B 208 6.53 23.98 -9.72
N GLN B 209 6.68 22.68 -9.47
CA GLN B 209 5.72 21.68 -9.89
C GLN B 209 4.72 21.40 -8.78
N PRO B 210 3.43 21.32 -9.12
CA PRO B 210 2.41 21.12 -8.09
C PRO B 210 2.52 19.73 -7.46
N ILE B 211 2.58 19.72 -6.11
CA ILE B 211 2.67 18.49 -5.33
C ILE B 211 1.82 18.63 -4.08
N ARG B 212 1.53 17.49 -3.46
CA ARG B 212 0.91 17.46 -2.13
C ARG B 212 1.62 16.40 -1.31
N VAL B 213 1.39 16.44 0.01
CA VAL B 213 2.11 15.56 0.92
C VAL B 213 1.72 14.11 0.66
N ASN B 214 2.73 13.22 0.62
CA ASN B 214 2.55 11.79 0.36
C ASN B 214 2.30 11.04 1.66
N PRO B 215 1.57 9.92 1.58
CA PRO B 215 1.36 9.10 2.78
C PRO B 215 2.67 8.53 3.30
N GLY B 216 2.72 8.33 4.61
CA GLY B 216 3.92 7.86 5.25
C GLY B 216 3.67 7.24 6.61
N PRO B 217 4.63 6.48 7.11
CA PRO B 217 4.47 5.84 8.42
C PRO B 217 4.39 6.88 9.53
N LEU B 218 3.31 6.80 10.32
CA LEU B 218 3.06 7.73 11.42
C LEU B 218 3.10 9.18 10.94
N ASP B 219 2.57 9.41 9.74
CA ASP B 219 2.62 10.75 9.16
C ASP B 219 1.74 11.73 9.92
N ALA B 220 0.61 11.27 10.44
CA ALA B 220 -0.33 12.18 11.11
C ALA B 220 0.28 12.83 12.35
N PRO B 221 0.79 12.10 13.35
CA PRO B 221 1.36 12.78 14.52
C PRO B 221 2.67 13.47 14.24
N ALA B 222 3.32 13.22 13.10
CA ALA B 222 4.61 13.82 12.79
C ALA B 222 4.52 15.06 11.92
N TYR B 223 3.64 15.08 10.91
CA TYR B 223 3.60 16.19 9.97
C TYR B 223 2.35 16.21 9.12
N GLY B 224 1.26 15.62 9.61
CA GLY B 224 0.11 15.39 8.75
C GLY B 224 -1.08 16.31 8.92
N VAL B 225 -0.88 17.47 9.56
CA VAL B 225 -1.98 18.41 9.81
C VAL B 225 -1.99 19.47 8.72
N LYS B 226 -3.19 19.82 8.25
CA LYS B 226 -3.41 20.90 7.31
C LYS B 226 -4.38 21.89 7.93
N SER B 227 -4.16 23.18 7.70
CA SER B 227 -4.94 24.20 8.38
C SER B 227 -4.95 25.49 7.57
N THR B 228 -5.79 26.43 8.01
CA THR B 228 -5.93 27.76 7.41
C THR B 228 -5.28 28.81 8.31
N LEU B 229 -5.12 30.02 7.76
CA LEU B 229 -4.52 31.10 8.54
C LEU B 229 -5.40 31.52 9.72
N PRO B 230 -6.72 31.64 9.57
CA PRO B 230 -7.54 31.97 10.75
C PRO B 230 -7.43 30.95 11.88
N ASP B 231 -7.40 29.66 11.55
CA ASP B 231 -7.25 28.64 12.59
C ASP B 231 -5.90 28.75 13.29
N MET B 232 -4.83 28.96 12.52
CA MET B 232 -3.51 29.07 13.15
C MET B 232 -3.41 30.29 14.05
N LEU B 233 -4.08 31.39 13.69
CA LEU B 233 -4.13 32.56 14.57
C LEU B 233 -4.90 32.24 15.84
N SER B 234 -5.96 31.45 15.73
CA SER B 234 -6.68 31.03 16.93
C SER B 234 -5.82 30.11 17.78
N PHE B 235 -5.01 29.27 17.15
CA PHE B 235 -4.10 28.41 17.92
C PHE B 235 -3.03 29.23 18.62
N ILE B 236 -2.50 30.26 17.97
CA ILE B 236 -1.58 31.16 18.65
C ILE B 236 -2.30 31.90 19.76
N HIS B 237 -3.55 32.31 19.52
CA HIS B 237 -4.34 32.95 20.57
C HIS B 237 -4.48 32.04 21.78
N ALA B 238 -4.73 30.75 21.55
CA ALA B 238 -4.84 29.81 22.66
C ALA B 238 -3.53 29.72 23.43
N ASN B 239 -2.39 29.76 22.72
CA ASN B 239 -1.10 29.68 23.39
C ASN B 239 -0.76 30.96 24.14
N LEU B 240 -1.25 32.10 23.65
CA LEU B 240 -1.02 33.37 24.33
C LEU B 240 -1.96 33.58 25.51
N ASN B 241 -3.16 33.02 25.46
CA ASN B 241 -4.17 33.22 26.51
C ASN B 241 -4.83 31.89 26.85
N PRO B 242 -4.07 30.93 27.39
CA PRO B 242 -4.67 29.63 27.74
C PRO B 242 -5.72 29.72 28.83
N GLN B 243 -5.69 30.76 29.66
CA GLN B 243 -6.65 30.87 30.77
C GLN B 243 -8.06 31.12 30.24
N LYS B 244 -8.20 31.72 29.06
CA LYS B 244 -9.50 32.01 28.49
C LYS B 244 -10.11 30.83 27.74
N TYR B 245 -9.69 29.61 28.08
CA TYR B 245 -10.14 28.39 27.42
C TYR B 245 -10.57 27.39 28.48
N PRO B 246 -11.41 26.42 28.12
CA PRO B 246 -11.85 25.41 29.10
C PRO B 246 -10.67 24.68 29.75
N ALA B 247 -10.95 24.09 30.91
CA ALA B 247 -9.88 23.60 31.77
C ALA B 247 -9.08 22.48 31.11
N ASP B 248 -9.76 21.58 30.41
CA ASP B 248 -9.07 20.42 29.82
C ASP B 248 -8.05 20.85 28.78
N ILE B 249 -8.40 21.80 27.92
CA ILE B 249 -7.46 22.23 26.89
C ILE B 249 -6.47 23.25 27.46
N GLN B 250 -6.90 24.06 28.45
CA GLN B 250 -5.99 25.02 29.07
C GLN B 250 -4.79 24.30 29.68
N ARG B 251 -5.02 23.21 30.41
CA ARG B 251 -3.92 22.43 30.95
C ARG B 251 -3.06 21.84 29.84
N ALA B 252 -3.70 21.40 28.75
CA ALA B 252 -2.94 20.83 27.63
C ALA B 252 -1.96 21.85 27.06
N ILE B 253 -2.42 23.08 26.84
CA ILE B 253 -1.56 24.12 26.29
C ILE B 253 -0.40 24.41 27.25
N ASN B 254 -0.72 24.67 28.52
CA ASN B 254 0.33 24.97 29.49
C ASN B 254 1.33 23.84 29.60
N GLU B 255 0.91 22.61 29.32
CA GLU B 255 1.83 21.47 29.36
C GLU B 255 2.87 21.55 28.24
N THR B 256 2.63 22.36 27.22
CA THR B 256 3.57 22.50 26.11
C THR B 256 4.48 23.72 26.23
N HIS B 257 4.39 24.47 27.35
CA HIS B 257 5.18 25.67 27.54
C HIS B 257 6.29 25.50 28.57
N GLN B 258 6.64 24.25 28.89
CA GLN B 258 7.61 23.96 29.95
C GLN B 258 8.84 23.32 29.32
N GLY B 259 9.97 24.02 29.37
CA GLY B 259 11.21 23.46 28.86
C GLY B 259 11.68 22.30 29.71
N PHE B 260 12.14 21.24 29.05
CA PHE B 260 12.57 20.03 29.74
C PHE B 260 14.08 19.88 29.79
N TYR B 261 14.79 20.40 28.79
CA TYR B 261 16.25 20.40 28.77
C TYR B 261 16.71 21.56 27.89
N GLN B 262 18.03 21.71 27.80
CA GLN B 262 18.63 22.83 27.10
C GLN B 262 19.63 22.30 26.09
N VAL B 263 19.66 22.92 24.91
CA VAL B 263 20.71 22.69 23.91
C VAL B 263 21.20 24.07 23.50
N ASN B 264 22.30 24.53 24.11
CA ASN B 264 22.86 25.87 23.93
C ASN B 264 21.79 26.87 24.33
N THR B 265 21.28 27.71 23.43
CA THR B 265 20.31 28.74 23.77
C THR B 265 18.87 28.30 23.55
N MET B 266 18.65 27.06 23.11
CA MET B 266 17.30 26.56 22.87
C MET B 266 16.85 25.66 24.00
N TYR B 267 15.69 25.95 24.56
CA TYR B 267 15.03 25.07 25.52
C TYR B 267 13.98 24.25 24.77
N GLN B 268 14.02 22.94 24.95
CA GLN B 268 13.08 22.05 24.27
C GLN B 268 11.86 21.84 25.15
N ALA B 269 10.73 22.44 24.77
CA ALA B 269 9.46 22.20 25.42
C ALA B 269 8.75 21.07 24.69
N LEU B 270 7.49 20.82 25.03
CA LEU B 270 6.71 19.77 24.37
C LEU B 270 6.27 20.32 23.02
N GLY B 271 6.94 19.90 21.96
CA GLY B 271 6.63 20.42 20.64
C GLY B 271 7.27 21.78 20.37
N TRP B 272 6.92 22.77 21.19
CA TRP B 272 7.46 24.11 21.01
C TRP B 272 8.96 24.15 21.32
N GLU B 273 9.66 25.03 20.61
CA GLU B 273 11.03 25.39 20.96
C GLU B 273 10.98 26.70 21.74
N GLU B 274 11.62 26.71 22.90
CA GLU B 274 11.53 27.81 23.85
C GLU B 274 12.86 28.55 23.93
N PHE B 275 12.78 29.88 24.03
CA PHE B 275 13.96 30.73 24.10
C PHE B 275 13.74 31.81 25.14
N SER B 276 14.84 32.31 25.70
CA SER B 276 14.78 33.44 26.60
C SER B 276 14.40 34.70 25.82
N TYR B 277 13.42 35.44 26.33
CA TYR B 277 13.07 36.69 25.66
C TYR B 277 13.61 37.88 26.43
N PRO B 278 14.20 38.88 25.76
CA PRO B 278 14.35 38.94 24.30
C PRO B 278 15.45 38.03 23.77
N ALA B 279 15.26 37.51 22.57
CA ALA B 279 16.22 36.63 21.92
C ALA B 279 16.90 37.36 20.78
N THR B 280 18.20 37.11 20.60
CA THR B 280 18.88 37.61 19.43
C THR B 280 18.43 36.83 18.19
N LEU B 281 18.61 37.46 17.03
CA LEU B 281 18.29 36.80 15.77
C LEU B 281 19.08 35.51 15.62
N GLN B 282 20.37 35.54 15.92
CA GLN B 282 21.19 34.36 15.75
C GLN B 282 20.75 33.22 16.68
N THR B 283 20.25 33.55 17.88
CA THR B 283 19.70 32.51 18.73
C THR B 283 18.57 31.76 18.03
N LEU B 284 17.66 32.50 17.38
CA LEU B 284 16.56 31.85 16.68
C LEU B 284 17.04 31.11 15.44
N LEU B 285 18.01 31.69 14.71
CA LEU B 285 18.56 31.00 13.56
C LEU B 285 19.27 29.72 13.97
N ASP B 286 19.99 29.74 15.09
CA ASP B 286 20.73 28.55 15.53
C ASP B 286 19.81 27.36 15.76
N SER B 287 18.57 27.60 16.21
CA SER B 287 17.65 26.50 16.44
C SER B 287 17.37 25.72 15.15
N ASN B 288 17.49 26.36 13.99
CA ASN B 288 17.25 25.69 12.72
C ASN B 288 18.54 25.40 11.95
N SER B 289 19.69 25.46 12.61
CA SER B 289 20.94 25.13 11.94
C SER B 289 21.01 23.62 11.66
N GLU B 290 21.88 23.26 10.72
CA GLU B 290 22.07 21.84 10.40
C GLU B 290 22.53 21.07 11.62
N GLN B 291 23.40 21.67 12.44
CA GLN B 291 23.91 20.99 13.64
C GLN B 291 22.78 20.59 14.58
N ILE B 292 21.81 21.50 14.80
CA ILE B 292 20.73 21.22 15.73
C ILE B 292 19.66 20.34 15.09
N VAL B 293 19.40 20.51 13.80
CA VAL B 293 18.27 19.83 13.17
C VAL B 293 18.64 18.40 12.79
N MET B 294 19.80 18.22 12.15
CA MET B 294 20.12 16.96 11.49
C MET B 294 20.98 16.03 12.33
N LYS B 295 21.78 16.55 13.25
CA LYS B 295 22.69 15.71 14.00
C LYS B 295 22.28 15.61 15.47
N PRO B 296 22.62 14.51 16.15
CA PRO B 296 22.33 14.42 17.58
C PRO B 296 23.20 15.39 18.38
N ASN B 297 22.61 15.91 19.45
CA ASN B 297 23.31 16.84 20.34
C ASN B 297 23.02 16.46 21.78
N LYS B 298 24.06 16.50 22.61
CA LYS B 298 23.88 16.18 24.03
C LYS B 298 23.07 17.27 24.71
N VAL B 299 22.05 16.85 25.45
CA VAL B 299 21.21 17.80 26.18
C VAL B 299 21.87 18.14 27.50
N THR B 300 21.42 19.24 28.10
CA THR B 300 21.89 19.67 29.40
C THR B 300 20.70 20.06 30.26
N ALA B 301 20.84 19.87 31.57
CA ALA B 301 19.80 20.26 32.50
C ALA B 301 19.63 21.77 32.51
N ILE B 302 18.39 22.20 32.73
CA ILE B 302 18.08 23.62 32.79
C ILE B 302 18.59 24.16 34.13
N SER B 303 19.65 24.96 34.10
CA SER B 303 20.19 25.57 35.31
C SER B 303 19.79 27.02 35.49
N LYS B 304 19.42 27.71 34.41
CA LYS B 304 19.00 29.11 34.46
C LYS B 304 17.67 29.22 33.70
N GLU B 305 16.58 28.91 34.39
CA GLU B 305 15.25 29.01 33.83
C GLU B 305 14.86 30.47 33.64
N PRO B 306 14.72 30.97 32.42
CA PRO B 306 14.42 32.40 32.23
C PRO B 306 13.01 32.74 32.69
N SER B 307 12.85 33.99 33.11
CA SER B 307 11.54 34.47 33.54
C SER B 307 10.67 34.87 32.36
N VAL B 308 11.26 35.45 31.32
CA VAL B 308 10.54 35.82 30.10
C VAL B 308 10.98 34.88 28.98
N LYS B 309 9.99 34.29 28.30
CA LYS B 309 10.25 33.28 27.29
C LYS B 309 9.52 33.61 26.01
N MET B 310 10.05 33.10 24.89
CA MET B 310 9.34 33.10 23.62
C MET B 310 9.45 31.71 23.00
N TYR B 311 8.56 31.43 22.06
CA TYR B 311 8.42 30.08 21.50
C TYR B 311 8.24 30.17 19.99
N HIS B 312 8.83 29.23 19.26
CA HIS B 312 8.57 29.16 17.83
C HIS B 312 8.72 27.73 17.34
N LYS B 313 8.35 27.53 16.08
CA LYS B 313 8.49 26.23 15.43
C LYS B 313 8.38 26.43 13.93
N THR B 314 9.35 25.90 13.18
CA THR B 314 9.26 25.84 11.73
C THR B 314 8.68 24.49 11.32
N GLY B 315 8.12 24.48 10.12
CA GLY B 315 7.59 23.24 9.55
C GLY B 315 7.66 23.25 8.05
N SER B 316 7.90 22.09 7.45
CA SER B 316 7.99 21.98 6.01
C SER B 316 7.49 20.63 5.55
N THR B 317 6.69 20.62 4.50
CA THR B 317 6.55 19.46 3.64
C THR B 317 7.36 19.74 2.38
N ASN B 318 7.34 18.79 1.44
CA ASN B 318 8.08 19.03 0.20
C ASN B 318 7.58 20.28 -0.51
N GLY B 319 6.31 20.62 -0.38
CA GLY B 319 5.77 21.75 -1.11
C GLY B 319 5.22 22.91 -0.28
N PHE B 320 5.38 22.89 1.04
CA PHE B 320 4.82 23.93 1.89
C PHE B 320 5.84 24.38 2.92
N GLY B 321 5.73 25.65 3.33
CA GLY B 321 6.53 26.18 4.42
C GLY B 321 5.65 26.81 5.47
N THR B 322 6.05 26.64 6.74
CA THR B 322 5.30 27.17 7.87
C THR B 322 6.25 27.73 8.91
N TYR B 323 5.83 28.81 9.57
CA TYR B 323 6.54 29.34 10.73
C TYR B 323 5.54 29.97 11.68
N VAL B 324 5.64 29.61 12.96
CA VAL B 324 4.78 30.15 14.02
C VAL B 324 5.65 30.58 15.17
N VAL B 325 5.24 31.66 15.84
CA VAL B 325 6.03 32.26 16.91
C VAL B 325 5.10 33.12 17.75
N PHE B 326 5.33 33.13 19.06
CA PHE B 326 4.53 33.99 19.94
C PHE B 326 5.37 34.37 21.17
N ILE B 327 5.07 35.56 21.69
CA ILE B 327 5.77 36.10 22.85
C ILE B 327 4.73 36.45 23.92
N PRO B 328 4.59 35.63 24.96
CA PRO B 328 3.51 35.87 25.94
C PRO B 328 3.59 37.23 26.63
N LYS B 329 4.80 37.68 27.01
CA LYS B 329 4.89 38.93 27.76
C LYS B 329 4.52 40.13 26.91
N GLU B 330 4.79 40.08 25.61
CA GLU B 330 4.35 41.12 24.69
C GLU B 330 2.95 40.87 24.14
N ASN B 331 2.35 39.73 24.46
CA ASN B 331 1.01 39.36 24.00
C ASN B 331 0.89 39.50 22.48
N ILE B 332 1.87 38.91 21.77
CA ILE B 332 1.94 39.03 20.32
C ILE B 332 2.40 37.71 19.73
N GLY B 333 2.03 37.48 18.46
CA GLY B 333 2.39 36.26 17.76
C GLY B 333 2.25 36.45 16.27
N LEU B 334 2.83 35.51 15.52
CA LEU B 334 2.84 35.59 14.06
C LEU B 334 2.79 34.18 13.47
N VAL B 335 2.11 34.07 12.33
CA VAL B 335 2.02 32.84 11.54
C VAL B 335 2.42 33.15 10.11
N MET B 336 3.22 32.27 9.52
CA MET B 336 3.54 32.34 8.09
C MET B 336 3.22 31.00 7.45
N LEU B 337 2.43 31.04 6.37
CA LEU B 337 2.09 29.85 5.59
C LEU B 337 2.40 30.14 4.13
N THR B 338 3.20 29.27 3.51
CA THR B 338 3.53 29.38 2.09
C THR B 338 3.34 28.04 1.42
N ASN B 339 2.93 28.08 0.15
CA ASN B 339 2.83 26.86 -0.64
C ASN B 339 4.07 26.61 -1.48
N LYS B 340 5.24 27.00 -0.97
CA LYS B 340 6.53 26.62 -1.51
C LYS B 340 7.56 26.79 -0.40
N ARG B 341 8.47 25.83 -0.28
CA ARG B 341 9.51 25.90 0.74
C ARG B 341 10.44 27.08 0.48
N ILE B 342 10.67 27.87 1.52
CA ILE B 342 11.73 28.87 1.52
C ILE B 342 12.63 28.57 2.72
N PRO B 343 13.89 29.02 2.69
CA PRO B 343 14.80 28.74 3.80
C PRO B 343 14.22 29.15 5.15
N ASN B 344 14.41 28.28 6.14
CA ASN B 344 13.95 28.59 7.49
C ASN B 344 14.54 29.89 7.99
N GLU B 345 15.79 30.17 7.64
N GLU B 345 15.79 30.17 7.63
CA GLU B 345 16.42 31.40 8.09
CA GLU B 345 16.44 31.39 8.08
C GLU B 345 15.68 32.61 7.58
C GLU B 345 15.73 32.63 7.55
N GLU B 346 15.12 32.54 6.37
CA GLU B 346 14.37 33.68 5.82
C GLU B 346 13.05 33.87 6.57
N ARG B 347 12.37 32.77 6.89
CA ARG B 347 11.13 32.87 7.67
C ARG B 347 11.39 33.50 9.03
N ILE B 348 12.47 33.10 9.70
CA ILE B 348 12.74 33.61 11.04
C ILE B 348 13.14 35.08 10.97
N LYS B 349 14.03 35.44 10.05
CA LYS B 349 14.43 36.84 9.91
C LYS B 349 13.24 37.74 9.62
N ALA B 350 12.35 37.32 8.73
CA ALA B 350 11.21 38.16 8.37
C ALA B 350 10.29 38.37 9.57
N ALA B 351 9.97 37.30 10.29
CA ALA B 351 9.15 37.44 11.48
C ALA B 351 9.85 38.25 12.56
N TYR B 352 11.16 38.07 12.69
CA TYR B 352 11.93 38.84 13.67
C TYR B 352 11.81 40.34 13.41
N ALA B 353 12.00 40.76 12.15
CA ALA B 353 11.93 42.18 11.82
C ALA B 353 10.53 42.72 12.05
N VAL B 354 9.50 41.93 11.77
CA VAL B 354 8.13 42.39 11.94
C VAL B 354 7.77 42.49 13.41
N LEU B 355 8.07 41.45 14.18
CA LEU B 355 7.69 41.46 15.59
C LEU B 355 8.40 42.55 16.36
N ASN B 356 9.64 42.87 15.98
CA ASN B 356 10.39 43.92 16.65
C ASN B 356 10.02 45.32 16.17
N ALA B 357 9.27 45.44 15.08
CA ALA B 357 8.85 46.75 14.59
C ALA B 357 7.54 47.21 15.21
N ILE B 358 6.64 46.28 15.53
N ILE B 358 6.64 46.28 15.53
CA ILE B 358 5.39 46.63 16.20
CA ILE B 358 5.38 46.65 16.19
C ILE B 358 5.57 46.88 17.68
C ILE B 358 5.55 46.82 17.69
N LYS B 359 6.74 46.58 18.23
CA LYS B 359 7.05 46.77 19.65
C LYS B 359 6.10 46.00 20.56
N THR C 3 -17.54 7.81 3.64
CA THR C 3 -16.12 8.15 3.46
C THR C 3 -15.07 7.07 3.86
N PRO C 4 -15.45 6.02 4.61
CA PRO C 4 -14.49 4.91 4.77
C PRO C 4 -14.15 4.22 3.47
N LYS C 5 -15.08 4.20 2.51
CA LYS C 5 -14.77 3.69 1.18
C LYS C 5 -13.78 4.60 0.45
N ASP C 6 -13.89 5.92 0.66
CA ASP C 6 -12.93 6.84 0.06
C ASP C 6 -11.52 6.54 0.54
N GLN C 7 -11.34 6.42 1.86
CA GLN C 7 -10.01 6.20 2.41
C GLN C 7 -9.46 4.83 2.02
N GLU C 8 -10.32 3.81 1.98
CA GLU C 8 -9.85 2.46 1.70
C GLU C 8 -9.32 2.35 0.28
N ILE C 9 -10.09 2.82 -0.70
CA ILE C 9 -9.67 2.74 -2.09
C ILE C 9 -8.49 3.66 -2.34
N LYS C 10 -8.51 4.86 -1.75
CA LYS C 10 -7.38 5.77 -1.86
C LYS C 10 -6.09 5.09 -1.41
N LYS C 11 -6.14 4.32 -0.32
CA LYS C 11 -4.94 3.66 0.18
C LYS C 11 -4.53 2.51 -0.73
N LEU C 12 -5.50 1.74 -1.24
CA LEU C 12 -5.17 0.62 -2.12
C LEU C 12 -4.51 1.11 -3.41
N VAL C 13 -5.01 2.21 -3.99
CA VAL C 13 -4.43 2.72 -5.23
C VAL C 13 -3.04 3.29 -4.96
N ASP C 14 -2.86 3.93 -3.80
CA ASP C 14 -1.53 4.40 -3.41
C ASP C 14 -0.56 3.24 -3.24
N GLN C 15 -1.06 2.07 -2.85
CA GLN C 15 -0.18 0.93 -2.58
C GLN C 15 0.20 0.19 -3.86
N ASN C 16 -0.68 0.18 -4.86
CA ASN C 16 -0.50 -0.65 -6.04
C ASN C 16 -0.22 0.12 -7.32
N PHE C 17 -0.72 1.35 -7.44
CA PHE C 17 -0.52 2.14 -8.64
C PHE C 17 0.47 3.29 -8.45
N LYS C 18 0.46 3.95 -7.31
CA LYS C 18 1.37 5.07 -7.09
C LYS C 18 2.84 4.71 -7.23
N PRO C 19 3.34 3.59 -6.71
CA PRO C 19 4.78 3.29 -6.90
C PRO C 19 5.17 3.08 -8.36
N LEU C 20 4.22 2.82 -9.25
CA LEU C 20 4.56 2.68 -10.67
C LEU C 20 5.03 3.99 -11.29
N LEU C 21 4.62 5.13 -10.74
CA LEU C 21 5.08 6.42 -11.27
C LEU C 21 6.59 6.57 -11.14
N GLU C 22 7.12 6.25 -9.97
CA GLU C 22 8.56 6.38 -9.77
C GLU C 22 9.33 5.23 -10.39
N LYS C 23 8.72 4.04 -10.46
CA LYS C 23 9.40 2.89 -11.04
C LYS C 23 9.65 3.08 -12.53
N TYR C 24 8.70 3.68 -13.24
CA TYR C 24 8.83 3.87 -14.68
C TYR C 24 8.96 5.34 -15.08
N ASP C 25 9.20 6.23 -14.11
CA ASP C 25 9.37 7.65 -14.38
C ASP C 25 8.20 8.21 -15.18
N VAL C 26 6.99 7.88 -14.72
CA VAL C 26 5.75 8.35 -15.32
C VAL C 26 5.41 9.73 -14.78
N PRO C 27 5.25 10.74 -15.64
CA PRO C 27 4.93 12.08 -15.14
C PRO C 27 3.57 12.16 -14.45
N GLY C 28 2.54 11.59 -15.05
CA GLY C 28 1.19 11.73 -14.52
C GLY C 28 0.37 10.47 -14.68
N MET C 29 -0.61 10.33 -13.80
CA MET C 29 -1.48 9.16 -13.78
C MET C 29 -2.84 9.54 -13.21
N ALA C 30 -3.89 8.93 -13.75
CA ALA C 30 -5.24 9.04 -13.20
C ALA C 30 -5.80 7.64 -13.02
N VAL C 31 -6.23 7.32 -11.80
CA VAL C 31 -6.80 6.01 -11.49
C VAL C 31 -8.21 6.22 -10.96
N GLY C 32 -9.17 5.52 -11.56
CA GLY C 32 -10.55 5.61 -11.14
C GLY C 32 -11.11 4.25 -10.81
N VAL C 33 -12.02 4.23 -9.84
CA VAL C 33 -12.75 3.03 -9.44
C VAL C 33 -14.22 3.40 -9.32
N ILE C 34 -15.08 2.55 -9.85
CA ILE C 34 -16.52 2.70 -9.68
C ILE C 34 -17.05 1.43 -9.04
N GLN C 35 -17.80 1.57 -7.96
CA GLN C 35 -18.38 0.44 -7.25
C GLN C 35 -19.74 0.85 -6.73
N ASN C 36 -20.77 0.09 -7.12
CA ASN C 36 -22.14 0.35 -6.69
C ASN C 36 -22.55 1.79 -7.05
N ASN C 37 -22.25 2.17 -8.29
CA ASN C 37 -22.61 3.46 -8.85
C ASN C 37 -21.97 4.63 -8.11
N LYS C 38 -20.89 4.38 -7.37
CA LYS C 38 -20.10 5.43 -6.73
C LYS C 38 -18.71 5.44 -7.35
N LYS C 39 -18.23 6.63 -7.69
CA LYS C 39 -16.98 6.80 -8.42
C LYS C 39 -15.91 7.40 -7.52
N TYR C 40 -14.71 6.82 -7.59
CA TYR C 40 -13.56 7.27 -6.82
C TYR C 40 -12.43 7.61 -7.78
N GLU C 41 -11.87 8.80 -7.64
CA GLU C 41 -10.91 9.35 -8.59
C GLU C 41 -9.61 9.69 -7.87
N MET C 42 -8.50 9.15 -8.37
CA MET C 42 -7.17 9.43 -7.86
C MET C 42 -6.33 10.02 -8.98
N TYR C 43 -5.66 11.14 -8.69
CA TYR C 43 -4.83 11.83 -9.67
C TYR C 43 -3.43 12.01 -9.11
N TYR C 44 -2.42 11.73 -9.93
CA TYR C 44 -1.03 11.81 -9.53
C TYR C 44 -0.22 12.58 -10.58
N GLY C 45 0.76 13.35 -10.10
CA GLY C 45 1.77 13.88 -11.00
C GLY C 45 1.25 14.94 -11.97
N LEU C 46 1.91 15.01 -13.12
CA LEU C 46 1.76 16.15 -14.03
C LEU C 46 1.05 15.75 -15.31
N GLN C 47 0.14 16.61 -15.75
CA GLN C 47 -0.44 16.51 -17.08
C GLN C 47 0.54 17.00 -18.13
N SER C 48 1.32 18.02 -17.79
CA SER C 48 2.34 18.55 -18.68
C SER C 48 3.55 18.93 -17.84
N VAL C 49 4.73 18.44 -18.23
CA VAL C 49 5.94 18.80 -17.51
C VAL C 49 6.31 20.25 -17.77
N GLN C 50 6.26 20.69 -19.03
CA GLN C 50 6.68 22.06 -19.35
C GLN C 50 5.77 23.08 -18.68
N ASP C 51 4.46 22.88 -18.75
CA ASP C 51 3.51 23.82 -18.18
C ASP C 51 3.27 23.59 -16.69
N LYS C 52 3.88 22.56 -16.11
CA LYS C 52 3.81 22.31 -14.67
C LYS C 52 2.37 22.20 -14.20
N LYS C 53 1.54 21.50 -14.97
CA LYS C 53 0.13 21.34 -14.67
C LYS C 53 -0.11 19.97 -14.05
N ALA C 54 -0.73 19.95 -12.88
CA ALA C 54 -1.06 18.70 -12.22
C ALA C 54 -2.22 18.00 -12.93
N VAL C 55 -2.15 16.67 -12.95
CA VAL C 55 -3.28 15.89 -13.45
C VAL C 55 -4.49 16.16 -12.57
N ASN C 56 -5.63 16.44 -13.21
CA ASN C 56 -6.87 16.73 -12.50
C ASN C 56 -8.02 16.07 -13.25
N SER C 57 -9.24 16.33 -12.77
CA SER C 57 -10.41 15.67 -13.34
C SER C 57 -10.74 16.17 -14.74
N SER C 58 -10.12 17.26 -15.19
CA SER C 58 -10.30 17.76 -16.55
C SER C 58 -9.20 17.30 -17.50
N THR C 59 -8.16 16.63 -16.99
CA THR C 59 -7.05 16.21 -17.85
C THR C 59 -7.52 15.20 -18.87
N ILE C 60 -7.17 15.43 -20.14
CA ILE C 60 -7.54 14.58 -21.26
C ILE C 60 -6.36 13.69 -21.61
N PHE C 61 -6.60 12.38 -21.67
CA PHE C 61 -5.60 11.38 -22.00
C PHE C 61 -5.91 10.71 -23.33
N GLU C 62 -4.86 10.32 -24.05
CA GLU C 62 -5.02 9.48 -25.24
C GLU C 62 -5.31 8.05 -24.81
N LEU C 63 -6.39 7.48 -25.33
CA LEU C 63 -6.81 6.15 -24.90
C LEU C 63 -6.12 5.03 -25.67
N GLY C 64 -5.44 5.34 -26.77
CA GLY C 64 -4.81 4.29 -27.55
C GLY C 64 -5.83 3.32 -28.09
N SER C 65 -5.50 2.03 -28.01
CA SER C 65 -6.34 0.98 -28.54
C SER C 65 -7.65 0.80 -27.77
N VAL C 66 -7.79 1.43 -26.60
CA VAL C 66 -9.08 1.46 -25.92
C VAL C 66 -10.10 2.23 -26.76
N SER C 67 -9.64 3.05 -27.71
CA SER C 67 -10.53 3.68 -28.67
C SER C 67 -11.36 2.66 -29.43
N LYS C 68 -10.85 1.43 -29.59
CA LYS C 68 -11.59 0.41 -30.32
C LYS C 68 -12.90 0.06 -29.62
N LEU C 69 -12.98 0.28 -28.31
CA LEU C 69 -14.23 0.01 -27.59
C LEU C 69 -15.32 1.00 -28.00
N PHE C 70 -14.96 2.25 -28.28
CA PHE C 70 -15.93 3.19 -28.80
C PHE C 70 -16.29 2.89 -30.25
N THR C 71 -15.32 2.42 -31.05
CA THR C 71 -15.64 1.99 -32.40
C THR C 71 -16.59 0.80 -32.38
N ALA C 72 -16.37 -0.13 -31.46
CA ALA C 72 -17.25 -1.28 -31.31
C ALA C 72 -18.63 -0.85 -30.82
N THR C 73 -18.69 0.12 -29.91
CA THR C 73 -19.98 0.63 -29.46
C THR C 73 -20.72 1.31 -30.61
N ALA C 74 -20.01 2.11 -31.40
CA ALA C 74 -20.63 2.74 -32.56
C ALA C 74 -21.02 1.72 -33.62
N GLY C 75 -20.25 0.63 -33.74
CA GLY C 75 -20.65 -0.45 -34.63
C GLY C 75 -21.90 -1.15 -34.16
N GLY C 76 -21.98 -1.45 -32.86
CA GLY C 76 -23.19 -2.06 -32.33
C GLY C 76 -24.38 -1.11 -32.33
N TYR C 77 -24.12 0.20 -32.28
CA TYR C 77 -25.18 1.18 -32.36
C TYR C 77 -25.81 1.20 -33.76
N ALA C 78 -24.95 1.26 -34.80
CA ALA C 78 -25.45 1.26 -36.17
C ALA C 78 -26.13 -0.06 -36.53
N LYS C 79 -25.86 -1.13 -35.79
CA LYS C 79 -26.52 -2.41 -36.04
C LYS C 79 -27.97 -2.39 -35.55
N ASN C 80 -28.21 -1.83 -34.37
CA ASN C 80 -29.56 -1.79 -33.82
C ASN C 80 -30.49 -0.88 -34.60
N LYS C 81 -29.94 0.05 -35.38
CA LYS C 81 -30.75 0.93 -36.21
C LYS C 81 -30.81 0.48 -37.66
N GLY C 82 -30.34 -0.74 -37.95
CA GLY C 82 -30.38 -1.26 -39.31
C GLY C 82 -29.47 -0.55 -40.28
N LYS C 83 -28.58 0.33 -39.81
CA LYS C 83 -27.67 1.02 -40.73
C LYS C 83 -26.65 0.06 -41.31
N ILE C 84 -26.28 -0.99 -40.58
CA ILE C 84 -25.33 -1.99 -41.05
C ILE C 84 -25.80 -3.37 -40.61
N SER C 85 -25.33 -4.38 -41.33
CA SER C 85 -25.45 -5.77 -40.94
C SER C 85 -24.05 -6.35 -40.78
N PHE C 86 -23.89 -7.27 -39.83
CA PHE C 86 -22.58 -7.86 -39.59
C PHE C 86 -22.13 -8.79 -40.71
N ASP C 87 -22.96 -9.02 -41.72
CA ASP C 87 -22.57 -9.80 -42.88
C ASP C 87 -22.27 -8.93 -44.09
N ASP C 88 -22.57 -7.63 -44.04
CA ASP C 88 -22.28 -6.73 -45.15
C ASP C 88 -20.77 -6.63 -45.37
N THR C 89 -20.40 -6.05 -46.51
CA THR C 89 -19.01 -5.90 -46.89
C THR C 89 -18.65 -4.42 -47.02
N PRO C 90 -17.37 -4.07 -46.84
CA PRO C 90 -17.01 -2.64 -46.87
C PRO C 90 -17.27 -1.96 -48.20
N GLY C 91 -17.20 -2.68 -49.31
CA GLY C 91 -17.51 -2.11 -50.60
C GLY C 91 -18.96 -1.70 -50.76
N LYS C 92 -19.85 -2.23 -49.90
CA LYS C 92 -21.25 -1.84 -49.96
C LYS C 92 -21.44 -0.38 -49.55
N TYR C 93 -20.53 0.17 -48.74
CA TYR C 93 -20.62 1.53 -48.26
C TYR C 93 -19.53 2.44 -48.82
N TRP C 94 -18.29 1.96 -48.88
CA TRP C 94 -17.22 2.67 -49.61
C TRP C 94 -17.32 2.24 -51.06
N LYS C 95 -18.01 3.04 -51.88
CA LYS C 95 -18.38 2.61 -53.22
C LYS C 95 -17.17 2.27 -54.08
N VAL C 96 -16.06 2.97 -53.89
CA VAL C 96 -14.86 2.72 -54.69
C VAL C 96 -14.20 1.38 -54.38
N LEU C 97 -14.65 0.70 -53.33
CA LEU C 97 -14.10 -0.61 -52.98
C LEU C 97 -15.03 -1.76 -53.36
N LYS C 98 -16.16 -1.47 -54.00
CA LYS C 98 -17.04 -2.54 -54.48
C LYS C 98 -16.36 -3.31 -55.61
N ASN C 99 -16.67 -4.61 -55.67
CA ASN C 99 -16.15 -5.50 -56.71
C ASN C 99 -14.63 -5.60 -56.66
N THR C 100 -14.11 -5.75 -55.45
CA THR C 100 -12.67 -5.85 -55.18
C THR C 100 -12.41 -7.01 -54.24
N PRO C 101 -11.18 -7.52 -54.21
CA PRO C 101 -10.86 -8.60 -53.24
C PRO C 101 -11.13 -8.22 -51.79
N ILE C 102 -11.08 -6.94 -51.44
CA ILE C 102 -11.44 -6.54 -50.08
C ILE C 102 -12.95 -6.62 -49.85
N ASP C 103 -13.73 -6.61 -50.93
CA ASP C 103 -15.19 -6.70 -50.84
C ASP C 103 -15.67 -8.11 -50.48
N GLN C 104 -14.76 -9.05 -50.29
N GLN C 104 -14.77 -9.06 -50.29
CA GLN C 104 -15.11 -10.42 -49.92
CA GLN C 104 -15.16 -10.42 -49.91
C GLN C 104 -15.18 -10.63 -48.41
C GLN C 104 -15.11 -10.67 -48.42
N VAL C 105 -14.62 -9.72 -47.64
CA VAL C 105 -14.60 -9.81 -46.18
C VAL C 105 -15.82 -9.07 -45.64
N ASN C 106 -16.46 -9.64 -44.61
CA ASN C 106 -17.62 -8.98 -44.02
C ASN C 106 -17.19 -8.03 -42.90
N LEU C 107 -18.16 -7.33 -42.33
CA LEU C 107 -17.87 -6.28 -41.36
C LEU C 107 -17.44 -6.86 -40.02
N LEU C 108 -18.07 -7.95 -39.59
CA LEU C 108 -17.68 -8.54 -38.30
C LEU C 108 -16.24 -9.04 -38.33
N GLN C 109 -15.78 -9.54 -39.48
CA GLN C 109 -14.40 -10.00 -39.59
C GLN C 109 -13.43 -8.83 -39.50
N LEU C 110 -13.76 -7.69 -40.12
CA LEU C 110 -12.90 -6.52 -40.02
C LEU C 110 -12.82 -6.01 -38.59
N ALA C 111 -13.92 -6.12 -37.83
CA ALA C 111 -13.94 -5.65 -36.45
C ALA C 111 -13.33 -6.65 -35.47
N THR C 112 -13.16 -7.90 -35.89
CA THR C 112 -12.59 -8.94 -35.02
C THR C 112 -11.26 -9.46 -35.55
N TYR C 113 -10.61 -8.72 -36.45
CA TYR C 113 -9.23 -8.96 -36.87
C TYR C 113 -9.03 -10.24 -37.66
N THR C 114 -10.09 -10.78 -38.29
CA THR C 114 -9.95 -12.05 -38.99
C THR C 114 -10.11 -11.88 -40.50
N SER C 115 -9.26 -11.05 -41.11
CA SER C 115 -9.30 -10.86 -42.56
C SER C 115 -8.34 -11.78 -43.30
N GLY C 116 -7.30 -12.27 -42.64
CA GLY C 116 -6.33 -13.16 -43.24
C GLY C 116 -5.07 -12.50 -43.74
N ASN C 117 -5.08 -11.17 -43.93
CA ASN C 117 -3.91 -10.48 -44.43
C ASN C 117 -3.95 -9.00 -44.06
N LEU C 118 -3.93 -8.69 -42.78
CA LEU C 118 -3.89 -7.31 -42.30
C LEU C 118 -3.04 -7.28 -41.04
N ALA C 119 -1.85 -6.71 -41.15
CA ALA C 119 -0.93 -6.65 -40.02
C ALA C 119 -1.39 -5.58 -39.02
N LEU C 120 -0.63 -5.46 -37.93
CA LEU C 120 -1.00 -4.54 -36.86
C LEU C 120 -1.12 -3.11 -37.35
N GLN C 121 -0.25 -2.70 -38.27
CA GLN C 121 -0.24 -1.35 -38.78
C GLN C 121 -0.20 -1.38 -40.31
N PHE C 122 -0.53 -0.23 -40.90
CA PHE C 122 -0.33 -0.03 -42.33
C PHE C 122 1.17 -0.05 -42.64
N PRO C 123 1.52 -0.29 -43.90
CA PRO C 123 2.92 -0.08 -44.33
C PRO C 123 3.34 1.37 -44.12
N ASP C 124 4.63 1.57 -43.86
CA ASP C 124 5.14 2.90 -43.56
C ASP C 124 4.94 3.88 -44.72
N GLU C 125 4.83 3.38 -45.95
CA GLU C 125 4.63 4.25 -47.10
C GLU C 125 3.19 4.70 -47.26
N VAL C 126 2.25 4.17 -46.47
CA VAL C 126 0.84 4.51 -46.56
C VAL C 126 0.58 5.70 -45.64
N GLN C 127 0.33 6.87 -46.24
CA GLN C 127 0.15 8.09 -45.46
C GLN C 127 -1.10 8.86 -45.89
N THR C 128 -1.14 9.31 -47.14
CA THR C 128 -2.21 10.16 -47.61
C THR C 128 -3.52 9.38 -47.77
N ASP C 129 -4.61 10.11 -48.02
CA ASP C 129 -5.90 9.48 -48.23
C ASP C 129 -5.89 8.58 -49.46
N GLN C 130 -5.25 9.03 -50.55
CA GLN C 130 -5.19 8.23 -51.77
C GLN C 130 -4.35 6.97 -51.56
N GLN C 131 -3.25 7.09 -50.81
CA GLN C 131 -2.43 5.91 -50.54
C GLN C 131 -3.19 4.90 -49.69
N VAL C 132 -4.01 5.37 -48.75
CA VAL C 132 -4.84 4.48 -47.95
C VAL C 132 -5.84 3.75 -48.83
N LEU C 133 -6.53 4.50 -49.70
CA LEU C 133 -7.50 3.89 -50.60
C LEU C 133 -6.82 2.94 -51.58
N THR C 134 -5.62 3.29 -52.05
CA THR C 134 -4.89 2.41 -52.96
C THR C 134 -4.51 1.10 -52.28
N PHE C 135 -4.24 1.14 -50.98
CA PHE C 135 -3.86 -0.06 -50.25
C PHE C 135 -5.00 -1.08 -50.22
N PHE C 136 -6.24 -0.61 -50.13
CA PHE C 136 -7.38 -1.52 -50.04
C PHE C 136 -7.87 -1.98 -51.40
N LYS C 137 -7.61 -1.21 -52.47
CA LYS C 137 -7.97 -1.68 -53.81
C LYS C 137 -7.03 -2.79 -54.25
N ASP C 138 -5.73 -2.66 -53.97
CA ASP C 138 -4.74 -3.66 -54.34
C ASP C 138 -4.59 -4.75 -53.28
N TRP C 139 -5.33 -4.67 -52.18
CA TRP C 139 -5.27 -5.70 -51.15
C TRP C 139 -5.84 -7.01 -51.68
N LYS C 140 -5.20 -8.12 -51.31
CA LYS C 140 -5.65 -9.45 -51.69
C LYS C 140 -5.54 -10.37 -50.49
N PRO C 141 -6.42 -11.36 -50.37
CA PRO C 141 -6.41 -12.25 -49.21
C PRO C 141 -5.17 -13.14 -49.19
N LYS C 142 -4.94 -13.74 -48.03
CA LYS C 142 -3.84 -14.67 -47.84
C LYS C 142 -4.33 -15.90 -47.08
N ASN C 143 -4.51 -15.76 -45.78
CA ASN C 143 -5.07 -16.83 -44.97
C ASN C 143 -6.57 -16.98 -45.27
N PRO C 144 -7.15 -18.14 -44.97
CA PRO C 144 -8.59 -18.30 -45.16
C PRO C 144 -9.38 -17.28 -44.34
N ILE C 145 -10.29 -16.59 -45.02
CA ILE C 145 -11.01 -15.48 -44.40
C ILE C 145 -11.88 -15.98 -43.26
N GLY C 146 -11.76 -15.33 -42.10
CA GLY C 146 -12.57 -15.67 -40.94
C GLY C 146 -12.01 -16.75 -40.06
N GLU C 147 -10.73 -17.10 -40.20
CA GLU C 147 -10.14 -18.16 -39.41
C GLU C 147 -8.98 -17.72 -38.54
N TYR C 148 -8.17 -16.76 -39.00
CA TYR C 148 -6.97 -16.34 -38.29
C TYR C 148 -7.14 -14.94 -37.72
N ARG C 149 -6.88 -14.79 -36.43
CA ARG C 149 -7.00 -13.51 -35.74
C ARG C 149 -5.65 -12.79 -35.74
N GLN C 150 -5.57 -11.70 -36.47
CA GLN C 150 -4.37 -10.85 -36.51
C GLN C 150 -4.77 -9.46 -35.99
N TYR C 151 -4.47 -9.19 -34.72
CA TYR C 151 -4.75 -7.90 -34.10
C TYR C 151 -4.26 -6.76 -34.98
N SER C 152 -5.19 -5.99 -35.54
CA SER C 152 -4.88 -5.05 -36.62
C SER C 152 -5.61 -3.74 -36.44
N ASN C 153 -4.89 -2.63 -36.68
CA ASN C 153 -5.49 -1.30 -36.70
C ASN C 153 -6.13 -0.99 -38.05
N PRO C 154 -5.51 -1.35 -39.19
CA PRO C 154 -6.22 -1.19 -40.46
C PRO C 154 -7.52 -1.97 -40.53
N SER C 155 -7.61 -3.10 -39.84
CA SER C 155 -8.83 -3.92 -39.89
C SER C 155 -10.01 -3.17 -39.29
N ILE C 156 -9.94 -2.86 -37.99
N ILE C 156 -9.95 -2.88 -37.99
CA ILE C 156 -11.04 -2.16 -37.35
CA ILE C 156 -11.04 -2.14 -37.34
C ILE C 156 -11.13 -0.71 -37.82
C ILE C 156 -11.16 -0.75 -37.92
N GLY C 157 -10.05 -0.17 -38.39
CA GLY C 157 -10.10 1.17 -38.95
C GLY C 157 -11.04 1.27 -40.14
N LEU C 158 -10.96 0.31 -41.06
CA LEU C 158 -11.91 0.27 -42.17
C LEU C 158 -13.32 0.01 -41.66
N PHE C 159 -13.46 -0.86 -40.66
CA PHE C 159 -14.77 -1.11 -40.06
C PHE C 159 -15.38 0.17 -39.52
N GLY C 160 -14.58 1.01 -38.86
CA GLY C 160 -15.09 2.28 -38.39
C GLY C 160 -15.45 3.22 -39.53
N LYS C 161 -14.61 3.25 -40.56
CA LYS C 161 -14.92 4.06 -41.74
C LYS C 161 -16.24 3.64 -42.38
N VAL C 162 -16.55 2.34 -42.35
CA VAL C 162 -17.82 1.85 -42.88
C VAL C 162 -18.98 2.33 -42.03
N VAL C 163 -18.87 2.18 -40.71
CA VAL C 163 -19.93 2.63 -39.81
C VAL C 163 -20.18 4.13 -39.99
N ALA C 164 -19.11 4.90 -40.20
CA ALA C 164 -19.27 6.33 -40.46
C ALA C 164 -20.00 6.58 -41.77
N LEU C 165 -19.62 5.87 -42.84
CA LEU C 165 -20.27 6.05 -44.13
C LEU C 165 -21.74 5.65 -44.08
N SER C 166 -22.04 4.55 -43.37
CA SER C 166 -23.42 4.08 -43.29
C SER C 166 -24.33 5.05 -42.54
N MET C 167 -23.76 5.92 -41.71
CA MET C 167 -24.53 6.92 -40.99
C MET C 167 -24.43 8.31 -41.60
N ASN C 168 -23.80 8.42 -42.79
CA ASN C 168 -23.70 9.68 -43.53
C ASN C 168 -23.02 10.77 -42.70
N LYS C 169 -22.00 10.38 -41.96
CA LYS C 169 -21.25 11.29 -41.10
C LYS C 169 -19.80 10.86 -41.07
N PRO C 170 -18.87 11.80 -40.98
CA PRO C 170 -17.47 11.43 -40.72
C PRO C 170 -17.34 10.80 -39.34
N PHE C 171 -16.29 9.99 -39.18
CA PHE C 171 -16.18 9.17 -37.97
C PHE C 171 -16.08 10.02 -36.72
N ASP C 172 -15.37 11.15 -36.80
CA ASP C 172 -15.25 12.02 -35.64
C ASP C 172 -16.62 12.54 -35.19
N GLN C 173 -17.51 12.81 -36.15
CA GLN C 173 -18.85 13.27 -35.80
C GLN C 173 -19.75 12.12 -35.35
N VAL C 174 -19.51 10.90 -35.83
CA VAL C 174 -20.26 9.75 -35.34
C VAL C 174 -20.09 9.58 -33.84
N LEU C 175 -18.85 9.71 -33.35
CA LEU C 175 -18.62 9.56 -31.93
C LEU C 175 -18.99 10.83 -31.16
N GLU C 176 -18.55 11.99 -31.66
CA GLU C 176 -18.73 13.21 -30.90
C GLU C 176 -20.18 13.69 -30.88
N LYS C 177 -20.94 13.43 -31.95
CA LYS C 177 -22.33 13.90 -32.03
C LYS C 177 -23.35 12.84 -31.64
N THR C 178 -23.01 11.56 -31.69
CA THR C 178 -23.97 10.50 -31.40
C THR C 178 -23.54 9.63 -30.23
N ILE C 179 -22.41 8.93 -30.33
CA ILE C 179 -22.06 7.90 -29.36
C ILE C 179 -21.69 8.52 -28.01
N PHE C 180 -20.78 9.51 -28.02
CA PHE C 180 -20.37 10.14 -26.77
C PHE C 180 -21.53 10.78 -26.02
N PRO C 181 -22.40 11.58 -26.64
CA PRO C 181 -23.52 12.14 -25.86
C PRO C 181 -24.54 11.08 -25.44
N ALA C 182 -24.68 10.00 -26.20
CA ALA C 182 -25.57 8.93 -25.79
C ALA C 182 -25.10 8.26 -24.51
N LEU C 183 -23.79 8.24 -24.26
CA LEU C 183 -23.22 7.65 -23.06
C LEU C 183 -23.07 8.65 -21.93
N GLY C 184 -23.43 9.91 -22.15
CA GLY C 184 -23.25 10.93 -21.13
C GLY C 184 -21.86 11.51 -21.04
N LEU C 185 -21.02 11.29 -22.04
CA LEU C 185 -19.64 11.76 -21.98
C LEU C 185 -19.56 13.22 -22.42
N LYS C 186 -18.89 14.04 -21.60
CA LYS C 186 -18.81 15.48 -21.82
C LYS C 186 -17.48 15.94 -22.39
N HIS C 187 -16.39 15.21 -22.14
CA HIS C 187 -15.06 15.65 -22.55
C HIS C 187 -14.28 14.51 -23.18
N SER C 188 -14.93 13.77 -24.06
CA SER C 188 -14.28 12.74 -24.86
C SER C 188 -14.27 13.21 -26.31
N TYR C 189 -13.14 13.03 -26.98
CA TYR C 189 -12.97 13.62 -28.29
C TYR C 189 -12.22 12.68 -29.23
N VAL C 190 -12.50 12.84 -30.53
CA VAL C 190 -11.58 12.43 -31.58
C VAL C 190 -10.66 13.58 -31.97
N ASN C 191 -11.20 14.81 -32.00
CA ASN C 191 -10.44 16.01 -32.24
C ASN C 191 -10.63 16.94 -31.04
N VAL C 192 -9.55 17.16 -30.29
CA VAL C 192 -9.65 18.02 -29.10
C VAL C 192 -9.86 19.46 -29.54
N PRO C 193 -10.88 20.15 -29.01
CA PRO C 193 -11.10 21.55 -29.39
C PRO C 193 -10.04 22.47 -28.81
N LYS C 194 -10.00 23.69 -29.37
CA LYS C 194 -9.05 24.69 -28.92
C LYS C 194 -9.27 25.06 -27.45
N THR C 195 -10.53 25.12 -27.03
CA THR C 195 -10.86 25.44 -25.65
C THR C 195 -10.43 24.36 -24.66
N GLN C 196 -10.11 23.16 -25.14
CA GLN C 196 -9.69 22.06 -24.28
C GLN C 196 -8.23 21.70 -24.43
N MET C 197 -7.49 22.41 -25.29
CA MET C 197 -6.06 22.11 -25.45
C MET C 197 -5.30 22.35 -24.15
N GLN C 198 -5.77 23.28 -23.31
CA GLN C 198 -5.15 23.53 -22.01
C GLN C 198 -5.30 22.35 -21.07
N ASN C 199 -6.24 21.45 -21.33
CA ASN C 199 -6.45 20.24 -20.54
C ASN C 199 -5.92 18.99 -21.21
N TYR C 200 -5.39 19.10 -22.43
CA TYR C 200 -4.91 17.94 -23.18
C TYR C 200 -3.51 17.61 -22.71
N ALA C 201 -3.36 16.50 -22.00
CA ALA C 201 -2.06 16.07 -21.54
C ALA C 201 -1.14 15.77 -22.73
N PHE C 202 0.15 15.94 -22.52
CA PHE C 202 1.14 15.45 -23.44
C PHE C 202 1.55 14.05 -23.03
N GLY C 203 1.86 13.22 -24.03
CA GLY C 203 2.47 11.94 -23.75
C GLY C 203 3.98 12.07 -23.67
N TYR C 204 4.61 11.04 -23.10
CA TYR C 204 6.06 11.04 -22.94
C TYR C 204 6.58 9.68 -23.33
N ASN C 205 7.60 9.66 -24.20
CA ASN C 205 8.14 8.41 -24.72
C ASN C 205 9.08 7.80 -23.68
N GLN C 206 9.80 6.75 -24.07
CA GLN C 206 10.69 6.09 -23.13
C GLN C 206 11.85 6.97 -22.70
N GLU C 207 12.18 8.00 -23.48
CA GLU C 207 13.20 8.97 -23.11
C GLU C 207 12.61 10.20 -22.43
N ASN C 208 11.33 10.15 -22.07
CA ASN C 208 10.64 11.25 -21.36
C ASN C 208 10.64 12.53 -22.19
N GLN C 209 10.51 12.38 -23.50
CA GLN C 209 10.27 13.56 -24.32
C GLN C 209 8.80 13.64 -24.69
N PRO C 210 8.24 14.85 -24.75
CA PRO C 210 6.81 14.99 -25.06
C PRO C 210 6.48 14.49 -26.45
N ILE C 211 5.34 13.82 -26.58
CA ILE C 211 4.90 13.28 -27.86
C ILE C 211 3.37 13.21 -27.84
N ARG C 212 2.77 13.46 -29.00
CA ARG C 212 1.33 13.49 -29.14
C ARG C 212 0.95 12.72 -30.40
N VAL C 213 -0.09 11.87 -30.28
CA VAL C 213 -0.49 11.03 -31.41
C VAL C 213 -0.99 11.91 -32.56
N ASN C 214 -0.68 11.50 -33.79
CA ASN C 214 -1.12 12.23 -34.98
C ASN C 214 -1.82 11.28 -35.95
N PRO C 215 -3.00 10.78 -35.57
CA PRO C 215 -3.66 9.75 -36.38
C PRO C 215 -4.27 10.32 -37.65
N GLY C 216 -4.33 9.47 -38.68
CA GLY C 216 -4.99 9.81 -39.91
C GLY C 216 -6.48 9.55 -39.82
N PRO C 217 -7.17 9.61 -40.97
CA PRO C 217 -8.61 9.34 -40.96
C PRO C 217 -8.96 7.89 -40.68
N LEU C 218 -8.13 6.96 -41.11
CA LEU C 218 -8.36 5.54 -40.86
C LEU C 218 -7.65 5.03 -39.61
N ASP C 219 -7.01 5.91 -38.87
CA ASP C 219 -6.42 5.54 -37.58
C ASP C 219 -7.28 5.94 -36.40
N ALA C 220 -8.13 6.97 -36.56
CA ALA C 220 -9.00 7.39 -35.46
C ALA C 220 -9.89 6.26 -34.94
N PRO C 221 -10.56 5.45 -35.79
CA PRO C 221 -11.35 4.33 -35.24
C PRO C 221 -10.50 3.24 -34.62
N ALA C 222 -9.17 3.30 -34.75
CA ALA C 222 -8.27 2.33 -34.15
C ALA C 222 -7.66 2.80 -32.84
N TYR C 223 -7.28 4.07 -32.75
CA TYR C 223 -6.61 4.57 -31.55
C TYR C 223 -6.65 6.10 -31.45
N GLY C 224 -7.71 6.72 -31.95
CA GLY C 224 -7.79 8.17 -32.03
C GLY C 224 -8.62 8.88 -30.98
N VAL C 225 -9.13 8.16 -29.98
CA VAL C 225 -10.03 8.76 -29.00
C VAL C 225 -9.24 9.25 -27.79
N LYS C 226 -9.62 10.42 -27.29
CA LYS C 226 -9.05 11.02 -26.09
C LYS C 226 -10.18 11.31 -25.11
N SER C 227 -9.92 11.13 -23.82
CA SER C 227 -10.98 11.22 -22.82
C SER C 227 -10.38 11.53 -21.46
N THR C 228 -11.26 11.88 -20.53
CA THR C 228 -10.91 12.15 -19.14
C THR C 228 -11.26 10.96 -18.27
N LEU C 229 -10.72 10.96 -17.05
CA LEU C 229 -11.06 9.90 -16.10
C LEU C 229 -12.55 9.91 -15.73
N PRO C 230 -13.18 11.04 -15.41
CA PRO C 230 -14.62 11.00 -15.13
C PRO C 230 -15.43 10.43 -16.29
N ASP C 231 -15.08 10.77 -17.53
CA ASP C 231 -15.81 10.23 -18.67
C ASP C 231 -15.61 8.72 -18.77
N MET C 232 -14.37 8.25 -18.62
CA MET C 232 -14.14 6.81 -18.70
C MET C 232 -14.87 6.08 -17.57
N LEU C 233 -14.96 6.70 -16.38
CA LEU C 233 -15.74 6.09 -15.31
C LEU C 233 -17.22 6.03 -15.67
N SER C 234 -17.72 7.05 -16.38
CA SER C 234 -19.10 6.98 -16.87
C SER C 234 -19.25 5.91 -17.94
N PHE C 235 -18.24 5.75 -18.78
CA PHE C 235 -18.27 4.70 -19.80
C PHE C 235 -18.31 3.31 -19.15
N ILE C 236 -17.53 3.11 -18.09
CA ILE C 236 -17.57 1.84 -17.37
C ILE C 236 -18.92 1.66 -16.69
N HIS C 237 -19.50 2.75 -16.21
CA HIS C 237 -20.84 2.69 -15.62
C HIS C 237 -21.86 2.20 -16.64
N ALA C 238 -21.78 2.71 -17.88
CA ALA C 238 -22.71 2.27 -18.91
C ALA C 238 -22.54 0.80 -19.24
N ASN C 239 -21.31 0.28 -19.17
CA ASN C 239 -21.09 -1.14 -19.40
C ASN C 239 -21.55 -1.99 -18.21
N LEU C 240 -21.42 -1.47 -16.99
CA LEU C 240 -21.86 -2.21 -15.81
C LEU C 240 -23.38 -2.20 -15.68
N ASN C 241 -24.03 -1.08 -16.00
CA ASN C 241 -25.48 -0.93 -15.86
C ASN C 241 -26.09 -0.41 -17.16
N PRO C 242 -26.06 -1.22 -18.22
CA PRO C 242 -26.66 -0.76 -19.48
C PRO C 242 -28.16 -0.56 -19.42
N GLN C 243 -28.86 -1.22 -18.49
CA GLN C 243 -30.30 -1.08 -18.38
C GLN C 243 -30.73 0.32 -17.95
N LYS C 244 -29.82 1.11 -17.37
CA LYS C 244 -30.12 2.48 -16.98
C LYS C 244 -30.22 3.43 -18.16
N TYR C 245 -29.96 2.96 -19.37
CA TYR C 245 -29.81 3.80 -20.55
C TYR C 245 -30.90 3.48 -21.58
N PRO C 246 -31.22 4.43 -22.45
CA PRO C 246 -32.21 4.15 -23.51
C PRO C 246 -31.76 3.00 -24.41
N ALA C 247 -32.73 2.38 -25.05
CA ALA C 247 -32.47 1.15 -25.82
C ALA C 247 -31.49 1.39 -26.96
N ASP C 248 -31.41 2.60 -27.48
CA ASP C 248 -30.51 2.87 -28.61
C ASP C 248 -29.06 2.60 -28.22
N ILE C 249 -28.65 3.03 -27.03
CA ILE C 249 -27.26 2.88 -26.61
C ILE C 249 -27.13 1.66 -25.71
N GLN C 250 -28.20 1.31 -25.00
CA GLN C 250 -28.18 0.13 -24.13
C GLN C 250 -27.90 -1.13 -24.94
N ARG C 251 -28.67 -1.34 -26.01
CA ARG C 251 -28.45 -2.52 -26.85
C ARG C 251 -27.14 -2.39 -27.63
N ALA C 252 -26.70 -1.17 -27.91
CA ALA C 252 -25.38 -0.99 -28.51
C ALA C 252 -24.28 -1.51 -27.60
N ILE C 253 -24.41 -1.27 -26.30
CA ILE C 253 -23.44 -1.78 -25.33
C ILE C 253 -23.52 -3.30 -25.25
N ASN C 254 -24.73 -3.85 -25.29
CA ASN C 254 -24.89 -5.29 -25.23
C ASN C 254 -24.26 -5.97 -26.45
N GLU C 255 -24.21 -5.28 -27.58
CA GLU C 255 -23.59 -5.86 -28.78
C GLU C 255 -22.09 -6.04 -28.61
N THR C 256 -21.47 -5.35 -27.66
CA THR C 256 -20.03 -5.46 -27.42
C THR C 256 -19.70 -6.41 -26.28
N HIS C 257 -20.69 -7.11 -25.73
CA HIS C 257 -20.48 -8.01 -24.62
C HIS C 257 -20.67 -9.48 -25.00
N GLN C 258 -20.62 -9.80 -26.30
CA GLN C 258 -20.84 -11.16 -26.78
C GLN C 258 -19.61 -11.61 -27.57
N GLY C 259 -18.95 -12.66 -27.08
CA GLY C 259 -17.81 -13.20 -27.80
C GLY C 259 -18.24 -13.90 -29.09
N PHE C 260 -17.35 -13.82 -30.09
CA PHE C 260 -17.59 -14.43 -31.40
C PHE C 260 -16.72 -15.65 -31.65
N TYR C 261 -15.46 -15.64 -31.22
CA TYR C 261 -14.59 -16.80 -31.29
C TYR C 261 -13.78 -16.87 -30.00
N GLN C 262 -12.79 -17.76 -29.96
CA GLN C 262 -12.01 -17.97 -28.76
C GLN C 262 -10.55 -18.20 -29.12
N VAL C 263 -9.66 -17.68 -28.28
CA VAL C 263 -8.22 -17.89 -28.40
C VAL C 263 -7.70 -18.19 -26.99
N ASN C 264 -7.39 -19.46 -26.73
CA ASN C 264 -6.93 -19.94 -25.42
C ASN C 264 -8.00 -19.59 -24.39
N THR C 265 -7.67 -18.85 -23.32
CA THR C 265 -8.65 -18.49 -22.29
C THR C 265 -9.28 -17.13 -22.53
N MET C 266 -9.24 -16.63 -23.76
CA MET C 266 -9.81 -15.32 -24.11
C MET C 266 -10.92 -15.48 -25.13
N TYR C 267 -12.03 -14.79 -24.90
CA TYR C 267 -13.14 -14.71 -25.85
C TYR C 267 -13.15 -13.31 -26.46
N GLN C 268 -13.02 -13.25 -27.79
CA GLN C 268 -12.97 -11.96 -28.48
C GLN C 268 -14.39 -11.47 -28.73
N ALA C 269 -14.83 -10.52 -27.90
CA ALA C 269 -16.11 -9.86 -28.10
C ALA C 269 -15.91 -8.71 -29.07
N LEU C 270 -16.94 -7.88 -29.24
CA LEU C 270 -16.83 -6.71 -30.12
C LEU C 270 -16.03 -5.64 -29.39
N GLY C 271 -14.74 -5.55 -29.68
CA GLY C 271 -13.86 -4.62 -29.02
C GLY C 271 -13.32 -5.14 -27.70
N TRP C 272 -14.21 -5.46 -26.77
CA TRP C 272 -13.81 -5.97 -25.46
C TRP C 272 -13.18 -7.35 -25.58
N GLU C 273 -12.37 -7.69 -24.57
CA GLU C 273 -11.84 -9.03 -24.40
C GLU C 273 -12.56 -9.69 -23.24
N GLU C 274 -13.13 -10.86 -23.49
CA GLU C 274 -14.03 -11.52 -22.55
C GLU C 274 -13.31 -12.69 -21.87
N PHE C 275 -13.54 -12.83 -20.56
CA PHE C 275 -12.92 -13.89 -19.78
C PHE C 275 -13.94 -14.46 -18.80
N SER C 276 -13.71 -15.71 -18.39
CA SER C 276 -14.57 -16.36 -17.40
C SER C 276 -14.25 -15.85 -16.00
N TYR C 277 -15.29 -15.48 -15.26
CA TYR C 277 -15.04 -14.98 -13.91
C TYR C 277 -15.39 -16.04 -12.88
N PRO C 278 -14.56 -16.24 -11.84
CA PRO C 278 -13.32 -15.51 -11.55
C PRO C 278 -12.18 -15.89 -12.47
N ALA C 279 -11.34 -14.92 -12.80
CA ALA C 279 -10.17 -15.13 -13.65
C ALA C 279 -8.91 -14.95 -12.83
N THR C 280 -7.95 -15.85 -13.01
CA THR C 280 -6.68 -15.73 -12.31
C THR C 280 -5.84 -14.62 -12.93
N LEU C 281 -4.83 -14.18 -12.18
CA LEU C 281 -3.94 -13.14 -12.69
C LEU C 281 -3.25 -13.57 -13.98
N GLN C 282 -2.84 -14.84 -14.06
CA GLN C 282 -2.12 -15.30 -15.25
C GLN C 282 -3.03 -15.36 -16.47
N THR C 283 -4.32 -15.66 -16.28
CA THR C 283 -5.25 -15.67 -17.41
C THR C 283 -5.37 -14.28 -18.04
N LEU C 284 -5.43 -13.24 -17.20
CA LEU C 284 -5.48 -11.88 -17.71
C LEU C 284 -4.16 -11.47 -18.35
N LEU C 285 -3.04 -11.89 -17.77
CA LEU C 285 -1.73 -11.55 -18.33
C LEU C 285 -1.52 -12.23 -19.67
N ASP C 286 -2.00 -13.46 -19.83
CA ASP C 286 -1.80 -14.20 -21.08
C ASP C 286 -2.51 -13.54 -22.25
N SER C 287 -3.55 -12.74 -22.01
CA SER C 287 -4.27 -12.10 -23.09
C SER C 287 -3.42 -11.04 -23.79
N ASN C 288 -2.42 -10.49 -23.09
CA ASN C 288 -1.56 -9.45 -23.63
C ASN C 288 -0.14 -9.96 -23.88
N SER C 289 0.02 -11.26 -24.08
CA SER C 289 1.31 -11.81 -24.43
C SER C 289 1.68 -11.45 -25.86
N GLU C 290 2.97 -11.57 -26.18
CA GLU C 290 3.43 -11.27 -27.53
C GLU C 290 2.78 -12.17 -28.57
N GLN C 291 2.44 -13.40 -28.17
CA GLN C 291 1.83 -14.34 -29.12
C GLN C 291 0.43 -13.88 -29.53
N ILE C 292 -0.35 -13.37 -28.59
CA ILE C 292 -1.71 -12.94 -28.89
C ILE C 292 -1.71 -11.64 -29.69
N VAL C 293 -0.90 -10.67 -29.26
CA VAL C 293 -0.99 -9.32 -29.82
C VAL C 293 -0.36 -9.25 -31.21
N MET C 294 0.82 -9.84 -31.36
CA MET C 294 1.61 -9.64 -32.57
C MET C 294 1.43 -10.75 -33.61
N LYS C 295 1.22 -11.98 -33.19
CA LYS C 295 1.20 -13.04 -34.18
C LYS C 295 -0.23 -13.41 -34.56
N PRO C 296 -0.45 -13.85 -35.80
CA PRO C 296 -1.78 -14.37 -36.16
C PRO C 296 -2.03 -15.72 -35.53
N ASN C 297 -3.30 -16.01 -35.30
CA ASN C 297 -3.70 -17.26 -34.64
C ASN C 297 -5.02 -17.74 -35.22
N LYS C 298 -5.07 -19.00 -35.61
CA LYS C 298 -6.33 -19.61 -36.05
C LYS C 298 -7.29 -19.68 -34.87
N VAL C 299 -8.53 -19.30 -35.10
CA VAL C 299 -9.50 -19.17 -34.02
C VAL C 299 -10.28 -20.46 -33.87
N THR C 300 -10.86 -20.64 -32.68
CA THR C 300 -11.67 -21.81 -32.37
C THR C 300 -13.08 -21.36 -32.01
N ALA C 301 -14.08 -22.08 -32.51
CA ALA C 301 -15.47 -21.72 -32.24
C ALA C 301 -15.81 -21.91 -30.77
N ILE C 302 -16.67 -21.04 -30.27
CA ILE C 302 -17.09 -21.09 -28.87
C ILE C 302 -18.12 -22.19 -28.68
N SER C 303 -17.88 -23.06 -27.70
CA SER C 303 -18.82 -24.14 -27.36
C SER C 303 -19.73 -23.74 -26.22
N LYS C 304 -19.17 -23.46 -25.05
CA LYS C 304 -19.93 -23.07 -23.87
C LYS C 304 -19.76 -21.58 -23.62
N GLU C 305 -20.85 -20.83 -23.73
CA GLU C 305 -20.80 -19.41 -23.42
C GLU C 305 -20.63 -19.23 -21.92
N PRO C 306 -19.56 -18.57 -21.47
CA PRO C 306 -19.32 -18.46 -20.01
C PRO C 306 -20.46 -17.74 -19.32
N SER C 307 -20.92 -18.32 -18.23
CA SER C 307 -22.05 -17.75 -17.49
C SER C 307 -21.65 -16.44 -16.83
N VAL C 308 -20.67 -16.48 -15.93
CA VAL C 308 -20.15 -15.29 -15.27
C VAL C 308 -18.90 -14.84 -16.02
N LYS C 309 -18.88 -13.57 -16.43
CA LYS C 309 -17.84 -13.05 -17.31
C LYS C 309 -17.29 -11.73 -16.76
N MET C 310 -16.06 -11.43 -17.17
CA MET C 310 -15.45 -10.13 -16.95
C MET C 310 -14.79 -9.68 -18.25
N TYR C 311 -14.45 -8.39 -18.31
CA TYR C 311 -13.93 -7.77 -19.51
C TYR C 311 -12.81 -6.80 -19.17
N HIS C 312 -11.83 -6.71 -20.06
CA HIS C 312 -10.80 -5.69 -19.95
C HIS C 312 -10.30 -5.35 -21.34
N LYS C 313 -9.45 -4.32 -21.40
CA LYS C 313 -8.83 -3.90 -22.65
C LYS C 313 -7.65 -2.99 -22.33
N THR C 314 -6.49 -3.30 -22.88
CA THR C 314 -5.34 -2.43 -22.76
C THR C 314 -5.25 -1.53 -23.98
N GLY C 315 -4.65 -0.36 -23.79
CA GLY C 315 -4.45 0.56 -24.89
C GLY C 315 -3.21 1.39 -24.65
N SER C 316 -2.54 1.76 -25.74
CA SER C 316 -1.32 2.55 -25.63
C SER C 316 -1.10 3.31 -26.93
N THR C 317 -0.68 4.57 -26.81
CA THR C 317 -0.07 5.28 -27.91
C THR C 317 1.43 5.29 -27.68
N ASN C 318 2.16 6.13 -28.42
CA ASN C 318 3.59 6.22 -28.18
C ASN C 318 3.93 6.90 -26.86
N GLY C 319 2.97 7.62 -26.28
CA GLY C 319 3.23 8.33 -25.04
C GLY C 319 2.20 8.11 -23.95
N PHE C 320 1.25 7.20 -24.13
CA PHE C 320 0.17 7.02 -23.16
C PHE C 320 -0.05 5.53 -22.89
N GLY C 321 -0.51 5.24 -21.69
CA GLY C 321 -0.97 3.90 -21.34
C GLY C 321 -2.37 3.95 -20.79
N THR C 322 -3.16 2.92 -21.10
CA THR C 322 -4.56 2.85 -20.70
C THR C 322 -4.92 1.42 -20.31
N TYR C 323 -5.77 1.30 -19.29
CA TYR C 323 -6.31 0.00 -18.92
C TYR C 323 -7.71 0.20 -18.34
N VAL C 324 -8.68 -0.51 -18.90
CA VAL C 324 -10.05 -0.52 -18.40
C VAL C 324 -10.44 -1.96 -18.13
N VAL C 325 -11.24 -2.15 -17.08
CA VAL C 325 -11.68 -3.48 -16.67
C VAL C 325 -12.93 -3.31 -15.83
N PHE C 326 -13.88 -4.24 -15.99
CA PHE C 326 -15.08 -4.20 -15.16
C PHE C 326 -15.61 -5.61 -14.98
N ILE C 327 -16.26 -5.83 -13.84
CA ILE C 327 -16.82 -7.14 -13.49
C ILE C 327 -18.30 -6.95 -13.19
N PRO C 328 -19.18 -7.41 -14.08
CA PRO C 328 -20.62 -7.14 -13.88
C PRO C 328 -21.19 -7.73 -12.60
N LYS C 329 -20.83 -8.98 -12.27
CA LYS C 329 -21.37 -9.60 -11.06
C LYS C 329 -20.97 -8.84 -9.81
N GLU C 330 -19.73 -8.34 -9.77
CA GLU C 330 -19.28 -7.53 -8.64
C GLU C 330 -19.72 -6.07 -8.74
N ASN C 331 -20.28 -5.65 -9.88
CA ASN C 331 -20.74 -4.27 -10.09
C ASN C 331 -19.61 -3.28 -9.80
N ILE C 332 -18.44 -3.55 -10.39
CA ILE C 332 -17.25 -2.76 -10.11
C ILE C 332 -16.41 -2.65 -11.37
N GLY C 333 -15.66 -1.56 -11.48
CA GLY C 333 -14.78 -1.34 -12.61
C GLY C 333 -13.60 -0.48 -12.21
N LEU C 334 -12.59 -0.46 -13.07
CA LEU C 334 -11.38 0.30 -12.83
C LEU C 334 -10.87 0.88 -14.14
N VAL C 335 -10.33 2.10 -14.06
CA VAL C 335 -9.74 2.78 -15.21
C VAL C 335 -8.37 3.30 -14.80
N MET C 336 -7.35 3.03 -15.63
CA MET C 336 -6.02 3.58 -15.44
C MET C 336 -5.61 4.36 -16.68
N LEU C 337 -5.19 5.60 -16.48
CA LEU C 337 -4.70 6.47 -17.55
C LEU C 337 -3.36 7.04 -17.12
N THR C 338 -2.36 6.90 -17.99
CA THR C 338 -1.02 7.42 -17.73
C THR C 338 -0.51 8.12 -18.97
N ASN C 339 0.18 9.27 -18.78
CA ASN C 339 0.82 9.94 -19.91
C ASN C 339 2.24 9.46 -20.12
N LYS C 340 2.49 8.18 -19.88
CA LYS C 340 3.68 7.48 -20.31
C LYS C 340 3.34 6.00 -20.34
N ARG C 341 3.78 5.31 -21.39
CA ARG C 341 3.45 3.90 -21.54
C ARG C 341 4.21 3.07 -20.52
N ILE C 342 3.51 2.16 -19.87
CA ILE C 342 4.11 1.20 -18.94
C ILE C 342 3.72 -0.19 -19.40
N PRO C 343 4.45 -1.23 -18.99
CA PRO C 343 4.14 -2.58 -19.47
C PRO C 343 2.71 -2.99 -19.11
N ASN C 344 2.07 -3.68 -20.06
CA ASN C 344 0.68 -4.11 -19.84
C ASN C 344 0.55 -5.01 -18.62
N GLU C 345 1.58 -5.82 -18.34
CA GLU C 345 1.55 -6.70 -17.19
C GLU C 345 1.48 -5.92 -15.88
N GLU C 346 2.13 -4.75 -15.82
CA GLU C 346 2.05 -3.93 -14.62
C GLU C 346 0.65 -3.37 -14.44
N ARG C 347 0.01 -2.93 -15.53
CA ARG C 347 -1.34 -2.40 -15.44
C ARG C 347 -2.32 -3.46 -14.95
N ILE C 348 -2.22 -4.67 -15.50
CA ILE C 348 -3.12 -5.75 -15.13
C ILE C 348 -2.85 -6.21 -13.70
N LYS C 349 -1.57 -6.34 -13.33
CA LYS C 349 -1.23 -6.78 -11.99
C LYS C 349 -1.71 -5.78 -10.93
N ALA C 350 -1.54 -4.49 -11.19
CA ALA C 350 -1.95 -3.48 -10.22
C ALA C 350 -3.46 -3.45 -10.05
N ALA C 351 -4.20 -3.52 -11.17
CA ALA C 351 -5.66 -3.54 -11.08
C ALA C 351 -6.17 -4.83 -10.45
N TYR C 352 -5.49 -5.94 -10.69
CA TYR C 352 -5.90 -7.21 -10.07
C TYR C 352 -5.79 -7.11 -8.55
N ALA C 353 -4.69 -6.55 -8.05
CA ALA C 353 -4.52 -6.41 -6.61
C ALA C 353 -5.55 -5.46 -6.01
N VAL C 354 -5.91 -4.39 -6.73
CA VAL C 354 -6.89 -3.44 -6.20
C VAL C 354 -8.29 -4.07 -6.20
N LEU C 355 -8.68 -4.67 -7.32
CA LEU C 355 -10.03 -5.21 -7.45
C LEU C 355 -10.30 -6.40 -6.54
N ASN C 356 -9.25 -7.09 -6.08
CA ASN C 356 -9.44 -8.22 -5.18
C ASN C 356 -9.29 -7.84 -3.71
N ALA C 357 -8.81 -6.63 -3.41
CA ALA C 357 -8.61 -6.20 -2.03
C ALA C 357 -9.83 -5.50 -1.45
N ILE C 358 -10.72 -4.96 -2.28
CA ILE C 358 -11.98 -4.40 -1.80
C ILE C 358 -13.15 -5.37 -1.96
N LYS C 359 -12.96 -6.47 -2.69
CA LYS C 359 -14.00 -7.47 -2.94
C LYS C 359 -15.23 -6.86 -3.58
N THR D 3 -5.68 -40.10 28.46
CA THR D 3 -6.57 -39.31 29.30
C THR D 3 -5.79 -38.35 30.20
N PRO D 4 -5.31 -37.25 29.62
CA PRO D 4 -4.54 -36.27 30.41
C PRO D 4 -5.42 -35.23 31.08
N LYS D 5 -5.99 -34.33 30.27
CA LYS D 5 -6.89 -33.29 30.77
C LYS D 5 -8.36 -33.65 30.60
N ASP D 6 -8.67 -34.76 29.92
CA ASP D 6 -10.06 -35.17 29.76
C ASP D 6 -10.70 -35.50 31.10
N GLN D 7 -9.91 -35.98 32.06
CA GLN D 7 -10.48 -36.35 33.35
C GLN D 7 -10.79 -35.15 34.21
N GLU D 8 -9.99 -34.07 34.12
CA GLU D 8 -10.27 -32.86 34.88
C GLU D 8 -11.58 -32.22 34.44
N ILE D 9 -11.77 -32.11 33.11
CA ILE D 9 -12.96 -31.45 32.59
C ILE D 9 -14.19 -32.34 32.82
N LYS D 10 -14.05 -33.65 32.61
CA LYS D 10 -15.18 -34.55 32.82
C LYS D 10 -15.64 -34.54 34.27
N LYS D 11 -14.71 -34.47 35.22
CA LYS D 11 -15.10 -34.46 36.62
C LYS D 11 -15.76 -33.15 37.00
N LEU D 12 -15.26 -32.03 36.46
CA LEU D 12 -15.88 -30.73 36.72
C LEU D 12 -17.32 -30.69 36.18
N VAL D 13 -17.54 -31.23 34.97
CA VAL D 13 -18.87 -31.22 34.40
C VAL D 13 -19.79 -32.17 35.16
N ASP D 14 -19.26 -33.30 35.63
CA ASP D 14 -20.05 -34.20 36.47
C ASP D 14 -20.43 -33.53 37.79
N GLN D 15 -19.60 -32.61 38.29
CA GLN D 15 -19.88 -32.00 39.59
C GLN D 15 -20.90 -30.87 39.48
N ASN D 16 -20.85 -30.10 38.39
CA ASN D 16 -21.67 -28.90 38.27
C ASN D 16 -22.85 -29.04 37.32
N PHE D 17 -22.75 -29.87 36.28
CA PHE D 17 -23.86 -30.04 35.36
C PHE D 17 -24.67 -31.31 35.62
N LYS D 18 -24.02 -32.43 35.88
CA LYS D 18 -24.76 -33.68 36.07
C LYS D 18 -25.82 -33.64 37.16
N PRO D 19 -25.62 -32.97 38.31
CA PRO D 19 -26.70 -32.93 39.31
C PRO D 19 -27.95 -32.20 38.85
N LEU D 20 -27.88 -31.41 37.77
CA LEU D 20 -29.07 -30.72 37.28
C LEU D 20 -30.08 -31.70 36.69
N LEU D 21 -29.62 -32.84 36.18
CA LEU D 21 -30.56 -33.80 35.58
C LEU D 21 -31.53 -34.32 36.63
N GLU D 22 -31.01 -34.76 37.78
CA GLU D 22 -31.88 -35.21 38.86
C GLU D 22 -32.70 -34.05 39.43
N LYS D 23 -32.06 -32.90 39.65
CA LYS D 23 -32.71 -31.77 40.29
C LYS D 23 -33.93 -31.29 39.50
N TYR D 24 -33.86 -31.31 38.17
CA TYR D 24 -34.94 -30.81 37.33
C TYR D 24 -35.58 -31.91 36.48
N ASP D 25 -35.28 -33.18 36.74
CA ASP D 25 -35.87 -34.31 36.02
C ASP D 25 -35.63 -34.16 34.52
N VAL D 26 -34.39 -33.90 34.15
CA VAL D 26 -34.00 -33.67 32.76
C VAL D 26 -33.69 -35.03 32.13
N PRO D 27 -34.35 -35.42 31.06
CA PRO D 27 -34.07 -36.71 30.45
C PRO D 27 -32.66 -36.81 29.88
N GLY D 28 -32.23 -35.81 29.14
CA GLY D 28 -30.95 -35.86 28.45
C GLY D 28 -30.26 -34.52 28.43
N MET D 29 -28.93 -34.58 28.37
CA MET D 29 -28.09 -33.40 28.40
C MET D 29 -26.81 -33.67 27.63
N ALA D 30 -26.30 -32.63 26.97
CA ALA D 30 -25.00 -32.67 26.31
C ALA D 30 -24.24 -31.40 26.70
N VAL D 31 -23.07 -31.56 27.32
CA VAL D 31 -22.22 -30.45 27.73
C VAL D 31 -20.88 -30.60 27.04
N GLY D 32 -20.44 -29.54 26.39
CA GLY D 32 -19.16 -29.55 25.69
C GLY D 32 -18.27 -28.40 26.10
N VAL D 33 -16.97 -28.68 26.16
CA VAL D 33 -15.97 -27.67 26.47
C VAL D 33 -14.90 -27.73 25.39
N ILE D 34 -14.52 -26.57 24.86
CA ILE D 34 -13.43 -26.45 23.91
C ILE D 34 -12.40 -25.50 24.49
N GLN D 35 -11.14 -25.93 24.47
CA GLN D 35 -10.04 -25.12 25.01
C GLN D 35 -8.77 -25.48 24.26
N ASN D 36 -8.08 -24.46 23.73
CA ASN D 36 -6.85 -24.64 22.96
C ASN D 36 -7.07 -25.57 21.78
N ASN D 37 -8.21 -25.37 21.09
CA ASN D 37 -8.59 -26.11 19.89
C ASN D 37 -8.82 -27.61 20.17
N LYS D 38 -9.10 -27.97 21.43
CA LYS D 38 -9.39 -29.34 21.80
C LYS D 38 -10.80 -29.42 22.37
N LYS D 39 -11.61 -30.32 21.81
CA LYS D 39 -13.01 -30.47 22.20
C LYS D 39 -13.16 -31.58 23.23
N TYR D 40 -14.04 -31.34 24.20
CA TYR D 40 -14.36 -32.31 25.23
C TYR D 40 -15.88 -32.42 25.31
N GLU D 41 -16.41 -33.63 25.11
CA GLU D 41 -17.84 -33.85 24.98
C GLU D 41 -18.33 -34.82 26.05
N MET D 42 -19.32 -34.39 26.83
CA MET D 42 -19.97 -35.21 27.84
C MET D 42 -21.45 -35.35 27.49
N TYR D 43 -21.95 -36.59 27.56
CA TYR D 43 -23.34 -36.89 27.22
C TYR D 43 -24.00 -37.64 28.37
N TYR D 44 -25.22 -37.22 28.72
CA TYR D 44 -25.95 -37.82 29.83
C TYR D 44 -27.37 -38.15 29.39
N GLY D 45 -27.88 -39.27 29.91
CA GLY D 45 -29.31 -39.52 29.82
C GLY D 45 -29.79 -39.86 28.42
N LEU D 46 -31.06 -39.56 28.18
CA LEU D 46 -31.80 -40.09 27.03
C LEU D 46 -32.16 -38.98 26.06
N GLN D 47 -31.91 -39.24 24.77
CA GLN D 47 -32.39 -38.36 23.71
C GLN D 47 -33.89 -38.52 23.52
N SER D 48 -34.41 -39.73 23.72
CA SER D 48 -35.83 -40.01 23.56
C SER D 48 -36.24 -41.04 24.60
N VAL D 49 -37.21 -40.68 25.45
CA VAL D 49 -37.67 -41.60 26.48
C VAL D 49 -38.43 -42.76 25.86
N GLN D 50 -39.35 -42.47 24.93
CA GLN D 50 -40.13 -43.52 24.29
C GLN D 50 -39.22 -44.52 23.57
N ASP D 51 -38.32 -44.03 22.74
CA ASP D 51 -37.46 -44.89 21.93
C ASP D 51 -36.23 -45.37 22.68
N LYS D 52 -36.02 -44.93 23.92
CA LYS D 52 -34.93 -45.42 24.78
C LYS D 52 -33.58 -45.23 24.11
N LYS D 53 -33.36 -44.04 23.56
CA LYS D 53 -32.11 -43.69 22.89
C LYS D 53 -31.29 -42.79 23.78
N ALA D 54 -30.02 -43.14 23.96
CA ALA D 54 -29.13 -42.32 24.77
C ALA D 54 -28.60 -41.13 23.97
N VAL D 55 -28.40 -40.01 24.67
CA VAL D 55 -27.76 -38.86 24.06
C VAL D 55 -26.36 -39.24 23.63
N ASN D 56 -25.97 -38.81 22.44
CA ASN D 56 -24.66 -39.11 21.91
C ASN D 56 -24.25 -37.99 20.96
N SER D 57 -23.11 -38.15 20.28
CA SER D 57 -22.57 -37.10 19.45
C SER D 57 -23.44 -36.80 18.23
N SER D 58 -24.39 -37.66 17.89
CA SER D 58 -25.29 -37.44 16.76
C SER D 58 -26.62 -36.84 17.17
N THR D 59 -26.86 -36.67 18.47
CA THR D 59 -28.15 -36.19 18.93
C THR D 59 -28.35 -34.73 18.52
N ILE D 60 -29.52 -34.44 17.96
CA ILE D 60 -29.85 -33.11 17.47
C ILE D 60 -30.77 -32.44 18.50
N PHE D 61 -30.34 -31.30 19.02
CA PHE D 61 -31.07 -30.52 20.00
C PHE D 61 -31.65 -29.26 19.35
N GLU D 62 -32.77 -28.79 19.89
CA GLU D 62 -33.31 -27.49 19.50
C GLU D 62 -32.57 -26.39 20.26
N LEU D 63 -32.01 -25.44 19.51
CA LEU D 63 -31.21 -24.38 20.10
C LEU D 63 -32.04 -23.23 20.65
N GLY D 64 -33.30 -23.11 20.25
CA GLY D 64 -34.09 -21.99 20.70
C GLY D 64 -33.48 -20.67 20.27
N SER D 65 -33.49 -19.69 21.18
CA SER D 65 -33.01 -18.36 20.86
C SER D 65 -31.52 -18.30 20.53
N VAL D 66 -30.76 -19.38 20.78
CA VAL D 66 -29.38 -19.42 20.31
C VAL D 66 -29.34 -19.44 18.78
N SER D 67 -30.45 -19.81 18.14
CA SER D 67 -30.56 -19.66 16.69
C SER D 67 -30.28 -18.22 16.25
N LYS D 68 -30.54 -17.25 17.12
CA LYS D 68 -30.31 -15.85 16.75
C LYS D 68 -28.84 -15.57 16.44
N LEU D 69 -27.93 -16.38 16.99
CA LEU D 69 -26.51 -16.22 16.70
C LEU D 69 -26.18 -16.58 15.26
N PHE D 70 -26.89 -17.56 14.69
CA PHE D 70 -26.70 -17.88 13.29
C PHE D 70 -27.38 -16.86 12.38
N THR D 71 -28.52 -16.30 12.81
CA THR D 71 -29.12 -15.20 12.06
C THR D 71 -28.20 -14.00 12.03
N ALA D 72 -27.53 -13.71 13.16
CA ALA D 72 -26.59 -12.60 13.21
C ALA D 72 -25.36 -12.87 12.35
N THR D 73 -24.89 -14.12 12.36
CA THR D 73 -23.76 -14.49 11.49
C THR D 73 -24.17 -14.36 10.02
N ALA D 74 -25.36 -14.85 9.67
CA ALA D 74 -25.87 -14.68 8.31
C ALA D 74 -26.01 -13.20 7.96
N GLY D 75 -26.43 -12.38 8.92
CA GLY D 75 -26.52 -10.95 8.66
C GLY D 75 -25.16 -10.33 8.41
N GLY D 76 -24.19 -10.61 9.29
CA GLY D 76 -22.84 -10.12 9.08
C GLY D 76 -22.21 -10.68 7.81
N TYR D 77 -22.64 -11.86 7.39
CA TYR D 77 -22.15 -12.42 6.13
C TYR D 77 -22.66 -11.59 4.95
N ALA D 78 -23.95 -11.29 4.92
CA ALA D 78 -24.50 -10.51 3.81
C ALA D 78 -23.99 -9.07 3.82
N LYS D 79 -23.69 -8.53 5.00
CA LYS D 79 -23.12 -7.19 5.07
C LYS D 79 -21.72 -7.15 4.50
N ASN D 80 -20.92 -8.19 4.76
CA ASN D 80 -19.56 -8.24 4.24
C ASN D 80 -19.55 -8.31 2.73
N LYS D 81 -20.50 -9.04 2.14
CA LYS D 81 -20.59 -9.15 0.69
C LYS D 81 -21.35 -8.00 0.05
N GLY D 82 -21.67 -6.96 0.82
CA GLY D 82 -22.38 -5.81 0.28
C GLY D 82 -23.82 -6.05 -0.11
N LYS D 83 -24.41 -7.17 0.32
CA LYS D 83 -25.81 -7.45 -0.03
C LYS D 83 -26.77 -6.60 0.79
N ILE D 84 -26.37 -6.19 2.00
CA ILE D 84 -27.15 -5.28 2.82
C ILE D 84 -26.21 -4.30 3.50
N SER D 85 -26.79 -3.20 3.96
CA SER D 85 -26.14 -2.27 4.88
C SER D 85 -26.98 -2.16 6.15
N PHE D 86 -26.32 -2.00 7.29
CA PHE D 86 -27.04 -1.90 8.55
C PHE D 86 -27.91 -0.65 8.61
N ASP D 87 -27.65 0.35 7.76
CA ASP D 87 -28.48 1.54 7.67
C ASP D 87 -29.68 1.36 6.74
N ASP D 88 -29.74 0.27 5.97
CA ASP D 88 -30.85 0.03 5.08
C ASP D 88 -32.13 -0.21 5.87
N THR D 89 -33.26 -0.15 5.17
CA THR D 89 -34.57 -0.38 5.77
C THR D 89 -35.23 -1.59 5.10
N PRO D 90 -36.10 -2.31 5.82
CA PRO D 90 -36.66 -3.56 5.28
C PRO D 90 -37.48 -3.38 4.01
N GLY D 91 -38.04 -2.20 3.78
CA GLY D 91 -38.80 -1.96 2.56
C GLY D 91 -37.95 -1.98 1.30
N LYS D 92 -36.64 -1.82 1.45
CA LYS D 92 -35.75 -1.91 0.29
C LYS D 92 -35.69 -3.32 -0.25
N TYR D 93 -35.83 -4.33 0.60
CA TYR D 93 -35.74 -5.73 0.19
C TYR D 93 -37.10 -6.42 0.17
N TRP D 94 -37.90 -6.28 1.24
CA TRP D 94 -39.28 -6.72 1.22
C TRP D 94 -40.12 -5.56 0.70
N LYS D 95 -40.19 -5.46 -0.63
CA LYS D 95 -40.64 -4.24 -1.28
C LYS D 95 -42.07 -3.85 -0.93
N VAL D 96 -42.89 -4.81 -0.48
CA VAL D 96 -44.25 -4.49 -0.08
C VAL D 96 -44.32 -3.69 1.22
N LEU D 97 -43.20 -3.53 1.92
CA LEU D 97 -43.14 -2.72 3.13
C LEU D 97 -42.70 -1.29 2.86
N LYS D 98 -42.60 -0.89 1.59
CA LYS D 98 -42.18 0.46 1.28
C LYS D 98 -43.28 1.46 1.61
N ASN D 99 -42.87 2.63 2.10
CA ASN D 99 -43.77 3.72 2.51
C ASN D 99 -44.65 3.34 3.70
N THR D 100 -44.26 2.31 4.45
CA THR D 100 -44.97 1.92 5.66
C THR D 100 -44.18 2.35 6.89
N PRO D 101 -44.85 2.55 8.02
CA PRO D 101 -44.13 3.00 9.23
C PRO D 101 -43.00 2.08 9.66
N ILE D 102 -43.05 0.78 9.34
CA ILE D 102 -41.94 -0.09 9.67
C ILE D 102 -40.72 0.22 8.82
N ASP D 103 -40.91 0.87 7.67
CA ASP D 103 -39.81 1.19 6.75
C ASP D 103 -38.91 2.30 7.27
N GLN D 104 -39.22 2.90 8.42
N GLN D 104 -39.20 2.91 8.41
CA GLN D 104 -38.36 3.91 9.03
CA GLN D 104 -38.32 3.91 9.00
C GLN D 104 -37.31 3.31 9.96
C GLN D 104 -37.37 3.33 10.05
N VAL D 105 -37.43 2.02 10.27
CA VAL D 105 -36.49 1.33 11.16
C VAL D 105 -35.40 0.72 10.30
N ASN D 106 -34.16 0.77 10.76
CA ASN D 106 -33.08 0.18 9.98
C ASN D 106 -32.80 -1.24 10.44
N LEU D 107 -31.97 -1.94 9.67
CA LEU D 107 -31.77 -3.38 9.89
C LEU D 107 -31.04 -3.64 11.20
N LEU D 108 -30.07 -2.79 11.55
CA LEU D 108 -29.37 -2.97 12.82
C LEU D 108 -30.31 -2.81 14.00
N GLN D 109 -31.27 -1.89 13.90
CA GLN D 109 -32.26 -1.70 14.96
C GLN D 109 -33.19 -2.90 15.07
N LEU D 110 -33.54 -3.53 13.94
CA LEU D 110 -34.32 -4.75 13.99
C LEU D 110 -33.51 -5.89 14.62
N ALA D 111 -32.23 -5.99 14.27
CA ALA D 111 -31.40 -7.09 14.77
C ALA D 111 -31.10 -6.94 16.26
N THR D 112 -31.04 -5.71 16.77
CA THR D 112 -30.72 -5.46 18.17
C THR D 112 -31.93 -4.99 18.98
N TYR D 113 -33.14 -5.19 18.44
CA TYR D 113 -34.40 -5.08 19.19
C TYR D 113 -34.70 -3.65 19.66
N THR D 114 -34.40 -2.65 18.83
CA THR D 114 -34.65 -1.26 19.22
C THR D 114 -35.66 -0.56 18.31
N SER D 115 -36.60 -1.30 17.73
CA SER D 115 -37.62 -0.67 16.89
C SER D 115 -38.58 0.19 17.69
N GLY D 116 -38.72 -0.05 18.99
CA GLY D 116 -39.58 0.74 19.84
C GLY D 116 -41.00 0.23 19.98
N ASN D 117 -41.39 -0.79 19.22
CA ASN D 117 -42.74 -1.33 19.33
C ASN D 117 -42.81 -2.76 18.82
N LEU D 118 -41.98 -3.64 19.36
CA LEU D 118 -42.03 -5.06 19.02
C LEU D 118 -41.82 -5.87 20.29
N ALA D 119 -42.77 -6.71 20.63
CA ALA D 119 -42.72 -7.51 21.84
C ALA D 119 -41.94 -8.80 21.60
N LEU D 120 -41.88 -9.64 22.63
CA LEU D 120 -41.10 -10.87 22.54
C LEU D 120 -41.63 -11.79 21.46
N GLN D 121 -42.95 -11.84 21.30
CA GLN D 121 -43.59 -12.73 20.34
C GLN D 121 -44.61 -11.95 19.52
N PHE D 122 -44.94 -12.50 18.35
CA PHE D 122 -46.10 -12.03 17.60
C PHE D 122 -47.35 -12.20 18.45
N PRO D 123 -48.38 -11.39 18.19
CA PRO D 123 -49.70 -11.67 18.79
C PRO D 123 -50.17 -13.07 18.40
N ASP D 124 -51.01 -13.65 19.26
CA ASP D 124 -51.43 -15.04 19.06
C ASP D 124 -52.19 -15.22 17.75
N GLU D 125 -52.93 -14.21 17.31
CA GLU D 125 -53.72 -14.33 16.09
C GLU D 125 -52.90 -14.18 14.82
N VAL D 126 -51.60 -13.91 14.93
CA VAL D 126 -50.72 -13.80 13.76
C VAL D 126 -50.13 -15.17 13.51
N GLN D 127 -50.56 -15.82 12.43
CA GLN D 127 -50.13 -17.19 12.16
C GLN D 127 -49.62 -17.36 10.74
N THR D 128 -50.49 -17.16 9.75
CA THR D 128 -50.12 -17.39 8.36
C THR D 128 -49.13 -16.34 7.88
N ASP D 129 -48.50 -16.63 6.74
CA ASP D 129 -47.58 -15.66 6.15
C ASP D 129 -48.28 -14.36 5.79
N GLN D 130 -49.54 -14.45 5.36
CA GLN D 130 -50.30 -13.25 5.05
C GLN D 130 -50.56 -12.43 6.32
N GLN D 131 -50.82 -13.10 7.44
CA GLN D 131 -51.03 -12.39 8.69
C GLN D 131 -49.74 -11.77 9.21
N VAL D 132 -48.61 -12.39 8.92
CA VAL D 132 -47.32 -11.79 9.28
C VAL D 132 -47.05 -10.55 8.44
N LEU D 133 -47.32 -10.63 7.14
CA LEU D 133 -47.15 -9.47 6.26
C LEU D 133 -48.08 -8.34 6.66
N THR D 134 -49.35 -8.65 6.94
CA THR D 134 -50.29 -7.63 7.37
C THR D 134 -49.86 -7.01 8.70
N PHE D 135 -49.25 -7.80 9.59
CA PHE D 135 -48.82 -7.28 10.89
C PHE D 135 -47.77 -6.18 10.72
N PHE D 136 -46.81 -6.38 9.82
CA PHE D 136 -45.77 -5.38 9.61
C PHE D 136 -46.28 -4.20 8.79
N LYS D 137 -47.30 -4.40 7.95
CA LYS D 137 -47.89 -3.30 7.22
C LYS D 137 -48.64 -2.35 8.17
N ASP D 138 -49.37 -2.92 9.13
CA ASP D 138 -50.13 -2.13 10.10
C ASP D 138 -49.30 -1.70 11.30
N TRP D 139 -47.99 -2.00 11.30
CA TRP D 139 -47.14 -1.65 12.43
C TRP D 139 -46.94 -0.14 12.50
N LYS D 140 -47.01 0.39 13.72
CA LYS D 140 -46.78 1.80 13.96
C LYS D 140 -45.83 1.96 15.14
N PRO D 141 -45.02 3.01 15.14
CA PRO D 141 -44.05 3.19 16.22
C PRO D 141 -44.72 3.54 17.54
N LYS D 142 -43.99 3.30 18.63
CA LYS D 142 -44.41 3.73 19.94
C LYS D 142 -43.27 4.45 20.66
N ASN D 143 -42.25 3.71 21.08
CA ASN D 143 -41.08 4.32 21.68
C ASN D 143 -40.19 4.95 20.61
N PRO D 144 -39.41 5.96 20.95
CA PRO D 144 -38.47 6.54 19.96
C PRO D 144 -37.54 5.47 19.42
N ILE D 145 -37.49 5.39 18.08
CA ILE D 145 -36.82 4.29 17.41
C ILE D 145 -35.32 4.33 17.70
N GLY D 146 -34.75 3.17 18.01
CA GLY D 146 -33.33 3.05 18.26
C GLY D 146 -32.89 3.35 19.68
N GLU D 147 -33.81 3.73 20.56
CA GLU D 147 -33.45 4.13 21.92
C GLU D 147 -33.81 3.12 23.00
N TYR D 148 -34.72 2.18 22.73
CA TYR D 148 -35.22 1.27 23.75
C TYR D 148 -35.09 -0.16 23.26
N ARG D 149 -34.39 -0.99 24.04
CA ARG D 149 -34.21 -2.40 23.71
C ARG D 149 -35.34 -3.22 24.32
N GLN D 150 -36.05 -3.95 23.47
CA GLN D 150 -37.03 -4.93 23.92
C GLN D 150 -36.77 -6.21 23.15
N TYR D 151 -36.21 -7.20 23.85
CA TYR D 151 -35.92 -8.51 23.27
C TYR D 151 -37.13 -9.05 22.53
N SER D 152 -36.97 -9.28 21.23
CA SER D 152 -38.10 -9.49 20.33
C SER D 152 -37.76 -10.50 19.25
N ASN D 153 -38.54 -11.59 19.19
CA ASN D 153 -38.43 -12.57 18.11
C ASN D 153 -38.92 -12.00 16.77
N PRO D 154 -40.05 -11.27 16.72
CA PRO D 154 -40.42 -10.64 15.44
C PRO D 154 -39.37 -9.67 14.90
N SER D 155 -38.66 -8.98 15.79
CA SER D 155 -37.68 -7.99 15.34
C SER D 155 -36.53 -8.65 14.59
N ILE D 156 -35.92 -9.67 15.18
CA ILE D 156 -34.83 -10.34 14.49
C ILE D 156 -35.34 -11.32 13.44
N GLY D 157 -36.58 -11.80 13.58
CA GLY D 157 -37.18 -12.59 12.53
C GLY D 157 -37.30 -11.82 11.23
N LEU D 158 -37.80 -10.58 11.30
CA LEU D 158 -37.86 -9.74 10.11
C LEU D 158 -36.46 -9.42 9.59
N PHE D 159 -35.50 -9.22 10.49
CA PHE D 159 -34.12 -9.02 10.07
C PHE D 159 -33.63 -10.22 9.29
N GLY D 160 -33.93 -11.43 9.75
CA GLY D 160 -33.49 -12.63 9.04
C GLY D 160 -34.12 -12.78 7.68
N LYS D 161 -35.42 -12.46 7.56
CA LYS D 161 -36.08 -12.54 6.26
C LYS D 161 -35.49 -11.54 5.27
N VAL D 162 -35.22 -10.32 5.74
CA VAL D 162 -34.58 -9.32 4.88
C VAL D 162 -33.20 -9.81 4.44
N VAL D 163 -32.45 -10.44 5.35
CA VAL D 163 -31.16 -11.00 4.98
C VAL D 163 -31.33 -12.07 3.92
N ALA D 164 -32.37 -12.90 4.04
CA ALA D 164 -32.63 -13.94 3.05
C ALA D 164 -33.00 -13.34 1.71
N LEU D 165 -33.82 -12.28 1.71
CA LEU D 165 -34.19 -11.64 0.45
C LEU D 165 -32.98 -11.07 -0.26
N SER D 166 -32.05 -10.47 0.48
CA SER D 166 -30.90 -9.84 -0.17
C SER D 166 -29.96 -10.86 -0.82
N MET D 167 -30.06 -12.13 -0.44
CA MET D 167 -29.25 -13.18 -1.04
C MET D 167 -30.05 -14.06 -2.00
N ASN D 168 -31.30 -13.69 -2.28
CA ASN D 168 -32.15 -14.36 -3.27
C ASN D 168 -32.37 -15.83 -2.92
N LYS D 169 -32.34 -16.17 -1.64
CA LYS D 169 -32.64 -17.51 -1.16
C LYS D 169 -33.55 -17.44 0.05
N PRO D 170 -34.42 -18.43 0.23
CA PRO D 170 -35.16 -18.50 1.50
C PRO D 170 -34.21 -18.69 2.66
N PHE D 171 -34.67 -18.28 3.86
CA PHE D 171 -33.79 -18.24 5.02
C PHE D 171 -33.21 -19.61 5.34
N ASP D 172 -34.00 -20.67 5.22
CA ASP D 172 -33.48 -22.00 5.53
C ASP D 172 -32.32 -22.37 4.62
N GLN D 173 -32.34 -21.92 3.35
CA GLN D 173 -31.25 -22.19 2.43
C GLN D 173 -30.04 -21.30 2.70
N VAL D 174 -30.25 -20.10 3.24
CA VAL D 174 -29.14 -19.25 3.61
C VAL D 174 -28.24 -19.96 4.62
N LEU D 175 -28.84 -20.57 5.65
CA LEU D 175 -28.04 -21.25 6.65
C LEU D 175 -27.53 -22.61 6.15
N GLU D 176 -28.43 -23.44 5.61
CA GLU D 176 -28.07 -24.82 5.30
C GLU D 176 -27.13 -24.93 4.11
N LYS D 177 -27.13 -23.95 3.20
CA LYS D 177 -26.26 -24.00 2.03
C LYS D 177 -25.06 -23.07 2.12
N THR D 178 -25.15 -21.96 2.85
CA THR D 178 -24.07 -20.99 2.93
C THR D 178 -23.43 -20.93 4.31
N ILE D 179 -24.22 -20.66 5.35
CA ILE D 179 -23.63 -20.40 6.67
C ILE D 179 -23.14 -21.70 7.32
N PHE D 180 -23.99 -22.74 7.38
CA PHE D 180 -23.57 -23.98 8.02
C PHE D 180 -22.38 -24.63 7.33
N PRO D 181 -22.33 -24.76 6.00
CA PRO D 181 -21.12 -25.33 5.39
C PRO D 181 -19.87 -24.49 5.62
N ALA D 182 -20.00 -23.16 5.56
CA ALA D 182 -18.82 -22.31 5.76
C ALA D 182 -18.24 -22.45 7.17
N LEU D 183 -19.06 -22.82 8.15
CA LEU D 183 -18.59 -23.03 9.50
C LEU D 183 -18.11 -24.45 9.76
N GLY D 184 -18.27 -25.34 8.77
CA GLY D 184 -17.93 -26.74 8.97
C GLY D 184 -18.93 -27.54 9.74
N LEU D 185 -20.18 -27.10 9.82
CA LEU D 185 -21.22 -27.79 10.57
C LEU D 185 -21.84 -28.87 9.69
N LYS D 186 -21.82 -30.11 10.19
CA LYS D 186 -22.30 -31.26 9.42
C LYS D 186 -23.74 -31.64 9.70
N HIS D 187 -24.26 -31.34 10.89
CA HIS D 187 -25.60 -31.80 11.28
C HIS D 187 -26.38 -30.69 11.95
N SER D 188 -26.32 -29.49 11.37
CA SER D 188 -27.13 -28.35 11.82
C SER D 188 -28.18 -28.06 10.75
N TYR D 189 -29.42 -27.82 11.19
CA TYR D 189 -30.53 -27.73 10.25
C TYR D 189 -31.54 -26.68 10.71
N VAL D 190 -32.22 -26.08 9.75
CA VAL D 190 -33.48 -25.40 10.02
C VAL D 190 -34.63 -26.39 9.94
N ASN D 191 -34.59 -27.31 8.98
CA ASN D 191 -35.54 -28.40 8.85
C ASN D 191 -34.78 -29.71 8.90
N VAL D 192 -35.01 -30.50 9.94
CA VAL D 192 -34.33 -31.79 10.10
C VAL D 192 -34.83 -32.73 9.03
N PRO D 193 -33.93 -33.30 8.20
CA PRO D 193 -34.37 -34.14 7.10
C PRO D 193 -34.86 -35.51 7.61
N LYS D 194 -35.39 -36.29 6.67
CA LYS D 194 -35.97 -37.59 7.02
C LYS D 194 -34.93 -38.53 7.61
N THR D 195 -33.73 -38.55 7.02
CA THR D 195 -32.70 -39.48 7.45
C THR D 195 -32.09 -39.15 8.81
N GLN D 196 -32.37 -37.96 9.34
CA GLN D 196 -31.85 -37.55 10.64
C GLN D 196 -32.91 -37.48 11.73
N MET D 197 -34.18 -37.76 11.39
CA MET D 197 -35.24 -37.73 12.40
C MET D 197 -34.95 -38.71 13.52
N GLN D 198 -34.23 -39.79 13.24
CA GLN D 198 -33.86 -40.76 14.26
C GLN D 198 -32.87 -40.18 15.27
N ASN D 199 -32.16 -39.11 14.91
CA ASN D 199 -31.25 -38.44 15.82
C ASN D 199 -31.83 -37.18 16.42
N TYR D 200 -33.01 -36.76 15.98
CA TYR D 200 -33.64 -35.54 16.49
C TYR D 200 -34.24 -35.82 17.85
N ALA D 201 -33.67 -35.22 18.88
CA ALA D 201 -34.16 -35.42 20.23
C ALA D 201 -35.54 -34.79 20.39
N PHE D 202 -36.36 -35.43 21.23
CA PHE D 202 -37.62 -34.84 21.64
C PHE D 202 -37.38 -33.94 22.84
N GLY D 203 -38.16 -32.88 22.93
CA GLY D 203 -38.19 -32.06 24.13
C GLY D 203 -39.26 -32.52 25.08
N TYR D 204 -39.15 -32.06 26.34
CA TYR D 204 -40.10 -32.48 27.36
C TYR D 204 -40.48 -31.26 28.20
N ASN D 205 -41.78 -31.05 28.37
CA ASN D 205 -42.28 -29.92 29.12
C ASN D 205 -42.22 -30.24 30.61
N GLN D 206 -42.76 -29.35 31.45
N GLN D 206 -42.76 -29.35 31.44
CA GLN D 206 -42.67 -29.54 32.89
CA GLN D 206 -42.70 -29.51 32.89
C GLN D 206 -43.50 -30.71 33.39
C GLN D 206 -43.48 -30.72 33.38
N GLU D 207 -44.38 -31.26 32.56
CA GLU D 207 -45.12 -32.47 32.90
C GLU D 207 -44.51 -33.72 32.28
N ASN D 208 -43.28 -33.61 31.76
CA ASN D 208 -42.58 -34.72 31.11
C ASN D 208 -43.34 -35.25 29.91
N GLN D 209 -44.12 -34.39 29.27
CA GLN D 209 -44.76 -34.78 28.02
C GLN D 209 -43.88 -34.37 26.85
N PRO D 210 -43.72 -35.22 25.85
CA PRO D 210 -42.87 -34.86 24.71
C PRO D 210 -43.45 -33.68 23.94
N ILE D 211 -42.57 -32.79 23.50
CA ILE D 211 -42.98 -31.62 22.74
C ILE D 211 -41.86 -31.23 21.78
N ARG D 212 -42.24 -30.77 20.59
CA ARG D 212 -41.29 -30.43 19.54
C ARG D 212 -41.65 -29.08 18.95
N VAL D 213 -40.63 -28.27 18.66
CA VAL D 213 -40.87 -26.91 18.18
C VAL D 213 -41.45 -26.96 16.78
N ASN D 214 -42.33 -26.00 16.48
CA ASN D 214 -42.97 -25.89 15.17
C ASN D 214 -42.90 -24.42 14.74
N PRO D 215 -41.74 -23.98 14.25
CA PRO D 215 -41.57 -22.57 13.92
C PRO D 215 -42.13 -22.21 12.55
N GLY D 216 -42.67 -21.01 12.45
CA GLY D 216 -43.14 -20.48 11.19
C GLY D 216 -41.98 -19.92 10.37
N PRO D 217 -42.30 -19.30 9.23
CA PRO D 217 -41.23 -18.75 8.38
C PRO D 217 -40.40 -17.67 9.06
N LEU D 218 -41.03 -16.69 9.70
CA LEU D 218 -40.29 -15.67 10.43
C LEU D 218 -39.94 -16.08 11.85
N ASP D 219 -40.25 -17.32 12.24
CA ASP D 219 -39.82 -17.84 13.53
C ASP D 219 -38.49 -18.57 13.41
N ALA D 220 -38.18 -19.13 12.25
CA ALA D 220 -36.91 -19.84 12.06
C ALA D 220 -35.70 -18.96 12.37
N PRO D 221 -35.60 -17.71 11.89
CA PRO D 221 -34.45 -16.87 12.28
C PRO D 221 -34.45 -16.47 13.74
N ALA D 222 -35.55 -16.66 14.46
CA ALA D 222 -35.62 -16.33 15.88
C ALA D 222 -35.34 -17.53 16.78
N TYR D 223 -35.76 -18.74 16.39
CA TYR D 223 -35.54 -19.91 17.24
C TYR D 223 -35.72 -21.24 16.51
N GLY D 224 -35.41 -21.28 15.22
CA GLY D 224 -35.70 -22.48 14.45
C GLY D 224 -34.52 -23.34 14.05
N VAL D 225 -33.36 -23.17 14.69
CA VAL D 225 -32.16 -23.92 14.33
C VAL D 225 -32.01 -25.09 15.30
N LYS D 226 -31.65 -26.26 14.75
CA LYS D 226 -31.34 -27.44 15.54
C LYS D 226 -29.93 -27.88 15.22
N SER D 227 -29.22 -28.43 16.22
CA SER D 227 -27.82 -28.75 16.02
C SER D 227 -27.39 -29.79 17.05
N THR D 228 -26.18 -30.33 16.84
CA THR D 228 -25.57 -31.29 17.73
C THR D 228 -24.46 -30.61 18.55
N LEU D 229 -23.96 -31.34 19.55
CA LEU D 229 -22.90 -30.81 20.40
C LEU D 229 -21.60 -30.62 19.64
N PRO D 230 -21.16 -31.57 18.78
CA PRO D 230 -19.95 -31.31 18.00
C PRO D 230 -20.04 -30.07 17.12
N ASP D 231 -21.17 -29.89 16.42
CA ASP D 231 -21.34 -28.70 15.59
C ASP D 231 -21.30 -27.43 16.42
N MET D 232 -21.96 -27.43 17.58
CA MET D 232 -21.95 -26.23 18.40
C MET D 232 -20.55 -25.94 18.94
N LEU D 233 -19.81 -26.98 19.32
CA LEU D 233 -18.41 -26.79 19.70
C LEU D 233 -17.58 -26.25 18.55
N SER D 234 -17.89 -26.68 17.31
CA SER D 234 -17.19 -26.11 16.16
C SER D 234 -17.60 -24.66 15.93
N PHE D 235 -18.87 -24.33 16.17
CA PHE D 235 -19.30 -22.95 16.05
C PHE D 235 -18.61 -22.07 17.09
N ILE D 236 -18.43 -22.58 18.31
CA ILE D 236 -17.70 -21.82 19.32
C ILE D 236 -16.23 -21.69 18.93
N HIS D 237 -15.67 -22.72 18.27
CA HIS D 237 -14.30 -22.61 17.79
C HIS D 237 -14.18 -21.50 16.75
N ALA D 238 -15.19 -21.37 15.87
CA ALA D 238 -15.14 -20.32 14.87
C ALA D 238 -15.23 -18.93 15.50
N ASN D 239 -15.96 -18.80 16.61
CA ASN D 239 -16.00 -17.52 17.30
C ASN D 239 -14.71 -17.26 18.08
N LEU D 240 -14.04 -18.30 18.55
CA LEU D 240 -12.78 -18.13 19.27
C LEU D 240 -11.62 -17.86 18.32
N ASN D 241 -11.63 -18.49 17.15
CA ASN D 241 -10.54 -18.37 16.18
C ASN D 241 -11.11 -18.12 14.79
N PRO D 242 -11.66 -16.93 14.54
CA PRO D 242 -12.19 -16.63 13.19
C PRO D 242 -11.10 -16.53 12.13
N GLN D 243 -9.86 -16.23 12.51
CA GLN D 243 -8.79 -16.09 11.53
C GLN D 243 -8.42 -17.41 10.87
N LYS D 244 -8.75 -18.54 11.50
CA LYS D 244 -8.46 -19.85 10.93
C LYS D 244 -9.49 -20.28 9.89
N TYR D 245 -10.44 -19.42 9.55
CA TYR D 245 -11.53 -19.73 8.64
C TYR D 245 -11.45 -18.86 7.40
N PRO D 246 -12.06 -19.29 6.27
CA PRO D 246 -12.05 -18.46 5.06
C PRO D 246 -12.57 -17.05 5.29
N ALA D 247 -12.17 -16.13 4.40
CA ALA D 247 -12.42 -14.71 4.63
C ALA D 247 -13.91 -14.40 4.68
N ASP D 248 -14.71 -15.08 3.86
CA ASP D 248 -16.15 -14.79 3.81
C ASP D 248 -16.79 -15.01 5.17
N ILE D 249 -16.57 -16.19 5.77
CA ILE D 249 -17.18 -16.48 7.07
C ILE D 249 -16.42 -15.83 8.22
N GLN D 250 -15.12 -15.55 8.04
CA GLN D 250 -14.36 -14.88 9.09
C GLN D 250 -14.88 -13.48 9.34
N ARG D 251 -15.10 -12.72 8.27
CA ARG D 251 -15.63 -11.36 8.43
C ARG D 251 -17.06 -11.39 8.95
N ALA D 252 -17.82 -12.44 8.65
CA ALA D 252 -19.16 -12.57 9.19
C ALA D 252 -19.12 -12.75 10.70
N ILE D 253 -18.20 -13.58 11.20
CA ILE D 253 -18.08 -13.81 12.63
C ILE D 253 -17.70 -12.52 13.35
N ASN D 254 -16.75 -11.77 12.79
CA ASN D 254 -16.28 -10.55 13.45
C ASN D 254 -17.38 -9.50 13.54
N GLU D 255 -18.35 -9.53 12.61
CA GLU D 255 -19.47 -8.60 12.68
C GLU D 255 -20.37 -8.85 13.89
N THR D 256 -20.26 -10.02 14.52
CA THR D 256 -21.07 -10.33 15.69
C THR D 256 -20.33 -10.09 17.00
N HIS D 257 -19.10 -9.58 16.95
CA HIS D 257 -18.31 -9.35 18.15
C HIS D 257 -18.16 -7.87 18.50
N GLN D 258 -19.07 -7.03 17.99
CA GLN D 258 -19.01 -5.59 18.22
C GLN D 258 -20.29 -5.16 18.92
N GLY D 259 -20.15 -4.67 20.15
CA GLY D 259 -21.31 -4.14 20.86
C GLY D 259 -21.75 -2.82 20.29
N PHE D 260 -23.06 -2.66 20.10
CA PHE D 260 -23.61 -1.45 19.50
C PHE D 260 -24.17 -0.47 20.51
N TYR D 261 -24.62 -0.97 21.66
CA TYR D 261 -25.08 -0.11 22.74
C TYR D 261 -24.91 -0.88 24.05
N GLN D 262 -25.38 -0.28 25.14
CA GLN D 262 -25.17 -0.83 26.47
C GLN D 262 -26.46 -0.72 27.27
N VAL D 263 -26.75 -1.76 28.06
CA VAL D 263 -27.87 -1.75 29.00
C VAL D 263 -27.31 -2.28 30.31
N ASN D 264 -27.03 -1.37 31.25
CA ASN D 264 -26.39 -1.69 32.53
C ASN D 264 -25.04 -2.34 32.21
N THR D 265 -24.73 -3.51 32.76
CA THR D 265 -23.45 -4.16 32.55
C THR D 265 -23.41 -5.05 31.31
N MET D 266 -24.45 -5.04 30.49
CA MET D 266 -24.51 -5.86 29.29
C MET D 266 -24.30 -4.99 28.05
N TYR D 267 -23.52 -5.50 27.12
CA TYR D 267 -23.33 -4.89 25.81
C TYR D 267 -24.01 -5.77 24.76
N GLN D 268 -24.87 -5.15 23.95
CA GLN D 268 -25.64 -5.88 22.95
C GLN D 268 -24.87 -5.86 21.63
N ALA D 269 -24.31 -7.01 21.27
CA ALA D 269 -23.65 -7.18 19.98
C ALA D 269 -24.66 -7.78 18.99
N LEU D 270 -24.19 -8.13 17.79
CA LEU D 270 -25.06 -8.77 16.80
C LEU D 270 -25.33 -10.20 17.25
N GLY D 271 -26.49 -10.41 17.88
CA GLY D 271 -26.82 -11.71 18.41
C GLY D 271 -26.23 -11.94 19.79
N TRP D 272 -24.90 -11.94 19.89
CA TRP D 272 -24.23 -12.22 21.15
C TRP D 272 -24.50 -11.12 22.16
N GLU D 273 -24.44 -11.50 23.44
CA GLU D 273 -24.43 -10.55 24.55
C GLU D 273 -22.99 -10.41 25.04
N GLU D 274 -22.50 -9.18 25.12
CA GLU D 274 -21.10 -8.88 25.38
C GLU D 274 -20.95 -8.37 26.80
N PHE D 275 -19.84 -8.75 27.45
CA PHE D 275 -19.56 -8.34 28.82
C PHE D 275 -18.07 -8.04 28.95
N SER D 276 -17.72 -7.35 30.04
CA SER D 276 -16.32 -7.10 30.36
C SER D 276 -15.73 -8.33 31.04
N TYR D 277 -14.60 -8.82 30.51
CA TYR D 277 -14.00 -9.97 31.16
C TYR D 277 -12.77 -9.54 31.97
N PRO D 278 -12.59 -10.06 33.19
CA PRO D 278 -13.46 -11.03 33.87
C PRO D 278 -14.77 -10.42 34.38
N ALA D 279 -15.87 -11.14 34.19
CA ALA D 279 -17.19 -10.72 34.62
C ALA D 279 -17.59 -11.46 35.89
N THR D 280 -18.25 -10.75 36.80
CA THR D 280 -18.78 -11.38 37.99
C THR D 280 -19.97 -12.27 37.63
N LEU D 281 -20.23 -13.25 38.49
CA LEU D 281 -21.39 -14.13 38.28
C LEU D 281 -22.68 -13.33 38.29
N GLN D 282 -22.77 -12.31 39.14
CA GLN D 282 -23.99 -11.51 39.21
C GLN D 282 -24.22 -10.72 37.92
N THR D 283 -23.14 -10.24 37.30
CA THR D 283 -23.27 -9.54 36.02
C THR D 283 -23.89 -10.46 34.97
N LEU D 284 -23.40 -11.69 34.88
CA LEU D 284 -23.94 -12.63 33.89
C LEU D 284 -25.38 -13.00 34.20
N LEU D 285 -25.71 -13.16 35.49
CA LEU D 285 -27.09 -13.46 35.85
C LEU D 285 -28.03 -12.31 35.53
N ASP D 286 -27.56 -11.06 35.70
CA ASP D 286 -28.39 -9.89 35.46
C ASP D 286 -28.80 -9.75 34.00
N SER D 287 -28.03 -10.32 33.06
CA SER D 287 -28.41 -10.23 31.66
C SER D 287 -29.68 -11.01 31.38
N ASN D 288 -29.97 -12.04 32.18
CA ASN D 288 -31.16 -12.86 31.99
C ASN D 288 -32.25 -12.55 33.00
N SER D 289 -32.21 -11.38 33.63
CA SER D 289 -33.26 -11.00 34.56
C SER D 289 -34.54 -10.65 33.80
N GLU D 290 -35.66 -10.65 34.53
CA GLU D 290 -36.94 -10.34 33.91
C GLU D 290 -36.95 -8.93 33.33
N GLN D 291 -36.26 -7.99 33.96
CA GLN D 291 -36.27 -6.61 33.47
C GLN D 291 -35.57 -6.49 32.12
N ILE D 292 -34.50 -7.26 31.90
CA ILE D 292 -33.77 -7.19 30.65
C ILE D 292 -34.48 -7.98 29.55
N VAL D 293 -35.04 -9.14 29.90
CA VAL D 293 -35.57 -10.05 28.89
C VAL D 293 -36.97 -9.64 28.46
N MET D 294 -37.82 -9.24 29.41
CA MET D 294 -39.23 -9.05 29.14
C MET D 294 -39.65 -7.59 28.99
N LYS D 295 -38.89 -6.65 29.52
CA LYS D 295 -39.32 -5.26 29.49
C LYS D 295 -38.45 -4.44 28.55
N PRO D 296 -38.97 -3.34 28.00
CA PRO D 296 -38.12 -2.43 27.25
C PRO D 296 -37.22 -1.64 28.18
N ASN D 297 -36.00 -1.36 27.71
CA ASN D 297 -35.03 -0.62 28.51
C ASN D 297 -34.31 0.38 27.64
N LYS D 298 -34.17 1.61 28.14
CA LYS D 298 -33.46 2.65 27.42
C LYS D 298 -31.99 2.25 27.26
N VAL D 299 -31.48 2.38 26.05
CA VAL D 299 -30.11 2.01 25.75
C VAL D 299 -29.21 3.23 25.96
N THR D 300 -27.93 2.97 26.19
CA THR D 300 -26.94 4.02 26.35
C THR D 300 -25.79 3.78 25.40
N ALA D 301 -25.25 4.87 24.83
CA ALA D 301 -24.13 4.75 23.92
C ALA D 301 -22.92 4.18 24.64
N ILE D 302 -22.02 3.56 23.86
CA ILE D 302 -20.82 2.93 24.40
C ILE D 302 -19.70 3.96 24.40
N SER D 303 -19.27 4.36 25.60
CA SER D 303 -18.15 5.28 25.72
C SER D 303 -16.85 4.61 25.31
N LYS D 304 -16.45 3.59 26.06
CA LYS D 304 -15.26 2.80 25.78
C LYS D 304 -15.63 1.33 25.66
N GLU D 305 -15.37 0.76 24.49
CA GLU D 305 -15.56 -0.67 24.32
C GLU D 305 -14.53 -1.43 25.16
N PRO D 306 -14.94 -2.43 25.92
CA PRO D 306 -13.98 -3.15 26.78
C PRO D 306 -12.88 -3.79 25.95
N SER D 307 -11.65 -3.74 26.48
CA SER D 307 -10.53 -4.33 25.76
C SER D 307 -10.53 -5.85 25.89
N VAL D 308 -10.96 -6.36 27.04
CA VAL D 308 -11.09 -7.80 27.28
C VAL D 308 -12.58 -8.09 27.46
N LYS D 309 -13.13 -8.92 26.57
CA LYS D 309 -14.56 -9.15 26.51
C LYS D 309 -14.85 -10.65 26.58
N MET D 310 -16.07 -10.97 26.98
CA MET D 310 -16.60 -12.32 26.89
C MET D 310 -18.03 -12.24 26.38
N TYR D 311 -18.53 -13.37 25.87
CA TYR D 311 -19.84 -13.41 25.23
C TYR D 311 -20.60 -14.63 25.70
N HIS D 312 -21.92 -14.49 25.82
CA HIS D 312 -22.76 -15.67 26.03
C HIS D 312 -24.13 -15.45 25.38
N LYS D 313 -24.94 -16.50 25.42
CA LYS D 313 -26.32 -16.44 24.96
C LYS D 313 -27.11 -17.62 25.50
N THR D 314 -28.28 -17.36 26.08
CA THR D 314 -29.19 -18.43 26.47
C THR D 314 -30.22 -18.64 25.37
N GLY D 315 -30.72 -19.88 25.29
CA GLY D 315 -31.76 -20.21 24.35
C GLY D 315 -32.72 -21.24 24.92
N SER D 316 -34.00 -21.13 24.58
CA SER D 316 -34.99 -22.05 25.10
C SER D 316 -36.12 -22.22 24.09
N THR D 317 -36.60 -23.44 23.97
CA THR D 317 -37.92 -23.71 23.42
C THR D 317 -38.81 -24.18 24.55
N ASN D 318 -40.00 -24.66 24.21
CA ASN D 318 -40.88 -25.20 25.24
C ASN D 318 -40.31 -26.47 25.85
N GLY D 319 -39.46 -27.19 25.13
CA GLY D 319 -38.92 -28.43 25.66
C GLY D 319 -37.41 -28.56 25.67
N PHE D 320 -36.68 -27.47 25.36
CA PHE D 320 -35.22 -27.52 25.31
C PHE D 320 -34.62 -26.33 26.03
N GLY D 321 -33.41 -26.52 26.53
CA GLY D 321 -32.60 -25.43 27.05
C GLY D 321 -31.22 -25.43 26.46
N THR D 322 -30.69 -24.23 26.20
CA THR D 322 -29.38 -24.06 25.59
C THR D 322 -28.62 -22.94 26.29
N TYR D 323 -27.30 -23.11 26.38
CA TYR D 323 -26.42 -22.03 26.87
C TYR D 323 -25.07 -22.17 26.17
N VAL D 324 -24.63 -21.08 25.52
CA VAL D 324 -23.31 -21.05 24.91
C VAL D 324 -22.55 -19.85 25.46
N VAL D 325 -21.23 -20.00 25.61
CA VAL D 325 -20.40 -18.97 26.21
C VAL D 325 -18.95 -19.22 25.79
N PHE D 326 -18.23 -18.15 25.51
CA PHE D 326 -16.81 -18.28 25.18
C PHE D 326 -16.06 -17.03 25.62
N ILE D 327 -14.77 -17.22 25.91
CA ILE D 327 -13.90 -16.15 26.36
C ILE D 327 -12.71 -16.08 25.40
N PRO D 328 -12.62 -15.04 24.56
CA PRO D 328 -11.55 -15.00 23.55
C PRO D 328 -10.15 -15.02 24.13
N LYS D 329 -9.89 -14.29 25.21
CA LYS D 329 -8.53 -14.20 25.75
C LYS D 329 -8.07 -15.55 26.29
N GLU D 330 -8.95 -16.28 26.97
CA GLU D 330 -8.63 -17.60 27.49
C GLU D 330 -8.73 -18.70 26.43
N ASN D 331 -9.21 -18.37 25.24
CA ASN D 331 -9.40 -19.34 24.15
C ASN D 331 -10.16 -20.56 24.64
N ILE D 332 -11.31 -20.31 25.27
CA ILE D 332 -12.12 -21.38 25.87
C ILE D 332 -13.59 -21.06 25.65
N GLY D 333 -14.39 -22.11 25.53
CA GLY D 333 -15.82 -21.96 25.35
C GLY D 333 -16.54 -23.18 25.90
N LEU D 334 -17.84 -22.99 26.18
CA LEU D 334 -18.67 -24.05 26.74
C LEU D 334 -20.04 -24.03 26.06
N VAL D 335 -20.59 -25.22 25.82
CA VAL D 335 -21.93 -25.39 25.27
C VAL D 335 -22.70 -26.34 26.17
N MET D 336 -23.93 -25.96 26.53
CA MET D 336 -24.85 -26.84 27.25
C MET D 336 -26.13 -27.01 26.45
N LEU D 337 -26.52 -28.25 26.23
CA LEU D 337 -27.78 -28.59 25.56
C LEU D 337 -28.57 -29.55 26.44
N THR D 338 -29.83 -29.20 26.71
CA THR D 338 -30.72 -30.09 27.46
C THR D 338 -32.03 -30.24 26.69
N ASN D 339 -32.60 -31.45 26.72
CA ASN D 339 -33.91 -31.68 26.14
C ASN D 339 -35.03 -31.51 27.16
N LYS D 340 -34.82 -30.61 28.13
CA LYS D 340 -35.86 -30.11 29.01
C LYS D 340 -35.42 -28.74 29.49
N ARG D 341 -36.37 -27.83 29.63
CA ARG D 341 -36.07 -26.47 30.05
C ARG D 341 -35.61 -26.46 31.51
N ILE D 342 -34.49 -25.81 31.77
CA ILE D 342 -34.05 -25.54 33.15
C ILE D 342 -33.79 -24.05 33.29
N PRO D 343 -33.85 -23.52 34.51
CA PRO D 343 -33.70 -22.07 34.70
C PRO D 343 -32.37 -21.56 34.15
N ASN D 344 -32.43 -20.39 33.51
CA ASN D 344 -31.23 -19.79 32.93
C ASN D 344 -30.15 -19.58 33.97
N GLU D 345 -30.54 -19.22 35.20
CA GLU D 345 -29.55 -18.98 36.25
C GLU D 345 -28.73 -20.24 36.55
N GLU D 346 -29.36 -21.41 36.48
CA GLU D 346 -28.64 -22.66 36.71
C GLU D 346 -27.64 -22.93 35.60
N ARG D 347 -28.00 -22.61 34.35
CA ARG D 347 -27.07 -22.80 33.24
C ARG D 347 -25.86 -21.89 33.38
N ILE D 348 -26.10 -20.63 33.76
CA ILE D 348 -25.01 -19.68 33.89
C ILE D 348 -24.12 -20.03 35.08
N LYS D 349 -24.72 -20.44 36.19
CA LYS D 349 -23.93 -20.79 37.38
C LYS D 349 -23.04 -21.99 37.12
N ALA D 350 -23.60 -23.05 36.53
CA ALA D 350 -22.82 -24.25 36.27
C ALA D 350 -21.67 -23.97 35.31
N ALA D 351 -21.93 -23.21 34.24
CA ALA D 351 -20.87 -22.88 33.30
C ALA D 351 -19.83 -21.97 33.94
N TYR D 352 -20.27 -21.03 34.79
CA TYR D 352 -19.32 -20.16 35.47
C TYR D 352 -18.42 -20.96 36.40
N ALA D 353 -18.98 -21.93 37.13
CA ALA D 353 -18.17 -22.75 38.03
C ALA D 353 -17.19 -23.61 37.25
N VAL D 354 -17.60 -24.13 36.09
CA VAL D 354 -16.72 -25.02 35.31
C VAL D 354 -15.59 -24.22 34.68
N LEU D 355 -15.91 -23.09 34.05
CA LEU D 355 -14.88 -22.32 33.35
C LEU D 355 -13.85 -21.75 34.33
N ASN D 356 -14.30 -21.25 35.48
CA ASN D 356 -13.38 -20.67 36.45
C ASN D 356 -12.53 -21.72 37.15
N ALA D 357 -12.94 -22.99 37.13
CA ALA D 357 -12.16 -24.05 37.75
C ALA D 357 -11.09 -24.61 36.83
N ILE D 358 -11.20 -24.37 35.52
CA ILE D 358 -10.17 -24.83 34.59
C ILE D 358 -8.99 -23.87 34.57
N LYS D 359 -9.21 -22.60 34.90
CA LYS D 359 -8.16 -21.57 34.95
C LYS D 359 -7.44 -21.43 33.61
#